data_2YGX
#
_entry.id   2YGX
#
_cell.length_a   57.150
_cell.length_b   161.980
_cell.length_c   100.110
_cell.angle_alpha   90.00
_cell.angle_beta   89.99
_cell.angle_gamma   90.00
#
_symmetry.space_group_name_H-M   'P 1 21 1'
#
loop_
_entity.id
_entity.type
_entity.pdbx_description
1 polymer 'P-450-LIKE PROTEIN'
2 non-polymer 'PROTOPORPHYRIN IX CONTAINING FE'
3 non-polymer GLYCEROL
4 non-polymer 'SUCCINIC ACID'
5 water water
#
_entity_poly.entity_id   1
_entity_poly.type   'polypeptide(L)'
_entity_poly.pdbx_seq_one_letter_code
;MGSSHHHHHHSSGLVPRGSHMTSAEPRAYPFNDVHGLTLAGRYGELQETEPVSRVRPPYGEEAWLVTRYEDVRAVLGDGR
FVRGPSMTRDEPRTRPEMVKGGLLSMDPPEHSRLRRLVVKAFTARRAESLRPRAREIAHELVDQMAATGQPADLVAMFAR
QLPVRVICELLGVPSADHDRFTRWSGAFLSTAEVTAEEMQEAAEQAYAYMGDLIDRRRKEPTDDLVSALVQARDQQDSLS
EQELLDLAIGLLVAGYESTTTQIADFVYLLMTRPELRRQLLDRPELIPSAVEELTRWVPLGVGTAFPRYAVEDVTLRGVT
IRAGEPVLASTGAANRDQAQFPDADRIDVDRTPNQHLGFGHGVHHCLGAPLARVELQVALEVLLQRLPGIRLGIPETQLR
WSEGMLLRGPLELPVVW
;
_entity_poly.pdbx_strand_id   A,B,C,D
#
# COMPACT_ATOMS: atom_id res chain seq x y z
N GLU A 25 11.06 -23.83 -16.90
CA GLU A 25 9.96 -23.62 -17.88
C GLU A 25 9.71 -22.13 -18.30
N PRO A 26 10.22 -21.16 -17.53
CA PRO A 26 10.22 -19.80 -18.10
C PRO A 26 11.31 -19.68 -19.15
N ARG A 27 11.02 -19.00 -20.25
CA ARG A 27 12.02 -18.79 -21.26
C ARG A 27 12.97 -17.63 -20.88
N ALA A 28 14.24 -17.83 -21.16
CA ALA A 28 15.22 -16.78 -21.00
C ALA A 28 14.76 -15.64 -21.88
N TYR A 29 14.78 -14.45 -21.31
CA TYR A 29 14.39 -13.29 -22.04
C TYR A 29 15.54 -12.31 -21.87
N PRO A 30 15.73 -11.35 -22.81
CA PRO A 30 14.99 -10.95 -24.00
C PRO A 30 15.18 -11.95 -25.12
N PHE A 31 14.38 -11.82 -26.18
CA PHE A 31 14.44 -12.76 -27.28
C PHE A 31 15.16 -12.09 -28.43
N ASN A 32 15.14 -10.76 -28.46
CA ASN A 32 15.69 -9.98 -29.57
C ASN A 32 17.22 -10.03 -29.56
N ASP A 33 17.81 -10.21 -30.73
CA ASP A 33 19.21 -10.02 -30.90
C ASP A 33 19.44 -8.50 -30.98
N VAL A 34 20.31 -7.98 -30.13
CA VAL A 34 20.65 -6.58 -30.19
C VAL A 34 21.39 -6.18 -31.49
N HIS A 35 21.96 -7.16 -32.18
CA HIS A 35 22.76 -6.86 -33.39
C HIS A 35 21.92 -6.62 -34.66
N GLY A 36 21.03 -5.63 -34.62
CA GLY A 36 20.06 -5.40 -35.70
C GLY A 36 18.67 -5.11 -35.15
N LEU A 37 17.71 -4.91 -36.06
CA LEU A 37 16.30 -4.58 -35.71
C LEU A 37 15.34 -5.73 -35.96
N THR A 38 15.86 -6.93 -36.08
CA THR A 38 15.01 -8.08 -36.31
C THR A 38 14.11 -8.32 -35.11
N LEU A 39 12.83 -8.60 -35.34
CA LEU A 39 11.92 -8.99 -34.28
C LEU A 39 12.07 -10.47 -34.12
N ALA A 40 12.37 -10.96 -32.92
CA ALA A 40 12.60 -12.40 -32.72
C ALA A 40 11.38 -13.16 -33.10
N GLY A 41 11.61 -14.39 -33.58
CA GLY A 41 10.55 -15.31 -34.02
C GLY A 41 9.78 -15.93 -32.84
N ARG A 42 10.42 -16.02 -31.68
CA ARG A 42 9.74 -16.45 -30.50
C ARG A 42 8.41 -15.66 -30.27
N TYR A 43 8.42 -14.40 -30.65
CA TYR A 43 7.32 -13.53 -30.34
C TYR A 43 6.07 -13.96 -31.09
N GLY A 44 6.23 -14.15 -32.40
CA GLY A 44 5.11 -14.56 -33.25
C GLY A 44 4.60 -15.91 -32.78
N GLU A 45 5.54 -16.81 -32.48
CA GLU A 45 5.24 -18.14 -32.02
C GLU A 45 4.41 -18.11 -30.74
N LEU A 46 4.78 -17.27 -29.79
CA LEU A 46 4.04 -17.11 -28.53
C LEU A 46 2.70 -16.40 -28.73
N GLN A 47 2.61 -15.51 -29.72
CA GLN A 47 1.30 -14.92 -30.02
C GLN A 47 0.29 -15.97 -30.41
N GLU A 48 0.73 -17.00 -31.12
CA GLU A 48 -0.10 -18.15 -31.48
C GLU A 48 -0.44 -19.06 -30.31
N THR A 49 0.58 -19.50 -29.57
CA THR A 49 0.42 -20.70 -28.73
C THR A 49 0.48 -20.41 -27.26
N GLU A 50 1.09 -19.28 -26.89
CA GLU A 50 1.20 -18.90 -25.51
C GLU A 50 1.27 -17.38 -25.36
N PRO A 51 0.13 -16.69 -25.61
CA PRO A 51 0.07 -15.24 -25.60
C PRO A 51 0.35 -14.60 -24.23
N VAL A 52 0.26 -15.36 -23.13
CA VAL A 52 0.64 -14.90 -21.77
C VAL A 52 1.58 -15.99 -21.24
N SER A 53 2.86 -15.67 -21.15
CA SER A 53 3.88 -16.66 -20.96
C SER A 53 4.92 -16.21 -19.96
N ARG A 54 5.74 -17.13 -19.47
CA ARG A 54 6.69 -16.82 -18.43
C ARG A 54 8.08 -16.57 -19.00
N VAL A 55 8.72 -15.55 -18.47
CA VAL A 55 10.07 -15.26 -18.85
C VAL A 55 10.94 -14.96 -17.65
N ARG A 56 12.23 -15.21 -17.82
CA ARG A 56 13.27 -14.90 -16.85
C ARG A 56 14.16 -13.87 -17.53
N PRO A 57 14.19 -12.62 -17.02
CA PRO A 57 15.13 -11.68 -17.63
C PRO A 57 16.49 -11.84 -16.99
N PRO A 58 17.53 -11.21 -17.57
CA PRO A 58 18.87 -11.29 -16.97
C PRO A 58 18.91 -10.69 -15.57
N TYR A 59 18.06 -9.70 -15.28
CA TYR A 59 18.02 -9.14 -13.93
C TYR A 59 16.62 -8.92 -13.44
N GLY A 60 16.48 -9.02 -12.12
CA GLY A 60 15.19 -8.83 -11.50
C GLY A 60 14.29 -10.05 -11.66
N GLU A 61 13.00 -9.84 -11.40
CA GLU A 61 12.07 -10.95 -11.17
C GLU A 61 11.66 -11.71 -12.43
N GLU A 62 11.35 -12.98 -12.27
CA GLU A 62 10.71 -13.64 -13.39
C GLU A 62 9.37 -12.94 -13.54
N ALA A 63 8.83 -12.98 -14.75
CA ALA A 63 7.71 -12.12 -15.14
C ALA A 63 6.79 -12.76 -16.18
N TRP A 64 5.57 -12.21 -16.27
CA TRP A 64 4.65 -12.57 -17.38
C TRP A 64 4.98 -11.71 -18.58
N LEU A 65 4.84 -12.28 -19.75
CA LEU A 65 5.18 -11.57 -20.96
C LEU A 65 3.92 -11.72 -21.76
N VAL A 66 3.42 -10.58 -22.26
CA VAL A 66 2.14 -10.46 -23.00
C VAL A 66 2.49 -9.96 -24.39
N THR A 67 2.01 -10.64 -25.42
CA THR A 67 2.52 -10.35 -26.76
C THR A 67 1.48 -9.97 -27.83
N ARG A 68 0.20 -10.28 -27.58
CA ARG A 68 -0.83 -9.91 -28.58
C ARG A 68 -1.16 -8.43 -28.54
N TYR A 69 -1.32 -7.82 -29.70
CA TYR A 69 -1.71 -6.40 -29.74
C TYR A 69 -2.90 -6.12 -28.78
N GLU A 70 -3.93 -6.93 -28.87
CA GLU A 70 -5.07 -6.73 -28.04
C GLU A 70 -4.77 -6.78 -26.53
N ASP A 71 -3.93 -7.72 -26.12
CA ASP A 71 -3.71 -7.94 -24.72
C ASP A 71 -2.75 -6.89 -24.13
N VAL A 72 -1.71 -6.55 -24.88
CA VAL A 72 -0.80 -5.49 -24.56
C VAL A 72 -1.53 -4.15 -24.41
N ARG A 73 -2.47 -3.88 -25.31
CA ARG A 73 -3.24 -2.64 -25.24
C ARG A 73 -4.08 -2.76 -23.96
N ALA A 74 -4.67 -3.93 -23.73
CA ALA A 74 -5.52 -4.12 -22.55
C ALA A 74 -4.73 -3.84 -21.28
N VAL A 75 -3.54 -4.44 -21.17
CA VAL A 75 -2.68 -4.23 -20.02
C VAL A 75 -2.30 -2.77 -19.74
N LEU A 76 -1.87 -2.05 -20.78
CA LEU A 76 -1.42 -0.68 -20.64
C LEU A 76 -2.60 0.22 -20.27
N GLY A 77 -3.82 -0.19 -20.61
CA GLY A 77 -4.98 0.65 -20.35
C GLY A 77 -5.92 0.25 -19.22
N ASP A 78 -5.46 -0.59 -18.31
CA ASP A 78 -6.32 -1.21 -17.32
C ASP A 78 -5.93 -0.67 -15.98
N GLY A 79 -6.91 -0.25 -15.21
CA GLY A 79 -6.66 0.38 -13.93
C GLY A 79 -6.04 -0.54 -12.92
N ARG A 80 -6.05 -1.82 -13.25
CA ARG A 80 -5.57 -2.83 -12.36
C ARG A 80 -4.05 -3.10 -12.50
N PHE A 81 -3.41 -2.50 -13.49
CA PHE A 81 -1.98 -2.70 -13.69
C PHE A 81 -1.24 -1.40 -13.43
N VAL A 82 -0.36 -1.45 -12.45
CA VAL A 82 0.18 -0.20 -11.94
C VAL A 82 1.70 -0.14 -12.10
N ARG A 83 2.24 1.05 -11.88
CA ARG A 83 3.66 1.29 -11.98
C ARG A 83 4.29 1.64 -10.64
N GLY A 84 3.46 2.08 -9.69
CA GLY A 84 3.93 2.51 -8.39
C GLY A 84 4.83 1.54 -7.65
N PRO A 85 4.56 0.20 -7.70
CA PRO A 85 5.50 -0.74 -7.05
C PRO A 85 6.91 -0.76 -7.68
N SER A 86 7.09 -0.16 -8.84
CA SER A 86 8.45 -0.10 -9.40
C SER A 86 9.46 0.45 -8.40
N MET A 87 9.04 1.41 -7.57
CA MET A 87 9.94 2.02 -6.59
C MET A 87 10.44 1.09 -5.48
N THR A 88 9.84 -0.09 -5.36
CA THR A 88 10.09 -0.93 -4.22
C THR A 88 10.12 -2.41 -4.63
N ARG A 89 10.41 -2.66 -5.90
CA ARG A 89 10.50 -4.04 -6.38
C ARG A 89 11.67 -4.14 -7.31
N ASP A 90 12.21 -5.36 -7.42
CA ASP A 90 13.34 -5.66 -8.28
C ASP A 90 12.84 -5.97 -9.69
N GLU A 91 12.70 -4.91 -10.51
CA GLU A 91 12.01 -5.00 -11.80
C GLU A 91 12.76 -5.88 -12.79
N PRO A 92 12.00 -6.71 -13.54
CA PRO A 92 12.58 -7.46 -14.67
C PRO A 92 13.16 -6.46 -15.64
N ARG A 93 14.42 -6.63 -16.03
CA ARG A 93 15.14 -5.66 -16.84
C ARG A 93 16.38 -6.29 -17.43
N THR A 94 16.94 -5.66 -18.46
CA THR A 94 18.07 -6.21 -19.21
C THR A 94 19.40 -5.66 -18.74
N ARG A 95 19.34 -4.59 -17.96
CA ARG A 95 20.52 -3.93 -17.35
C ARG A 95 20.64 -4.31 -15.89
N PRO A 96 21.81 -4.05 -15.27
CA PRO A 96 21.85 -4.19 -13.80
C PRO A 96 21.41 -2.92 -13.05
N GLU A 97 21.87 -1.77 -13.51
CA GLU A 97 21.64 -0.52 -12.78
C GLU A 97 20.45 0.19 -13.36
N MET A 98 19.48 0.39 -12.47
CA MET A 98 18.11 0.79 -12.76
C MET A 98 17.94 2.29 -12.46
N VAL A 99 17.35 3.05 -13.39
CA VAL A 99 16.91 4.42 -13.07
C VAL A 99 15.47 4.31 -12.60
N LYS A 100 15.17 4.74 -11.37
CA LYS A 100 13.77 4.84 -10.96
C LYS A 100 13.26 6.28 -10.76
N GLY A 101 11.93 6.40 -10.76
CA GLY A 101 11.24 7.66 -10.55
C GLY A 101 10.74 8.28 -11.84
N GLY A 102 10.35 9.53 -11.74
CA GLY A 102 9.63 10.13 -12.84
C GLY A 102 8.17 9.71 -12.94
N LEU A 103 7.53 10.26 -13.97
CA LEU A 103 6.17 10.04 -14.23
C LEU A 103 5.86 8.57 -14.48
N LEU A 104 6.75 7.88 -15.21
CA LEU A 104 6.59 6.44 -15.49
C LEU A 104 6.59 5.61 -14.22
N SER A 105 6.87 6.25 -13.08
CA SER A 105 6.89 5.50 -11.84
C SER A 105 5.61 5.67 -10.99
N MET A 106 4.72 6.55 -11.42
CA MET A 106 3.54 6.95 -10.65
C MET A 106 2.17 6.38 -11.13
N ASP A 107 1.24 6.21 -10.19
CA ASP A 107 -0.16 5.91 -10.51
C ASP A 107 -1.13 7.09 -10.31
N PRO A 108 -2.29 7.02 -10.99
CA PRO A 108 -3.38 7.95 -10.65
C PRO A 108 -3.66 7.76 -9.16
N PRO A 109 -4.05 8.83 -8.42
CA PRO A 109 -4.25 10.22 -8.82
C PRO A 109 -2.98 11.09 -8.88
N GLU A 110 -1.90 10.72 -8.17
CA GLU A 110 -0.66 11.52 -8.11
C GLU A 110 -0.10 11.74 -9.49
N HIS A 111 -0.21 10.75 -10.36
CA HIS A 111 0.32 10.88 -11.71
C HIS A 111 -0.49 11.86 -12.50
N SER A 112 -1.80 11.76 -12.33
CA SER A 112 -2.78 12.50 -13.12
C SER A 112 -2.48 13.97 -12.90
N ARG A 113 -2.19 14.33 -11.65
CA ARG A 113 -2.03 15.70 -11.26
C ARG A 113 -0.85 16.28 -12.02
N LEU A 114 0.30 15.61 -11.91
CA LEU A 114 1.51 16.04 -12.56
C LEU A 114 1.34 16.04 -14.06
N ARG A 115 0.75 15.00 -14.60
CA ARG A 115 0.56 14.94 -16.04
C ARG A 115 -0.34 16.06 -16.62
N ARG A 116 -1.43 16.39 -15.90
CA ARG A 116 -2.37 17.49 -16.24
C ARG A 116 -1.59 18.82 -16.42
N LEU A 117 -0.80 19.15 -15.39
CA LEU A 117 0.01 20.37 -15.36
C LEU A 117 1.07 20.43 -16.48
N VAL A 118 1.80 19.35 -16.68
CA VAL A 118 2.76 19.29 -17.77
C VAL A 118 2.13 19.48 -19.17
N VAL A 119 1.03 18.79 -19.45
CA VAL A 119 0.52 18.87 -20.81
C VAL A 119 -0.21 20.15 -21.09
N LYS A 120 -0.51 20.91 -20.04
CA LYS A 120 -1.08 22.25 -20.18
C LYS A 120 -0.03 23.20 -20.79
N ALA A 121 1.22 23.08 -20.35
CA ALA A 121 2.34 23.82 -20.92
C ALA A 121 2.80 23.20 -22.24
N PHE A 122 2.87 21.88 -22.25
CA PHE A 122 3.57 21.17 -23.32
C PHE A 122 2.55 20.75 -24.36
N THR A 123 2.07 21.71 -25.12
CA THR A 123 0.95 21.45 -26.02
C THR A 123 1.42 20.87 -27.36
N ALA A 124 0.48 20.32 -28.11
CA ALA A 124 0.75 19.94 -29.51
C ALA A 124 1.20 21.15 -30.32
N ARG A 125 0.56 22.30 -30.08
CA ARG A 125 0.94 23.55 -30.75
C ARG A 125 2.39 23.93 -30.43
N ARG A 126 2.77 23.95 -29.14
CA ARG A 126 4.17 24.20 -28.80
C ARG A 126 5.08 23.25 -29.53
N ALA A 127 4.74 21.96 -29.56
CA ALA A 127 5.55 21.01 -30.31
C ALA A 127 5.71 21.47 -31.74
N GLU A 128 4.60 21.84 -32.38
CA GLU A 128 4.63 22.22 -33.79
C GLU A 128 5.47 23.49 -33.99
N SER A 129 5.42 24.41 -33.02
CA SER A 129 6.06 25.70 -33.24
C SER A 129 7.58 25.58 -33.37
N LEU A 130 8.15 24.51 -32.80
CA LEU A 130 9.57 24.19 -32.90
C LEU A 130 10.00 23.58 -34.22
N ARG A 131 9.08 23.27 -35.11
CA ARG A 131 9.51 22.67 -36.38
C ARG A 131 10.64 23.48 -37.10
N PRO A 132 10.45 24.83 -37.27
CA PRO A 132 11.49 25.60 -38.00
C PRO A 132 12.88 25.49 -37.40
N ARG A 133 13.00 25.56 -36.07
CA ARG A 133 14.32 25.51 -35.41
C ARG A 133 14.94 24.14 -35.54
N ALA A 134 14.10 23.10 -35.44
CA ALA A 134 14.51 21.73 -35.67
C ALA A 134 15.08 21.56 -37.08
N ARG A 135 14.48 22.22 -38.06
CA ARG A 135 15.06 22.21 -39.40
C ARG A 135 16.38 22.95 -39.47
N GLU A 136 16.48 24.10 -38.80
CA GLU A 136 17.74 24.84 -38.84
C GLU A 136 18.80 24.00 -38.20
N ILE A 137 18.50 23.48 -37.02
CA ILE A 137 19.45 22.66 -36.33
C ILE A 137 19.87 21.48 -37.21
N ALA A 138 18.92 20.71 -37.73
CA ALA A 138 19.33 19.52 -38.53
C ALA A 138 20.31 19.92 -39.66
N HIS A 139 19.96 20.98 -40.40
CA HIS A 139 20.76 21.55 -41.49
C HIS A 139 22.20 21.88 -41.04
N GLU A 140 22.34 22.52 -39.88
CA GLU A 140 23.65 22.90 -39.36
C GLU A 140 24.39 21.61 -39.07
N LEU A 141 23.72 20.67 -38.41
CA LEU A 141 24.34 19.38 -38.15
C LEU A 141 24.84 18.68 -39.43
N VAL A 142 24.02 18.69 -40.49
CA VAL A 142 24.43 18.13 -41.79
C VAL A 142 25.62 18.93 -42.36
N ASP A 143 25.66 20.26 -42.11
CA ASP A 143 26.81 21.11 -42.49
C ASP A 143 28.12 20.68 -41.84
N GLN A 144 28.08 20.38 -40.54
CA GLN A 144 29.27 20.02 -39.79
C GLN A 144 29.75 18.62 -40.19
N MET A 145 28.79 17.75 -40.44
CA MET A 145 29.07 16.40 -40.90
C MET A 145 29.73 16.44 -42.30
N ALA A 146 29.15 17.19 -43.24
CA ALA A 146 29.72 17.33 -44.57
C ALA A 146 31.18 17.81 -44.48
N ALA A 147 31.41 18.83 -43.67
CA ALA A 147 32.75 19.34 -43.40
C ALA A 147 33.83 18.33 -42.97
N THR A 148 33.48 17.22 -42.30
CA THR A 148 34.50 16.24 -41.83
C THR A 148 35.01 15.37 -42.98
N GLY A 149 34.27 15.33 -44.08
CA GLY A 149 34.57 14.47 -45.23
C GLY A 149 33.90 13.12 -45.12
N GLN A 150 33.75 12.44 -46.26
CA GLN A 150 33.15 11.09 -46.33
C GLN A 150 34.19 9.98 -46.10
N PRO A 151 33.87 8.96 -45.28
CA PRO A 151 32.63 8.68 -44.53
C PRO A 151 32.53 9.55 -43.30
N ALA A 152 31.31 9.71 -42.80
CA ALA A 152 31.02 10.54 -41.64
C ALA A 152 30.09 9.76 -40.74
N ASP A 153 30.33 9.78 -39.44
CA ASP A 153 29.45 9.05 -38.54
C ASP A 153 28.13 9.80 -38.29
N LEU A 154 27.06 9.36 -38.97
CA LEU A 154 25.72 9.94 -38.79
C LEU A 154 25.18 9.72 -37.37
N VAL A 155 25.66 8.71 -36.67
CA VAL A 155 25.24 8.54 -35.27
C VAL A 155 25.70 9.76 -34.43
N ALA A 156 27.01 9.89 -34.26
CA ALA A 156 27.64 10.91 -33.43
C ALA A 156 27.40 12.31 -33.96
N MET A 157 27.24 12.47 -35.26
CA MET A 157 27.21 13.85 -35.75
C MET A 157 25.83 14.42 -35.97
N PHE A 158 24.82 13.57 -35.89
CA PHE A 158 23.47 14.00 -36.19
C PHE A 158 22.48 13.37 -35.22
N ALA A 159 22.38 12.04 -35.23
CA ALA A 159 21.45 11.37 -34.36
C ALA A 159 21.60 11.80 -32.89
N ARG A 160 22.77 11.64 -32.29
CA ARG A 160 22.99 12.03 -30.89
C ARG A 160 23.04 13.56 -30.70
N GLN A 161 22.85 14.31 -31.77
CA GLN A 161 22.93 15.73 -31.63
C GLN A 161 21.57 16.39 -31.67
N LEU A 162 20.79 16.09 -32.69
CA LEU A 162 19.51 16.79 -32.91
C LEU A 162 18.52 16.77 -31.71
N PRO A 163 18.20 15.58 -31.15
CA PRO A 163 17.16 15.63 -30.11
C PRO A 163 17.54 16.40 -28.84
N VAL A 164 18.78 16.31 -28.39
CA VAL A 164 19.15 17.04 -27.18
C VAL A 164 19.10 18.55 -27.42
N ARG A 165 19.50 18.94 -28.62
CA ARG A 165 19.41 20.34 -28.98
C ARG A 165 18.02 20.86 -29.14
N VAL A 166 17.11 20.05 -29.68
CA VAL A 166 15.68 20.40 -29.75
C VAL A 166 15.07 20.48 -28.34
N ILE A 167 15.59 19.63 -27.44
CA ILE A 167 15.13 19.70 -26.07
C ILE A 167 15.56 21.00 -25.40
N CYS A 168 16.79 21.43 -25.68
CA CYS A 168 17.28 22.72 -25.28
C CYS A 168 16.38 23.83 -25.80
N GLU A 169 15.96 23.79 -27.07
CA GLU A 169 15.08 24.85 -27.54
C GLU A 169 13.78 24.80 -26.75
N LEU A 170 13.10 23.66 -26.83
CA LEU A 170 11.85 23.46 -26.11
C LEU A 170 11.85 24.07 -24.72
N LEU A 171 12.89 23.73 -23.95
CA LEU A 171 12.94 24.17 -22.57
C LEU A 171 13.22 25.69 -22.44
N GLY A 172 14.07 26.21 -23.32
CA GLY A 172 14.48 27.61 -23.24
C GLY A 172 15.87 27.82 -22.68
N VAL A 173 16.72 26.83 -22.85
CA VAL A 173 18.11 26.99 -22.56
C VAL A 173 18.69 27.96 -23.60
N PRO A 174 19.41 29.01 -23.13
CA PRO A 174 20.03 29.91 -24.11
C PRO A 174 21.00 29.14 -24.96
N SER A 175 21.00 29.49 -26.24
CA SER A 175 21.91 28.93 -27.20
C SER A 175 23.37 28.96 -26.79
N ALA A 176 23.85 30.03 -26.18
CA ALA A 176 25.25 30.00 -25.71
C ALA A 176 25.52 28.73 -24.91
N ASP A 177 24.46 28.11 -24.38
CA ASP A 177 24.64 27.05 -23.41
C ASP A 177 24.42 25.65 -23.99
N HIS A 178 23.97 25.56 -25.24
CA HIS A 178 23.61 24.27 -25.84
C HIS A 178 24.77 23.27 -25.81
N ASP A 179 25.98 23.72 -26.11
CA ASP A 179 27.15 22.80 -26.17
C ASP A 179 27.51 22.13 -24.83
N ARG A 180 27.76 22.93 -23.81
CA ARG A 180 27.95 22.46 -22.42
C ARG A 180 26.79 21.52 -22.01
N PHE A 181 25.55 21.93 -22.27
CA PHE A 181 24.39 21.15 -21.86
C PHE A 181 24.26 19.82 -22.60
N THR A 182 24.45 19.87 -23.91
CA THR A 182 24.52 18.68 -24.76
C THR A 182 25.55 17.70 -24.22
N ARG A 183 26.71 18.23 -23.84
CA ARG A 183 27.82 17.44 -23.34
C ARG A 183 27.48 16.79 -21.97
N TRP A 184 26.62 17.42 -21.17
CA TRP A 184 26.24 16.84 -19.86
C TRP A 184 25.26 15.72 -20.10
N SER A 185 24.42 15.92 -21.10
CA SER A 185 23.35 14.98 -21.42
C SER A 185 23.93 13.66 -21.96
N GLY A 186 24.98 13.74 -22.77
CA GLY A 186 25.67 12.56 -23.31
C GLY A 186 26.05 11.51 -22.27
N ALA A 187 26.21 11.93 -21.02
CA ALA A 187 26.61 10.99 -19.97
C ALA A 187 25.41 10.17 -19.51
N PHE A 188 24.20 10.59 -19.90
CA PHE A 188 23.00 9.82 -19.51
C PHE A 188 22.54 8.76 -20.52
N LEU A 189 23.08 8.81 -21.74
CA LEU A 189 22.87 7.79 -22.77
C LEU A 189 23.33 6.42 -22.29
N SER A 190 22.59 5.37 -22.63
CA SER A 190 22.99 4.01 -22.19
C SER A 190 24.33 3.51 -22.86
N THR A 191 24.74 4.20 -23.90
CA THR A 191 25.90 3.84 -24.65
C THR A 191 27.13 4.66 -24.22
N ALA A 192 26.93 5.62 -23.30
CA ALA A 192 28.00 6.48 -22.80
C ALA A 192 29.09 5.65 -22.14
N GLU A 193 30.32 6.09 -22.37
CA GLU A 193 31.53 5.43 -21.93
C GLU A 193 32.06 6.20 -20.71
N VAL A 194 31.40 6.02 -19.56
CA VAL A 194 31.66 6.90 -18.42
C VAL A 194 31.67 6.20 -17.05
N THR A 195 32.39 6.82 -16.12
CA THR A 195 32.51 6.33 -14.74
C THR A 195 31.35 6.84 -13.87
N ALA A 196 31.11 6.21 -12.71
CA ALA A 196 30.03 6.69 -11.84
C ALA A 196 30.36 8.08 -11.33
N GLU A 197 31.66 8.36 -11.22
CA GLU A 197 32.17 9.64 -10.76
C GLU A 197 31.96 10.69 -11.85
N GLU A 198 32.29 10.30 -13.08
CA GLU A 198 32.11 11.12 -14.26
C GLU A 198 30.62 11.51 -14.41
N MET A 199 29.72 10.60 -14.02
CA MET A 199 28.29 10.70 -14.30
C MET A 199 27.50 11.52 -13.27
N GLN A 200 27.69 11.24 -11.98
CA GLN A 200 27.24 12.12 -10.90
C GLN A 200 27.59 13.58 -11.17
N GLU A 201 28.87 13.81 -11.48
CA GLU A 201 29.37 15.14 -11.85
C GLU A 201 28.50 15.82 -12.92
N ALA A 202 28.19 15.11 -14.00
CA ALA A 202 27.33 15.64 -15.05
C ALA A 202 25.89 15.86 -14.59
N ALA A 203 25.37 14.93 -13.78
CA ALA A 203 24.05 15.03 -13.18
C ALA A 203 23.94 16.28 -12.29
N GLU A 204 24.80 16.36 -11.27
CA GLU A 204 24.84 17.52 -10.37
C GLU A 204 24.87 18.81 -11.20
N GLN A 205 25.56 18.78 -12.32
CA GLN A 205 25.69 19.97 -13.18
C GLN A 205 24.43 20.36 -13.92
N ALA A 206 23.72 19.35 -14.42
CA ALA A 206 22.54 19.62 -15.21
C ALA A 206 21.43 20.04 -14.26
N TYR A 207 21.43 19.43 -13.07
CA TYR A 207 20.45 19.77 -12.06
C TYR A 207 20.63 21.21 -11.60
N ALA A 208 21.87 21.57 -11.27
CA ALA A 208 22.17 22.91 -10.77
C ALA A 208 21.78 23.93 -11.83
N TYR A 209 22.15 23.61 -13.05
CA TYR A 209 21.84 24.48 -14.16
C TYR A 209 20.31 24.59 -14.36
N MET A 210 19.60 23.46 -14.44
CA MET A 210 18.15 23.52 -14.67
C MET A 210 17.44 24.37 -13.58
N GLY A 211 17.85 24.15 -12.34
CA GLY A 211 17.32 24.88 -11.19
C GLY A 211 17.47 26.40 -11.33
N ASP A 212 18.70 26.86 -11.62
CA ASP A 212 18.93 28.28 -11.82
C ASP A 212 18.00 28.80 -12.88
N LEU A 213 17.87 28.05 -13.97
CA LEU A 213 17.10 28.50 -15.11
C LEU A 213 15.62 28.59 -14.74
N ILE A 214 15.15 27.60 -13.98
CA ILE A 214 13.78 27.62 -13.52
C ILE A 214 13.55 28.89 -12.67
N ASP A 215 14.39 29.13 -11.66
CA ASP A 215 14.37 30.37 -10.87
CA ASP A 215 14.31 30.38 -10.88
C ASP A 215 14.25 31.62 -11.80
N ARG A 216 15.20 31.77 -12.72
CA ARG A 216 15.21 32.92 -13.67
C ARG A 216 13.91 33.18 -14.43
N ARG A 217 13.23 32.11 -14.84
CA ARG A 217 12.04 32.23 -15.67
C ARG A 217 10.83 32.50 -14.80
N ARG A 218 10.91 32.10 -13.55
CA ARG A 218 9.85 32.42 -12.63
C ARG A 218 9.91 33.92 -12.30
N LYS A 219 11.11 34.45 -12.08
CA LYS A 219 11.28 35.88 -11.84
C LYS A 219 10.98 36.63 -13.12
N GLU A 220 11.32 36.08 -14.28
CA GLU A 220 11.20 36.84 -15.51
C GLU A 220 10.77 35.91 -16.67
N PRO A 221 9.45 35.66 -16.80
CA PRO A 221 8.91 34.66 -17.73
C PRO A 221 9.24 34.92 -19.20
N THR A 222 9.61 33.88 -19.97
CA THR A 222 9.71 34.00 -21.43
C THR A 222 8.62 33.14 -22.08
N ASP A 223 8.79 32.77 -23.35
CA ASP A 223 7.77 31.95 -24.02
C ASP A 223 8.13 30.45 -24.09
N ASP A 224 9.15 30.02 -23.32
CA ASP A 224 9.66 28.68 -23.41
C ASP A 224 8.93 27.70 -22.47
N LEU A 225 9.16 26.42 -22.65
CA LEU A 225 8.47 25.41 -21.86
C LEU A 225 8.67 25.57 -20.35
N VAL A 226 9.86 25.98 -19.95
CA VAL A 226 10.12 26.20 -18.55
C VAL A 226 9.19 27.25 -17.93
N SER A 227 8.99 28.34 -18.64
CA SER A 227 8.16 29.43 -18.17
C SER A 227 6.71 28.96 -18.03
N ALA A 228 6.22 28.29 -19.06
CA ALA A 228 4.86 27.79 -19.10
C ALA A 228 4.61 26.73 -18.01
N LEU A 229 5.60 25.89 -17.74
CA LEU A 229 5.58 24.98 -16.60
C LEU A 229 5.51 25.69 -15.23
N VAL A 230 6.34 26.70 -15.03
CA VAL A 230 6.24 27.53 -13.82
C VAL A 230 4.85 28.19 -13.67
N GLN A 231 4.29 28.69 -14.77
CA GLN A 231 3.04 29.40 -14.63
C GLN A 231 1.76 28.54 -14.87
N ALA A 232 1.91 27.22 -15.02
CA ALA A 232 0.76 26.35 -15.23
C ALA A 232 -0.06 26.15 -13.97
N ARG A 233 -1.37 26.37 -14.12
CA ARG A 233 -2.30 26.21 -13.02
C ARG A 233 -3.31 25.13 -13.40
N ASP A 234 -3.68 24.30 -12.45
CA ASP A 234 -4.83 23.43 -12.66
C ASP A 234 -5.65 23.57 -11.43
N GLN A 235 -6.56 24.55 -11.52
CA GLN A 235 -7.42 24.97 -10.43
C GLN A 235 -6.63 25.05 -9.15
N GLN A 236 -6.02 26.22 -8.90
CA GLN A 236 -5.35 26.54 -7.62
C GLN A 236 -4.04 25.76 -7.41
N ASP A 237 -3.97 24.54 -7.97
CA ASP A 237 -2.81 23.65 -7.88
C ASP A 237 -1.75 24.07 -8.89
N SER A 238 -0.49 23.89 -8.50
CA SER A 238 0.67 24.21 -9.36
C SER A 238 1.86 23.29 -9.05
N LEU A 239 2.84 23.30 -9.95
CA LEU A 239 4.04 22.49 -9.78
C LEU A 239 4.95 23.10 -8.74
N SER A 240 5.49 22.29 -7.85
CA SER A 240 6.43 22.76 -6.83
C SER A 240 7.82 22.99 -7.49
N GLU A 241 8.72 23.64 -6.75
CA GLU A 241 10.07 23.79 -7.23
C GLU A 241 10.73 22.42 -7.45
N GLN A 242 10.41 21.42 -6.65
CA GLN A 242 11.01 20.12 -6.87
C GLN A 242 10.36 19.48 -8.10
N GLU A 243 9.04 19.44 -8.15
CA GLU A 243 8.40 18.87 -9.34
C GLU A 243 8.85 19.51 -10.67
N LEU A 244 9.02 20.84 -10.69
CA LEU A 244 9.53 21.54 -11.90
C LEU A 244 10.91 21.07 -12.33
N LEU A 245 11.80 20.84 -11.37
CA LEU A 245 13.14 20.38 -11.69
C LEU A 245 13.15 18.95 -12.27
N ASP A 246 12.62 18.00 -11.48
CA ASP A 246 12.46 16.61 -11.87
C ASP A 246 11.75 16.46 -13.20
N LEU A 247 10.78 17.32 -13.47
CA LEU A 247 10.07 17.25 -14.73
C LEU A 247 10.93 17.70 -15.87
N ALA A 248 11.58 18.87 -15.75
CA ALA A 248 12.46 19.33 -16.82
C ALA A 248 13.51 18.28 -17.14
N ILE A 249 14.20 17.76 -16.13
CA ILE A 249 15.19 16.70 -16.36
C ILE A 249 14.55 15.41 -16.94
N GLY A 250 13.36 15.07 -16.45
CA GLY A 250 12.68 13.86 -16.88
C GLY A 250 12.40 13.88 -18.37
N LEU A 251 11.94 15.04 -18.87
CA LEU A 251 11.75 15.25 -20.30
C LEU A 251 13.05 15.09 -21.12
N LEU A 252 14.15 15.61 -20.61
CA LEU A 252 15.39 15.40 -21.33
C LEU A 252 15.76 13.90 -21.35
N VAL A 253 15.61 13.18 -20.25
CA VAL A 253 16.00 11.79 -20.37
C VAL A 253 14.97 11.00 -21.23
N ALA A 254 13.71 11.35 -21.09
CA ALA A 254 12.67 10.66 -21.86
C ALA A 254 12.78 10.95 -23.33
N GLY A 255 13.38 12.08 -23.65
CA GLY A 255 13.23 12.62 -24.97
C GLY A 255 14.48 12.51 -25.78
N TYR A 256 15.58 12.17 -25.11
CA TYR A 256 16.91 12.15 -25.77
C TYR A 256 17.19 10.79 -26.34
N GLU A 257 17.52 9.82 -25.49
CA GLU A 257 18.02 8.59 -26.04
C GLU A 257 17.07 7.99 -27.09
N SER A 258 15.79 7.93 -26.75
CA SER A 258 14.74 7.34 -27.57
C SER A 258 14.71 7.93 -28.97
N THR A 259 14.60 9.25 -29.06
CA THR A 259 14.53 9.97 -30.37
C THR A 259 15.85 9.85 -31.16
N THR A 260 16.97 9.82 -30.45
CA THR A 260 18.28 9.63 -31.12
C THR A 260 18.34 8.24 -31.76
N THR A 261 17.93 7.23 -30.99
CA THR A 261 18.08 5.90 -31.46
C THR A 261 17.08 5.68 -32.57
N GLN A 262 15.98 6.42 -32.53
CA GLN A 262 14.95 6.18 -33.51
C GLN A 262 15.30 6.88 -34.82
N ILE A 263 15.94 8.03 -34.74
CA ILE A 263 16.49 8.64 -35.95
C ILE A 263 17.51 7.68 -36.60
N ALA A 264 18.40 7.14 -35.80
CA ALA A 264 19.41 6.25 -36.36
C ALA A 264 18.80 5.04 -37.13
N ASP A 265 18.10 4.19 -36.38
CA ASP A 265 17.29 3.12 -36.94
C ASP A 265 16.50 3.49 -38.19
N PHE A 266 15.72 4.58 -38.16
CA PHE A 266 14.97 5.02 -39.37
C PHE A 266 15.95 5.27 -40.55
N VAL A 267 17.07 5.93 -40.32
CA VAL A 267 17.91 6.21 -41.50
C VAL A 267 18.64 4.96 -41.98
N TYR A 268 18.97 4.08 -41.04
CA TYR A 268 19.46 2.77 -41.38
C TYR A 268 18.50 2.14 -42.37
N LEU A 269 17.22 2.11 -42.00
CA LEU A 269 16.19 1.53 -42.85
C LEU A 269 16.13 2.19 -44.21
N LEU A 270 16.16 3.52 -44.22
CA LEU A 270 16.13 4.32 -45.45
C LEU A 270 17.24 3.97 -46.44
N MET A 271 18.42 3.72 -45.90
CA MET A 271 19.64 3.50 -46.68
C MET A 271 19.74 2.06 -47.13
N THR A 272 19.00 1.16 -46.48
CA THR A 272 19.12 -0.24 -46.84
C THR A 272 17.94 -0.74 -47.65
N ARG A 273 16.94 0.11 -47.84
CA ARG A 273 15.72 -0.23 -48.56
C ARG A 273 15.31 0.77 -49.65
N PRO A 274 15.82 0.55 -50.88
CA PRO A 274 15.70 1.44 -52.02
C PRO A 274 14.29 1.99 -52.21
N GLU A 275 13.28 1.11 -52.12
CA GLU A 275 11.87 1.53 -52.27
C GLU A 275 11.46 2.55 -51.24
N LEU A 276 11.84 2.31 -50.00
CA LEU A 276 11.60 3.28 -48.94
C LEU A 276 12.18 4.67 -49.26
N ARG A 277 13.43 4.70 -49.73
CA ARG A 277 14.06 5.96 -50.09
C ARG A 277 13.41 6.63 -51.32
N ARG A 278 12.97 5.82 -52.29
CA ARG A 278 12.43 6.35 -53.52
C ARG A 278 11.09 7.01 -53.29
N GLN A 279 10.23 6.37 -52.50
CA GLN A 279 8.92 6.94 -52.19
C GLN A 279 9.01 8.25 -51.40
N LEU A 280 9.92 8.34 -50.44
CA LEU A 280 10.01 9.57 -49.66
C LEU A 280 10.63 10.74 -50.46
N LEU A 281 11.59 10.46 -51.35
CA LEU A 281 12.09 11.43 -52.32
C LEU A 281 11.03 11.88 -53.31
N ASP A 282 10.30 10.94 -53.90
CA ASP A 282 9.26 11.31 -54.88
C ASP A 282 8.14 12.10 -54.22
N ARG A 283 7.71 11.68 -53.01
CA ARG A 283 6.58 12.32 -52.32
C ARG A 283 6.90 12.62 -50.84
N PRO A 284 7.61 13.74 -50.59
CA PRO A 284 8.07 14.07 -49.23
C PRO A 284 6.91 14.26 -48.28
N GLU A 285 5.71 14.39 -48.81
CA GLU A 285 4.54 14.53 -47.97
C GLU A 285 4.10 13.19 -47.40
N LEU A 286 4.81 12.12 -47.75
CA LEU A 286 4.54 10.81 -47.19
C LEU A 286 5.35 10.60 -45.93
N ILE A 287 6.32 11.48 -45.68
CA ILE A 287 7.21 11.38 -44.54
C ILE A 287 6.50 11.21 -43.18
N PRO A 288 5.50 12.08 -42.89
CA PRO A 288 4.76 11.91 -41.65
C PRO A 288 4.22 10.49 -41.47
N SER A 289 3.49 10.01 -42.46
CA SER A 289 2.84 8.71 -42.30
C SER A 289 3.85 7.56 -42.38
N ALA A 290 4.99 7.83 -43.01
CA ALA A 290 6.11 6.91 -42.94
C ALA A 290 6.71 6.85 -41.55
N VAL A 291 6.66 7.95 -40.83
CA VAL A 291 7.22 8.02 -39.47
C VAL A 291 6.34 7.15 -38.57
N GLU A 292 5.05 7.25 -38.80
CA GLU A 292 4.09 6.42 -38.11
C GLU A 292 4.41 4.95 -38.40
N GLU A 293 4.54 4.62 -39.69
CA GLU A 293 4.74 3.24 -40.08
C GLU A 293 6.04 2.67 -39.58
N LEU A 294 7.08 3.49 -39.51
CA LEU A 294 8.33 2.95 -39.05
C LEU A 294 8.23 2.85 -37.56
N THR A 295 7.46 3.74 -36.95
CA THR A 295 7.30 3.65 -35.49
C THR A 295 6.60 2.37 -35.05
N ARG A 296 5.58 1.97 -35.79
CA ARG A 296 4.98 0.66 -35.60
C ARG A 296 6.00 -0.47 -35.86
N TRP A 297 6.84 -0.34 -36.86
CA TRP A 297 7.44 -1.56 -37.41
C TRP A 297 8.70 -1.83 -36.73
N VAL A 298 9.39 -0.76 -36.34
CA VAL A 298 10.68 -0.96 -35.69
C VAL A 298 10.48 -1.43 -34.26
N PRO A 299 11.01 -2.60 -33.91
CA PRO A 299 10.86 -3.05 -32.54
C PRO A 299 12.02 -2.51 -31.77
N LEU A 300 11.80 -1.34 -31.21
CA LEU A 300 12.87 -0.48 -30.73
C LEU A 300 13.56 -0.96 -29.47
N GLY A 301 12.80 -1.57 -28.58
CA GLY A 301 13.33 -1.99 -27.31
C GLY A 301 14.04 -3.30 -27.46
N VAL A 302 15.10 -3.50 -26.67
CA VAL A 302 15.73 -4.82 -26.55
C VAL A 302 14.66 -5.72 -25.96
N GLY A 303 13.99 -5.21 -24.93
CA GLY A 303 12.93 -5.93 -24.24
C GLY A 303 11.59 -5.24 -24.33
N THR A 304 10.87 -5.19 -23.22
CA THR A 304 9.54 -4.59 -23.30
C THR A 304 9.48 -3.25 -22.60
N ALA A 305 10.40 -3.07 -21.64
CA ALA A 305 10.40 -1.88 -20.75
C ALA A 305 9.10 -1.67 -19.90
N PHE A 306 9.35 -1.26 -18.67
CA PHE A 306 8.34 -0.71 -17.77
C PHE A 306 7.24 -1.68 -17.40
N PRO A 307 7.62 -2.67 -16.58
CA PRO A 307 6.76 -3.70 -16.07
C PRO A 307 5.56 -3.13 -15.35
N ARG A 308 4.42 -3.74 -15.54
CA ARG A 308 3.25 -3.40 -14.78
C ARG A 308 3.01 -4.49 -13.77
N TYR A 309 2.45 -4.06 -12.67
CA TYR A 309 2.18 -4.93 -11.59
C TYR A 309 0.68 -5.00 -11.37
N ALA A 310 0.18 -6.20 -11.20
CA ALA A 310 -1.24 -6.41 -10.89
C ALA A 310 -1.57 -5.94 -9.45
N VAL A 311 -2.62 -5.13 -9.30
CA VAL A 311 -3.03 -4.74 -7.94
C VAL A 311 -3.94 -5.81 -7.30
N GLU A 312 -4.45 -6.72 -8.11
CA GLU A 312 -5.34 -7.79 -7.63
C GLU A 312 -5.23 -8.90 -8.67
N ASP A 313 -5.79 -10.07 -8.39
CA ASP A 313 -5.83 -11.12 -9.41
C ASP A 313 -6.49 -10.66 -10.73
N VAL A 314 -5.89 -11.09 -11.83
CA VAL A 314 -6.41 -10.83 -13.17
C VAL A 314 -6.26 -12.04 -14.07
N THR A 315 -7.33 -12.38 -14.79
CA THR A 315 -7.30 -13.46 -15.77
C THR A 315 -7.17 -12.87 -17.17
N LEU A 316 -6.35 -13.47 -18.02
CA LEU A 316 -6.04 -12.96 -19.35
C LEU A 316 -5.78 -14.22 -20.15
N ARG A 317 -6.44 -14.37 -21.30
CA ARG A 317 -6.34 -15.59 -22.12
C ARG A 317 -6.33 -16.79 -21.22
N GLY A 318 -7.27 -16.79 -20.28
CA GLY A 318 -7.45 -17.91 -19.40
C GLY A 318 -6.37 -18.20 -18.38
N VAL A 319 -5.26 -17.42 -18.34
CA VAL A 319 -4.21 -17.58 -17.30
C VAL A 319 -4.32 -16.56 -16.17
N THR A 320 -4.18 -16.98 -14.92
CA THR A 320 -4.36 -16.03 -13.85
C THR A 320 -3.05 -15.36 -13.47
N ILE A 321 -2.98 -14.04 -13.69
CA ILE A 321 -1.93 -13.24 -13.09
C ILE A 321 -2.36 -12.87 -11.69
N ARG A 322 -1.54 -13.28 -10.71
CA ARG A 322 -1.82 -13.02 -9.32
C ARG A 322 -1.37 -11.62 -8.89
N ALA A 323 -2.06 -11.08 -7.90
CA ALA A 323 -1.79 -9.79 -7.32
C ALA A 323 -0.33 -9.66 -6.96
N GLY A 324 0.36 -8.62 -7.45
CA GLY A 324 1.74 -8.38 -7.12
C GLY A 324 2.73 -8.86 -8.16
N GLU A 325 2.29 -9.71 -9.08
CA GLU A 325 3.20 -10.14 -10.15
C GLU A 325 3.47 -9.09 -11.23
N PRO A 326 4.71 -9.03 -11.74
CA PRO A 326 5.11 -8.12 -12.82
C PRO A 326 4.66 -8.60 -14.16
N VAL A 327 4.33 -7.66 -15.06
CA VAL A 327 3.89 -8.02 -16.40
C VAL A 327 4.64 -7.19 -17.41
N LEU A 328 5.21 -7.86 -18.41
CA LEU A 328 5.92 -7.20 -19.50
C LEU A 328 5.02 -7.21 -20.74
N ALA A 329 4.61 -6.02 -21.18
CA ALA A 329 3.70 -5.94 -22.27
C ALA A 329 4.51 -5.41 -23.44
N SER A 330 4.78 -6.26 -24.45
CA SER A 330 5.67 -5.90 -25.59
C SER A 330 4.94 -5.19 -26.71
N THR A 331 5.22 -3.90 -26.83
CA THR A 331 4.66 -3.03 -27.87
C THR A 331 5.29 -3.40 -29.19
N GLY A 332 6.57 -3.80 -29.12
CA GLY A 332 7.30 -4.23 -30.31
C GLY A 332 6.58 -5.42 -30.90
N ALA A 333 6.29 -6.45 -30.09
CA ALA A 333 5.49 -7.55 -30.64
C ALA A 333 4.08 -7.08 -31.04
N ALA A 334 3.42 -6.27 -30.19
CA ALA A 334 2.07 -5.81 -30.48
C ALA A 334 2.02 -5.23 -31.89
N ASN A 335 3.01 -4.39 -32.21
CA ASN A 335 2.99 -3.66 -33.46
C ASN A 335 3.21 -4.53 -34.71
N ARG A 336 3.69 -5.73 -34.50
CA ARG A 336 3.86 -6.69 -35.56
C ARG A 336 2.86 -7.89 -35.43
N ASP A 337 1.77 -7.67 -34.68
CA ASP A 337 0.75 -8.73 -34.51
C ASP A 337 -0.02 -8.88 -35.81
N GLN A 338 0.07 -10.05 -36.42
CA GLN A 338 -0.61 -10.28 -37.66
C GLN A 338 -2.11 -10.11 -37.50
N ALA A 339 -2.64 -10.29 -36.27
CA ALA A 339 -4.10 -10.16 -36.04
C ALA A 339 -4.58 -8.71 -36.12
N GLN A 340 -3.67 -7.74 -36.06
CA GLN A 340 -4.09 -6.35 -36.00
C GLN A 340 -3.61 -5.63 -37.22
N PHE A 341 -2.43 -6.00 -37.73
CA PHE A 341 -1.94 -5.33 -38.92
C PHE A 341 -1.77 -6.27 -40.09
N PRO A 342 -2.60 -6.10 -41.15
CA PRO A 342 -2.48 -6.95 -42.32
C PRO A 342 -1.04 -6.98 -42.82
N ASP A 343 -0.48 -8.18 -42.95
CA ASP A 343 0.89 -8.36 -43.46
C ASP A 343 1.81 -7.55 -42.57
N ALA A 344 1.77 -7.85 -41.27
CA ALA A 344 2.39 -7.04 -40.25
C ALA A 344 3.86 -6.78 -40.49
N ASP A 345 4.55 -7.64 -41.24
CA ASP A 345 6.02 -7.53 -41.35
C ASP A 345 6.40 -6.68 -42.55
N ARG A 346 5.41 -6.28 -43.32
CA ARG A 346 5.67 -5.38 -44.44
C ARG A 346 5.74 -3.91 -43.98
N ILE A 347 6.74 -3.16 -44.45
CA ILE A 347 6.78 -1.70 -44.25
C ILE A 347 5.98 -0.99 -45.35
N ASP A 348 4.80 -0.48 -45.00
CA ASP A 348 3.95 0.20 -45.99
C ASP A 348 3.77 1.62 -45.53
N VAL A 349 4.47 2.57 -46.15
CA VAL A 349 4.37 3.96 -45.70
C VAL A 349 2.94 4.49 -45.81
N ASP A 350 2.09 3.76 -46.50
CA ASP A 350 0.74 4.24 -46.72
C ASP A 350 -0.27 3.53 -45.89
N ARG A 351 0.20 2.90 -44.81
CA ARG A 351 -0.65 2.00 -44.02
C ARG A 351 -1.81 2.76 -43.38
N THR A 352 -3.02 2.29 -43.69
CA THR A 352 -4.27 2.76 -43.06
C THR A 352 -5.16 1.57 -42.71
N PRO A 353 -5.63 1.50 -41.45
CA PRO A 353 -5.29 2.33 -40.29
C PRO A 353 -3.94 1.93 -39.66
N ASN A 354 -3.48 2.69 -38.70
CA ASN A 354 -2.18 2.37 -38.14
C ASN A 354 -2.20 2.80 -36.70
N GLN A 355 -2.97 2.05 -35.88
CA GLN A 355 -3.10 2.39 -34.49
C GLN A 355 -2.04 1.66 -33.65
N HIS A 356 -0.77 1.98 -33.90
CA HIS A 356 0.35 1.22 -33.25
C HIS A 356 0.51 1.65 -31.81
N LEU A 357 1.30 0.90 -31.06
CA LEU A 357 1.55 1.24 -29.65
C LEU A 357 3.00 1.74 -29.50
N GLY A 358 3.62 2.11 -30.63
CA GLY A 358 4.94 2.79 -30.71
C GLY A 358 5.26 3.79 -29.61
N PHE A 359 4.27 4.61 -29.30
CA PHE A 359 4.27 5.61 -28.24
C PHE A 359 3.39 5.26 -27.04
N GLY A 360 3.22 3.97 -26.75
CA GLY A 360 2.61 3.56 -25.49
C GLY A 360 1.11 3.62 -25.66
N HIS A 361 0.40 3.55 -24.54
CA HIS A 361 -1.04 3.48 -24.56
C HIS A 361 -1.52 3.65 -23.14
N GLY A 362 -2.68 4.27 -22.97
CA GLY A 362 -3.23 4.48 -21.64
C GLY A 362 -2.70 5.77 -21.03
N VAL A 363 -2.76 5.87 -19.71
CA VAL A 363 -2.41 7.12 -19.09
C VAL A 363 -0.95 7.54 -19.25
N HIS A 364 -0.02 6.60 -19.45
CA HIS A 364 1.39 6.91 -19.59
C HIS A 364 1.83 7.14 -21.05
N HIS A 365 0.90 7.10 -22.00
CA HIS A 365 1.26 7.25 -23.40
C HIS A 365 2.10 8.47 -23.60
N CYS A 366 3.14 8.32 -24.41
CA CYS A 366 4.21 9.28 -24.54
C CYS A 366 3.74 10.73 -24.58
N LEU A 367 4.06 11.50 -23.55
CA LEU A 367 3.65 12.89 -23.67
C LEU A 367 4.52 13.71 -24.62
N GLY A 368 5.69 13.19 -25.01
CA GLY A 368 6.53 13.86 -26.03
C GLY A 368 6.20 13.53 -27.48
N ALA A 369 5.21 12.65 -27.70
CA ALA A 369 4.90 12.17 -29.05
C ALA A 369 4.80 13.28 -30.10
N PRO A 370 3.97 14.33 -29.85
CA PRO A 370 3.91 15.33 -30.91
C PRO A 370 5.29 15.88 -31.27
N LEU A 371 6.19 16.03 -30.30
CA LEU A 371 7.49 16.59 -30.60
C LEU A 371 8.36 15.54 -31.29
N ALA A 372 8.27 14.32 -30.77
CA ALA A 372 9.04 13.24 -31.34
C ALA A 372 8.71 13.14 -32.84
N ARG A 373 7.45 12.95 -33.16
CA ARG A 373 7.01 13.04 -34.56
C ARG A 373 7.68 14.21 -35.32
N VAL A 374 7.62 15.44 -34.77
CA VAL A 374 8.24 16.58 -35.46
C VAL A 374 9.70 16.26 -35.71
N GLU A 375 10.45 15.83 -34.70
CA GLU A 375 11.87 15.60 -34.90
C GLU A 375 12.15 14.52 -35.98
N LEU A 376 11.36 13.45 -35.96
CA LEU A 376 11.55 12.34 -36.89
C LEU A 376 11.22 12.73 -38.33
N GLN A 377 10.11 13.46 -38.50
CA GLN A 377 9.78 14.00 -39.79
C GLN A 377 10.88 14.91 -40.25
N VAL A 378 11.40 15.75 -39.36
CA VAL A 378 12.46 16.69 -39.75
C VAL A 378 13.77 16.00 -40.06
N ALA A 379 14.13 14.97 -39.29
CA ALA A 379 15.39 14.30 -39.59
C ALA A 379 15.34 13.66 -40.97
N LEU A 380 14.18 13.16 -41.37
CA LEU A 380 14.11 12.50 -42.67
C LEU A 380 14.07 13.51 -43.81
N GLU A 381 13.31 14.58 -43.56
CA GLU A 381 13.05 15.60 -44.56
C GLU A 381 14.39 16.22 -44.93
N VAL A 382 15.12 16.63 -43.92
CA VAL A 382 16.37 17.35 -44.08
C VAL A 382 17.50 16.43 -44.62
N LEU A 383 17.69 15.28 -44.00
CA LEU A 383 18.62 14.33 -44.55
C LEU A 383 18.36 14.03 -46.04
N LEU A 384 17.08 13.91 -46.44
CA LEU A 384 16.79 13.55 -47.81
C LEU A 384 17.02 14.70 -48.77
N GLN A 385 16.74 15.90 -48.29
CA GLN A 385 16.91 17.12 -49.08
C GLN A 385 18.41 17.43 -49.31
N ARG A 386 19.24 17.20 -48.30
CA ARG A 386 20.68 17.52 -48.38
C ARG A 386 21.56 16.36 -48.91
N LEU A 387 21.19 15.12 -48.60
CA LEU A 387 21.99 13.97 -49.01
C LEU A 387 21.09 12.93 -49.66
N PRO A 388 20.43 13.31 -50.76
CA PRO A 388 19.46 12.40 -51.33
C PRO A 388 19.98 10.98 -51.64
N GLY A 389 21.31 10.82 -51.72
CA GLY A 389 21.95 9.58 -52.10
C GLY A 389 22.81 9.03 -50.98
N ILE A 390 22.54 9.53 -49.78
CA ILE A 390 23.18 9.07 -48.56
C ILE A 390 22.98 7.57 -48.49
N ARG A 391 24.05 6.82 -48.19
CA ARG A 391 23.96 5.35 -48.06
C ARG A 391 25.08 4.89 -47.15
N LEU A 392 25.04 3.65 -46.69
CA LEU A 392 26.08 3.18 -45.83
C LEU A 392 27.46 3.34 -46.45
N GLY A 393 28.42 3.68 -45.62
CA GLY A 393 29.80 3.79 -46.06
C GLY A 393 30.58 2.49 -45.95
N ILE A 394 29.98 1.48 -45.30
CA ILE A 394 30.57 0.13 -45.16
C ILE A 394 29.54 -0.99 -45.40
N PRO A 395 29.97 -2.25 -45.62
CA PRO A 395 28.94 -3.29 -45.69
C PRO A 395 28.03 -3.42 -44.42
N GLU A 396 26.71 -3.55 -44.64
CA GLU A 396 25.70 -3.80 -43.60
C GLU A 396 26.20 -4.77 -42.54
N THR A 397 26.85 -5.83 -42.98
CA THR A 397 27.31 -6.90 -42.09
C THR A 397 28.44 -6.50 -41.10
N GLN A 398 29.07 -5.35 -41.35
CA GLN A 398 30.19 -4.84 -40.55
C GLN A 398 29.75 -3.80 -39.52
N LEU A 399 28.52 -3.33 -39.65
CA LEU A 399 27.92 -2.40 -38.71
C LEU A 399 28.12 -2.85 -37.26
N ARG A 400 28.56 -1.94 -36.40
CA ARG A 400 28.66 -2.31 -35.00
C ARG A 400 27.40 -1.85 -34.29
N TRP A 401 26.73 -2.77 -33.61
CA TRP A 401 25.47 -2.46 -32.90
C TRP A 401 25.65 -2.20 -31.41
N SER A 402 24.84 -1.30 -30.88
CA SER A 402 24.85 -0.97 -29.46
C SER A 402 24.47 -2.13 -28.58
N GLU A 403 25.27 -2.36 -27.55
CA GLU A 403 25.04 -3.38 -26.52
C GLU A 403 24.77 -2.71 -25.19
N GLY A 404 24.26 -1.49 -25.24
CA GLY A 404 23.81 -0.82 -24.05
C GLY A 404 22.63 -1.56 -23.43
N MET A 405 21.87 -2.28 -24.24
CA MET A 405 20.80 -3.16 -23.74
C MET A 405 19.45 -2.49 -23.38
N LEU A 406 19.27 -1.19 -23.62
CA LEU A 406 17.92 -0.61 -23.45
C LEU A 406 17.26 -0.51 -24.79
N LEU A 407 17.98 0.04 -25.77
CA LEU A 407 17.42 0.17 -27.09
C LEU A 407 18.30 -0.48 -28.15
N ARG A 408 17.76 -0.60 -29.34
CA ARG A 408 18.49 -1.24 -30.37
C ARG A 408 18.85 -0.23 -31.48
N GLY A 409 20.14 -0.16 -31.83
CA GLY A 409 20.57 0.76 -32.89
C GLY A 409 22.08 0.77 -33.11
N PRO A 410 22.50 1.33 -34.26
CA PRO A 410 23.93 1.36 -34.57
C PRO A 410 24.67 2.23 -33.59
N LEU A 411 25.85 1.80 -33.12
CA LEU A 411 26.76 2.71 -32.38
C LEU A 411 27.39 3.73 -33.30
N GLU A 412 27.53 3.38 -34.59
CA GLU A 412 28.20 4.20 -35.61
C GLU A 412 27.50 3.85 -36.92
N LEU A 413 27.08 4.87 -37.65
CA LEU A 413 26.49 4.71 -38.98
C LEU A 413 27.34 5.51 -39.96
N PRO A 414 28.48 4.95 -40.41
CA PRO A 414 29.28 5.73 -41.40
C PRO A 414 28.56 5.84 -42.71
N VAL A 415 28.43 7.04 -43.23
CA VAL A 415 27.68 7.20 -44.48
C VAL A 415 28.48 7.92 -45.55
N VAL A 416 28.13 7.69 -46.80
CA VAL A 416 28.62 8.46 -47.96
C VAL A 416 27.41 9.02 -48.62
N TRP A 417 27.63 9.86 -49.64
CA TRP A 417 26.54 10.52 -50.36
C TRP A 417 26.93 11.19 -51.64
N GLU B 25 -9.75 15.11 -41.21
CA GLU B 25 -9.91 15.98 -40.01
C GLU B 25 -10.85 15.37 -38.92
N PRO B 26 -12.07 14.97 -39.31
CA PRO B 26 -12.87 14.29 -38.30
C PRO B 26 -12.39 12.84 -38.07
N ARG B 27 -12.44 12.38 -36.82
CA ARG B 27 -12.19 10.99 -36.55
C ARG B 27 -13.47 10.18 -36.73
N ALA B 28 -13.33 8.99 -37.31
CA ALA B 28 -14.41 8.03 -37.43
C ALA B 28 -14.87 7.68 -36.01
N TYR B 29 -16.17 7.55 -35.86
CA TYR B 29 -16.75 7.40 -34.54
C TYR B 29 -17.90 6.44 -34.71
N PRO B 30 -18.20 5.60 -33.69
CA PRO B 30 -17.63 5.55 -32.33
C PRO B 30 -16.25 4.91 -32.23
N PHE B 31 -15.64 5.02 -31.05
CA PHE B 31 -14.29 4.55 -30.77
C PHE B 31 -14.36 3.26 -30.01
N ASN B 32 -15.28 3.19 -29.06
CA ASN B 32 -15.51 1.97 -28.32
C ASN B 32 -15.64 0.72 -29.19
N ASP B 33 -14.97 -0.36 -28.80
CA ASP B 33 -15.23 -1.63 -29.45
C ASP B 33 -16.43 -2.23 -28.75
N VAL B 34 -17.49 -2.61 -29.49
CA VAL B 34 -18.66 -3.22 -28.85
C VAL B 34 -18.43 -4.64 -28.30
N HIS B 35 -17.25 -5.22 -28.53
CA HIS B 35 -17.03 -6.61 -28.10
C HIS B 35 -16.50 -6.66 -26.68
N GLY B 36 -17.23 -6.04 -25.77
CA GLY B 36 -16.79 -5.92 -24.36
C GLY B 36 -17.05 -4.52 -23.80
N LEU B 37 -16.48 -4.20 -22.63
CA LEU B 37 -16.80 -2.91 -21.98
C LEU B 37 -15.64 -1.98 -21.86
N THR B 38 -14.60 -2.17 -22.68
CA THR B 38 -13.43 -1.33 -22.56
C THR B 38 -13.73 0.10 -23.01
N LEU B 39 -13.34 1.04 -22.18
CA LEU B 39 -13.28 2.42 -22.61
C LEU B 39 -12.14 2.65 -23.61
N ALA B 40 -12.50 3.05 -24.83
CA ALA B 40 -11.51 3.37 -25.86
C ALA B 40 -10.40 4.33 -25.35
N GLY B 41 -9.15 3.98 -25.61
CA GLY B 41 -8.04 4.82 -25.23
C GLY B 41 -8.05 6.16 -25.96
N ARG B 42 -8.70 6.23 -27.12
CA ARG B 42 -8.82 7.51 -27.81
C ARG B 42 -9.50 8.62 -26.95
N TYR B 43 -10.36 8.23 -26.02
CA TYR B 43 -11.11 9.17 -25.22
C TYR B 43 -10.21 9.95 -24.29
N GLY B 44 -9.39 9.19 -23.57
CA GLY B 44 -8.46 9.78 -22.61
C GLY B 44 -7.46 10.63 -23.37
N GLU B 45 -7.00 10.12 -24.50
CA GLU B 45 -6.16 10.94 -25.36
C GLU B 45 -6.79 12.29 -25.70
N LEU B 46 -8.06 12.33 -26.11
CA LEU B 46 -8.66 13.62 -26.53
C LEU B 46 -9.02 14.54 -25.35
N GLN B 47 -9.25 13.96 -24.17
CA GLN B 47 -9.52 14.74 -22.99
C GLN B 47 -8.33 15.64 -22.65
N GLU B 48 -7.15 15.15 -23.00
CA GLU B 48 -5.89 15.74 -22.69
C GLU B 48 -5.54 16.69 -23.81
N THR B 49 -5.70 16.30 -25.07
CA THR B 49 -5.17 17.13 -26.19
C THR B 49 -6.21 17.77 -27.10
N GLU B 50 -7.43 17.24 -27.15
CA GLU B 50 -8.45 17.83 -28.00
C GLU B 50 -9.85 17.63 -27.40
N PRO B 51 -10.13 18.32 -26.28
CA PRO B 51 -11.33 18.08 -25.48
C PRO B 51 -12.62 18.38 -26.22
N VAL B 52 -12.53 19.11 -27.30
CA VAL B 52 -13.66 19.36 -28.16
C VAL B 52 -13.18 19.09 -29.59
N SER B 53 -13.60 17.98 -30.18
CA SER B 53 -12.99 17.51 -31.41
C SER B 53 -14.04 17.11 -32.42
N ARG B 54 -13.68 16.90 -33.66
CA ARG B 54 -14.68 16.59 -34.64
C ARG B 54 -14.73 15.09 -34.84
N VAL B 55 -15.96 14.57 -34.93
CA VAL B 55 -16.14 13.18 -35.36
C VAL B 55 -17.14 12.96 -36.52
N ARG B 56 -16.91 11.85 -37.22
CA ARG B 56 -17.79 11.37 -38.26
C ARG B 56 -18.40 10.04 -37.79
N PRO B 57 -19.72 10.03 -37.49
CA PRO B 57 -20.45 8.81 -37.08
C PRO B 57 -20.82 7.94 -38.28
N PRO B 58 -21.28 6.69 -38.05
CA PRO B 58 -21.56 5.89 -39.25
C PRO B 58 -22.78 6.43 -40.00
N TYR B 59 -23.70 7.01 -39.25
CA TYR B 59 -24.85 7.63 -39.87
C TYR B 59 -25.03 9.03 -39.32
N GLY B 60 -25.62 9.89 -40.15
CA GLY B 60 -26.01 11.23 -39.74
C GLY B 60 -24.89 12.20 -40.01
N GLU B 61 -25.00 13.35 -39.34
CA GLU B 61 -24.09 14.47 -39.50
C GLU B 61 -22.76 14.29 -38.77
N GLU B 62 -21.72 14.95 -39.27
CA GLU B 62 -20.51 15.05 -38.48
C GLU B 62 -20.84 15.86 -37.25
N ALA B 63 -20.06 15.73 -36.19
CA ALA B 63 -20.40 16.43 -34.97
C ALA B 63 -19.20 16.82 -34.12
N TRP B 64 -19.47 17.60 -33.07
CA TRP B 64 -18.51 17.83 -31.99
C TRP B 64 -18.63 16.74 -30.94
N LEU B 65 -17.49 16.29 -30.44
CA LEU B 65 -17.44 15.31 -29.39
C LEU B 65 -16.77 15.98 -28.22
N VAL B 66 -17.39 15.87 -27.06
CA VAL B 66 -16.92 16.51 -25.85
C VAL B 66 -16.70 15.39 -24.80
N THR B 67 -15.53 15.41 -24.15
CA THR B 67 -15.03 14.20 -23.46
C THR B 67 -14.68 14.40 -22.01
N ARG B 68 -14.35 15.65 -21.63
CA ARG B 68 -14.02 15.98 -20.26
C ARG B 68 -15.29 16.03 -19.41
N TYR B 69 -15.19 15.55 -18.17
CA TYR B 69 -16.32 15.54 -17.28
C TYR B 69 -16.89 16.96 -17.15
N GLU B 70 -16.03 17.95 -16.98
CA GLU B 70 -16.45 19.33 -16.76
C GLU B 70 -17.29 19.82 -17.91
N ASP B 71 -16.88 19.49 -19.13
CA ASP B 71 -17.58 19.96 -20.34
C ASP B 71 -18.81 19.10 -20.72
N VAL B 72 -18.74 17.78 -20.56
CA VAL B 72 -19.92 16.96 -20.67
C VAL B 72 -20.97 17.52 -19.67
N ARG B 73 -20.58 17.75 -18.41
CA ARG B 73 -21.52 18.32 -17.44
C ARG B 73 -22.06 19.65 -17.98
N ALA B 74 -21.16 20.47 -18.50
CA ALA B 74 -21.53 21.82 -18.84
C ALA B 74 -22.51 21.75 -19.98
N VAL B 75 -22.15 21.05 -21.07
CA VAL B 75 -23.07 20.89 -22.18
C VAL B 75 -24.48 20.40 -21.81
N LEU B 76 -24.55 19.37 -20.98
CA LEU B 76 -25.84 18.78 -20.59
C LEU B 76 -26.68 19.73 -19.75
N GLY B 77 -26.06 20.68 -19.07
CA GLY B 77 -26.76 21.55 -18.14
C GLY B 77 -26.97 22.97 -18.62
N ASP B 78 -26.82 23.23 -19.90
CA ASP B 78 -26.74 24.59 -20.41
C ASP B 78 -27.96 24.90 -21.26
N GLY B 79 -28.64 26.00 -20.96
CA GLY B 79 -29.83 26.32 -21.69
C GLY B 79 -29.64 26.49 -23.18
N ARG B 80 -28.37 26.58 -23.62
CA ARG B 80 -28.08 26.89 -24.97
C ARG B 80 -27.93 25.65 -25.84
N PHE B 81 -28.02 24.49 -25.23
CA PHE B 81 -28.01 23.22 -25.97
C PHE B 81 -29.37 22.52 -25.88
N VAL B 82 -30.00 22.27 -27.02
CA VAL B 82 -31.39 21.81 -27.01
C VAL B 82 -31.49 20.48 -27.71
N ARG B 83 -32.67 19.86 -27.62
CA ARG B 83 -32.94 18.58 -28.25
C ARG B 83 -34.01 18.67 -29.31
N GLY B 84 -34.82 19.72 -29.34
CA GLY B 84 -35.89 19.84 -30.34
C GLY B 84 -35.53 19.50 -31.79
N PRO B 85 -34.36 19.96 -32.27
CA PRO B 85 -33.97 19.73 -33.64
C PRO B 85 -33.90 18.28 -34.07
N SER B 86 -33.71 17.37 -33.11
CA SER B 86 -33.66 15.92 -33.36
C SER B 86 -34.88 15.44 -34.17
N MET B 87 -35.96 16.23 -34.14
CA MET B 87 -37.16 15.83 -34.87
C MET B 87 -37.03 16.12 -36.35
N THR B 88 -36.04 16.87 -36.78
CA THR B 88 -35.98 17.14 -38.21
C THR B 88 -34.56 16.93 -38.73
N ARG B 89 -33.61 16.72 -37.82
CA ARG B 89 -32.26 16.56 -38.27
C ARG B 89 -31.89 15.11 -38.55
N ASP B 90 -30.89 14.98 -39.38
CA ASP B 90 -30.24 13.72 -39.67
C ASP B 90 -29.23 13.49 -38.53
N GLU B 91 -29.70 12.99 -37.38
CA GLU B 91 -28.92 12.91 -36.15
C GLU B 91 -27.70 12.04 -36.28
N PRO B 92 -26.53 12.51 -35.75
CA PRO B 92 -25.37 11.63 -35.59
C PRO B 92 -25.77 10.44 -34.73
N ARG B 93 -25.67 9.25 -35.30
CA ARG B 93 -26.13 8.03 -34.66
C ARG B 93 -25.38 6.82 -35.20
N THR B 94 -25.55 5.68 -34.52
CA THR B 94 -24.81 4.46 -34.92
C THR B 94 -25.64 3.49 -35.82
N ARG B 95 -26.98 3.59 -35.78
CA ARG B 95 -27.87 2.72 -36.56
C ARG B 95 -28.42 3.51 -37.72
N PRO B 96 -28.78 2.82 -38.83
CA PRO B 96 -29.44 3.41 -40.00
C PRO B 96 -30.74 4.12 -39.67
N GLU B 97 -31.49 3.60 -38.72
CA GLU B 97 -32.82 4.15 -38.49
C GLU B 97 -32.93 4.94 -37.20
N MET B 98 -33.79 5.95 -37.22
CA MET B 98 -33.97 6.83 -36.07
C MET B 98 -35.28 6.54 -35.34
N VAL B 99 -35.21 6.44 -34.02
CA VAL B 99 -36.42 6.53 -33.19
C VAL B 99 -36.51 7.96 -32.57
N LYS B 100 -37.42 8.77 -33.08
CA LYS B 100 -37.62 10.13 -32.59
C LYS B 100 -38.75 10.18 -31.54
N GLY B 101 -38.97 11.37 -30.97
CA GLY B 101 -40.10 11.63 -30.08
C GLY B 101 -39.73 11.37 -28.64
N GLY B 102 -40.72 11.40 -27.76
CA GLY B 102 -40.41 11.19 -26.36
C GLY B 102 -39.87 12.43 -25.67
N LEU B 103 -39.86 12.38 -24.35
CA LEU B 103 -39.34 13.45 -23.56
C LEU B 103 -37.96 13.95 -24.05
N LEU B 104 -37.11 13.02 -24.48
CA LEU B 104 -35.74 13.34 -24.81
C LEU B 104 -35.59 14.15 -26.07
N SER B 105 -36.70 14.39 -26.75
CA SER B 105 -36.69 15.15 -28.00
C SER B 105 -37.29 16.52 -27.76
N MET B 106 -37.58 16.84 -26.50
CA MET B 106 -38.32 18.03 -26.16
C MET B 106 -37.46 19.04 -25.38
N ASP B 107 -37.84 20.32 -25.44
CA ASP B 107 -37.15 21.35 -24.70
C ASP B 107 -38.08 22.14 -23.80
N PRO B 108 -37.49 22.84 -22.81
CA PRO B 108 -38.30 23.76 -21.99
C PRO B 108 -38.95 24.78 -22.92
N PRO B 109 -40.21 25.17 -22.68
CA PRO B 109 -41.11 24.80 -21.59
C PRO B 109 -42.07 23.59 -21.85
N GLU B 110 -42.25 23.16 -23.11
CA GLU B 110 -43.04 21.91 -23.35
C GLU B 110 -42.47 20.77 -22.52
N HIS B 111 -41.14 20.68 -22.49
CA HIS B 111 -40.48 19.61 -21.78
C HIS B 111 -40.87 19.62 -20.33
N SER B 112 -40.80 20.82 -19.74
CA SER B 112 -40.81 21.05 -18.30
C SER B 112 -42.12 20.63 -17.74
N ARG B 113 -43.17 20.97 -18.48
CA ARG B 113 -44.53 20.77 -18.05
C ARG B 113 -44.81 19.25 -17.98
N LEU B 114 -44.42 18.53 -19.03
CA LEU B 114 -44.59 17.11 -19.05
C LEU B 114 -43.82 16.49 -17.90
N ARG B 115 -42.56 16.90 -17.77
CA ARG B 115 -41.66 16.29 -16.84
C ARG B 115 -42.18 16.46 -15.43
N ARG B 116 -42.82 17.60 -15.21
CA ARG B 116 -43.29 18.01 -13.90
C ARG B 116 -44.48 17.08 -13.52
N LEU B 117 -45.32 16.82 -14.51
CA LEU B 117 -46.48 15.97 -14.32
C LEU B 117 -46.05 14.52 -14.11
N VAL B 118 -45.07 14.03 -14.88
CA VAL B 118 -44.58 12.66 -14.66
C VAL B 118 -43.94 12.46 -13.28
N VAL B 119 -43.21 13.45 -12.80
CA VAL B 119 -42.44 13.18 -11.58
C VAL B 119 -43.24 13.35 -10.30
N LYS B 120 -44.43 13.96 -10.41
CA LYS B 120 -45.39 14.10 -9.29
C LYS B 120 -45.83 12.71 -8.87
N ALA B 121 -46.09 11.89 -9.90
CA ALA B 121 -46.59 10.53 -9.77
C ALA B 121 -45.44 9.56 -9.55
N PHE B 122 -44.41 9.67 -10.37
CA PHE B 122 -43.37 8.68 -10.41
C PHE B 122 -42.28 9.10 -9.40
N THR B 123 -42.58 8.94 -8.13
CA THR B 123 -41.75 9.54 -7.08
C THR B 123 -40.70 8.56 -6.66
N ALA B 124 -39.74 9.06 -5.89
CA ALA B 124 -38.74 8.23 -5.26
C ALA B 124 -39.37 7.20 -4.35
N ARG B 125 -40.42 7.61 -3.65
CA ARG B 125 -41.08 6.77 -2.69
C ARG B 125 -41.81 5.62 -3.43
N ARG B 126 -42.51 5.94 -4.51
CA ARG B 126 -43.08 4.88 -5.36
C ARG B 126 -42.00 3.87 -5.85
N ALA B 127 -40.90 4.38 -6.42
CA ALA B 127 -39.77 3.52 -6.79
C ALA B 127 -39.41 2.60 -5.64
N GLU B 128 -39.15 3.20 -4.47
CA GLU B 128 -38.82 2.38 -3.29
C GLU B 128 -39.92 1.36 -2.89
N SER B 129 -41.21 1.70 -3.07
CA SER B 129 -42.23 0.79 -2.58
C SER B 129 -42.24 -0.52 -3.40
N LEU B 130 -41.55 -0.50 -4.54
CA LEU B 130 -41.47 -1.58 -5.49
C LEU B 130 -40.37 -2.55 -5.16
N ARG B 131 -39.53 -2.19 -4.22
CA ARG B 131 -38.40 -3.04 -3.90
C ARG B 131 -38.84 -4.50 -3.55
N PRO B 132 -39.86 -4.66 -2.64
CA PRO B 132 -40.22 -6.02 -2.24
C PRO B 132 -40.71 -6.89 -3.40
N ARG B 133 -41.53 -6.34 -4.29
CA ARG B 133 -41.95 -7.15 -5.38
C ARG B 133 -40.89 -7.45 -6.40
N ALA B 134 -39.95 -6.52 -6.57
CA ALA B 134 -38.84 -6.70 -7.49
C ALA B 134 -37.98 -7.86 -6.99
N ARG B 135 -37.84 -7.98 -5.66
CA ARG B 135 -37.18 -9.16 -5.08
C ARG B 135 -37.88 -10.48 -5.40
N GLU B 136 -39.19 -10.49 -5.20
CA GLU B 136 -39.93 -11.68 -5.43
C GLU B 136 -39.83 -12.10 -6.90
N ILE B 137 -39.88 -11.15 -7.80
CA ILE B 137 -39.76 -11.45 -9.22
C ILE B 137 -38.36 -11.94 -9.51
N ALA B 138 -37.34 -11.29 -8.94
CA ALA B 138 -35.97 -11.79 -9.18
C ALA B 138 -35.82 -13.24 -8.67
N HIS B 139 -36.40 -13.49 -7.50
CA HIS B 139 -36.31 -14.81 -6.85
C HIS B 139 -36.99 -15.86 -7.71
N GLU B 140 -38.12 -15.47 -8.30
CA GLU B 140 -38.82 -16.31 -9.21
C GLU B 140 -37.94 -16.62 -10.39
N LEU B 141 -37.40 -15.56 -11.02
CA LEU B 141 -36.57 -15.74 -12.22
C LEU B 141 -35.45 -16.72 -12.00
N VAL B 142 -34.90 -16.72 -10.78
CA VAL B 142 -33.78 -17.57 -10.42
C VAL B 142 -34.23 -19.02 -10.15
N ASP B 143 -35.35 -19.19 -9.44
CA ASP B 143 -36.03 -20.48 -9.29
C ASP B 143 -36.16 -21.10 -10.66
N GLN B 144 -36.65 -20.30 -11.63
CA GLN B 144 -36.93 -20.79 -12.97
C GLN B 144 -35.66 -21.06 -13.70
N MET B 145 -34.63 -20.24 -13.46
CA MET B 145 -33.32 -20.40 -14.09
C MET B 145 -32.61 -21.70 -13.59
N ALA B 146 -32.61 -21.89 -12.29
CA ALA B 146 -32.02 -23.07 -11.69
C ALA B 146 -32.68 -24.37 -12.17
N ALA B 147 -33.97 -24.31 -12.55
CA ALA B 147 -34.70 -25.48 -13.06
C ALA B 147 -34.33 -25.96 -14.48
N THR B 148 -33.60 -25.16 -15.24
CA THR B 148 -33.23 -25.53 -16.59
C THR B 148 -31.90 -26.27 -16.51
N GLY B 149 -31.26 -26.18 -15.33
CA GLY B 149 -29.95 -26.76 -15.09
C GLY B 149 -28.81 -25.96 -15.71
N GLN B 150 -27.61 -26.20 -15.19
CA GLN B 150 -26.38 -25.53 -15.57
C GLN B 150 -25.75 -26.10 -16.82
N PRO B 151 -25.30 -25.23 -17.75
CA PRO B 151 -25.37 -23.77 -17.57
C PRO B 151 -26.68 -23.20 -18.02
N ALA B 152 -27.10 -22.12 -17.38
CA ALA B 152 -28.29 -21.42 -17.83
C ALA B 152 -27.88 -20.07 -18.40
N ASP B 153 -28.74 -19.47 -19.19
CA ASP B 153 -28.40 -18.19 -19.84
C ASP B 153 -28.95 -17.00 -19.07
N LEU B 154 -28.07 -16.36 -18.29
CA LEU B 154 -28.50 -15.28 -17.42
C LEU B 154 -29.13 -14.09 -18.18
N VAL B 155 -28.73 -13.85 -19.43
CA VAL B 155 -29.33 -12.77 -20.24
C VAL B 155 -30.81 -13.04 -20.48
N ALA B 156 -31.10 -14.12 -21.22
CA ALA B 156 -32.48 -14.51 -21.56
C ALA B 156 -33.41 -14.73 -20.36
N MET B 157 -32.87 -15.33 -19.29
CA MET B 157 -33.71 -15.86 -18.18
C MET B 157 -33.83 -14.93 -16.98
N PHE B 158 -32.89 -14.00 -16.88
CA PHE B 158 -32.87 -13.07 -15.77
C PHE B 158 -32.89 -11.63 -16.29
N ALA B 159 -31.82 -11.23 -16.98
CA ALA B 159 -31.61 -9.84 -17.34
C ALA B 159 -32.69 -9.28 -18.29
N ARG B 160 -33.15 -10.09 -19.25
CA ARG B 160 -34.19 -9.62 -20.15
C ARG B 160 -35.58 -9.74 -19.54
N GLN B 161 -35.70 -10.35 -18.35
CA GLN B 161 -37.02 -10.53 -17.75
C GLN B 161 -37.33 -9.53 -16.62
N LEU B 162 -36.39 -9.36 -15.71
CA LEU B 162 -36.60 -8.48 -14.57
C LEU B 162 -37.16 -7.06 -14.91
N PRO B 163 -36.44 -6.25 -15.73
CA PRO B 163 -36.84 -4.85 -15.84
C PRO B 163 -38.19 -4.62 -16.46
N VAL B 164 -38.60 -5.52 -17.34
CA VAL B 164 -39.85 -5.34 -18.06
C VAL B 164 -41.01 -5.73 -17.13
N ARG B 165 -40.77 -6.75 -16.30
CA ARG B 165 -41.71 -7.16 -15.29
C ARG B 165 -41.81 -6.16 -14.13
N VAL B 166 -40.71 -5.55 -13.71
CA VAL B 166 -40.81 -4.44 -12.73
C VAL B 166 -41.60 -3.24 -13.29
N ILE B 167 -41.39 -2.92 -14.56
CA ILE B 167 -42.18 -1.89 -15.24
C ILE B 167 -43.64 -2.22 -15.29
N CYS B 168 -43.98 -3.49 -15.58
CA CYS B 168 -45.38 -3.91 -15.49
C CYS B 168 -45.93 -3.64 -14.10
N GLU B 169 -45.20 -4.01 -13.02
CA GLU B 169 -45.71 -3.70 -11.69
C GLU B 169 -45.90 -2.21 -11.54
N LEU B 170 -44.88 -1.45 -11.97
CA LEU B 170 -44.88 0.00 -11.83
C LEU B 170 -46.16 0.57 -12.40
N LEU B 171 -46.44 0.29 -13.67
CA LEU B 171 -47.59 0.87 -14.41
C LEU B 171 -48.96 0.45 -13.87
N GLY B 172 -49.03 -0.80 -13.42
CA GLY B 172 -50.27 -1.39 -12.98
C GLY B 172 -50.80 -2.53 -13.85
N VAL B 173 -49.95 -3.11 -14.70
CA VAL B 173 -50.40 -4.21 -15.59
C VAL B 173 -50.77 -5.44 -14.75
N PRO B 174 -52.01 -5.95 -14.93
CA PRO B 174 -52.44 -7.08 -14.08
C PRO B 174 -51.49 -8.24 -14.29
N SER B 175 -51.13 -8.94 -13.21
CA SER B 175 -50.09 -9.97 -13.33
C SER B 175 -50.38 -11.07 -14.37
N ALA B 176 -51.65 -11.29 -14.69
CA ALA B 176 -52.05 -12.26 -15.74
C ALA B 176 -51.64 -11.83 -17.14
N ASP B 177 -51.18 -10.59 -17.27
CA ASP B 177 -50.85 -10.07 -18.57
C ASP B 177 -49.36 -9.89 -18.76
N HIS B 178 -48.60 -10.16 -17.70
CA HIS B 178 -47.16 -9.90 -17.78
C HIS B 178 -46.48 -10.63 -18.88
N ASP B 179 -46.87 -11.89 -19.13
CA ASP B 179 -46.17 -12.70 -20.13
C ASP B 179 -46.26 -12.15 -21.55
N ARG B 180 -47.49 -11.79 -21.97
CA ARG B 180 -47.72 -11.26 -23.34
C ARG B 180 -47.20 -9.85 -23.45
N PHE B 181 -47.33 -9.09 -22.36
CA PHE B 181 -46.76 -7.78 -22.34
C PHE B 181 -45.22 -7.79 -22.50
N THR B 182 -44.55 -8.68 -21.76
CA THR B 182 -43.13 -8.87 -21.89
C THR B 182 -42.79 -9.25 -23.34
N ARG B 183 -43.50 -10.21 -23.88
CA ARG B 183 -43.26 -10.62 -25.27
C ARG B 183 -43.44 -9.48 -26.33
N TRP B 184 -44.41 -8.58 -26.17
CA TRP B 184 -44.48 -7.41 -27.08
C TRP B 184 -43.27 -6.47 -26.88
N SER B 185 -42.93 -6.28 -25.60
CA SER B 185 -41.83 -5.43 -25.19
C SER B 185 -40.53 -5.93 -25.80
N GLY B 186 -40.35 -7.26 -25.82
CA GLY B 186 -39.13 -7.86 -26.33
C GLY B 186 -38.86 -7.38 -27.74
N ALA B 187 -39.91 -7.14 -28.50
CA ALA B 187 -39.74 -6.67 -29.84
C ALA B 187 -39.03 -5.33 -29.89
N PHE B 188 -39.11 -4.55 -28.81
CA PHE B 188 -38.58 -3.18 -28.85
C PHE B 188 -37.09 -3.13 -28.55
N LEU B 189 -36.51 -4.26 -28.15
CA LEU B 189 -35.09 -4.36 -27.90
C LEU B 189 -34.28 -4.25 -29.18
N SER B 190 -33.18 -3.48 -29.11
CA SER B 190 -32.28 -3.32 -30.25
C SER B 190 -31.64 -4.65 -30.63
N THR B 191 -31.67 -5.62 -29.77
CA THR B 191 -31.04 -6.88 -30.13
C THR B 191 -32.03 -7.84 -30.76
N ALA B 192 -33.29 -7.46 -30.85
CA ALA B 192 -34.33 -8.42 -31.22
C ALA B 192 -34.14 -8.77 -32.66
N GLU B 193 -34.32 -10.04 -32.98
CA GLU B 193 -34.24 -10.51 -34.36
C GLU B 193 -35.68 -10.58 -34.93
N VAL B 194 -36.20 -9.44 -35.43
CA VAL B 194 -37.59 -9.35 -35.88
C VAL B 194 -37.75 -8.38 -37.06
N THR B 195 -38.77 -8.63 -37.88
CA THR B 195 -39.07 -7.79 -39.07
C THR B 195 -39.90 -6.53 -38.78
N ALA B 196 -39.74 -5.53 -39.64
CA ALA B 196 -40.44 -4.25 -39.51
C ALA B 196 -41.97 -4.37 -39.34
N GLU B 197 -42.56 -5.52 -39.67
CA GLU B 197 -44.00 -5.72 -39.49
C GLU B 197 -44.29 -6.42 -38.18
N GLU B 198 -43.40 -7.29 -37.72
CA GLU B 198 -43.60 -7.99 -36.45
C GLU B 198 -43.48 -6.95 -35.33
N MET B 199 -42.64 -5.95 -35.58
CA MET B 199 -42.41 -4.84 -34.65
C MET B 199 -43.58 -3.88 -34.63
N GLN B 200 -44.22 -3.71 -35.78
CA GLN B 200 -45.52 -3.01 -35.91
C GLN B 200 -46.64 -3.74 -35.15
N GLU B 201 -46.80 -5.03 -35.35
CA GLU B 201 -47.86 -5.77 -34.68
C GLU B 201 -47.71 -5.59 -33.18
N ALA B 202 -46.50 -5.84 -32.66
CA ALA B 202 -46.20 -5.74 -31.23
C ALA B 202 -46.37 -4.32 -30.66
N ALA B 203 -46.02 -3.30 -31.44
CA ALA B 203 -46.22 -1.91 -31.06
C ALA B 203 -47.70 -1.59 -30.92
N GLU B 204 -48.46 -1.89 -31.97
CA GLU B 204 -49.89 -1.64 -32.02
C GLU B 204 -50.65 -2.28 -30.85
N GLN B 205 -50.28 -3.52 -30.53
CA GLN B 205 -50.87 -4.28 -29.43
C GLN B 205 -50.61 -3.65 -28.07
N ALA B 206 -49.35 -3.27 -27.88
CA ALA B 206 -48.86 -2.67 -26.65
C ALA B 206 -49.54 -1.32 -26.44
N TYR B 207 -49.64 -0.55 -27.51
CA TYR B 207 -50.30 0.74 -27.42
C TYR B 207 -51.78 0.57 -27.13
N ALA B 208 -52.40 -0.36 -27.84
CA ALA B 208 -53.82 -0.63 -27.73
C ALA B 208 -54.11 -1.08 -26.32
N TYR B 209 -53.34 -2.05 -25.85
CA TYR B 209 -53.45 -2.49 -24.47
C TYR B 209 -53.27 -1.37 -23.43
N MET B 210 -52.30 -0.51 -23.65
CA MET B 210 -51.95 0.43 -22.63
C MET B 210 -53.02 1.54 -22.56
N GLY B 211 -53.54 1.94 -23.73
CA GLY B 211 -54.47 3.06 -23.88
C GLY B 211 -55.79 2.68 -23.26
N ASP B 212 -56.05 1.38 -23.34
CA ASP B 212 -57.18 0.77 -22.79
C ASP B 212 -57.00 0.65 -21.27
N LEU B 213 -55.80 0.30 -20.81
CA LEU B 213 -55.54 0.20 -19.38
C LEU B 213 -55.65 1.54 -18.71
N ILE B 214 -55.13 2.58 -19.38
CA ILE B 214 -55.31 3.96 -18.92
C ILE B 214 -56.77 4.25 -18.78
N ASP B 215 -57.53 3.99 -19.85
CA ASP B 215 -58.99 4.24 -19.84
C ASP B 215 -59.69 3.62 -18.62
N ARG B 216 -59.24 2.44 -18.20
CA ARG B 216 -59.86 1.76 -17.07
C ARG B 216 -59.41 2.36 -15.72
N ARG B 217 -58.14 2.74 -15.60
CA ARG B 217 -57.66 3.35 -14.36
C ARG B 217 -58.24 4.73 -14.18
N ARG B 218 -58.55 5.40 -15.28
CA ARG B 218 -59.21 6.68 -15.16
C ARG B 218 -60.64 6.53 -14.57
N LYS B 219 -61.43 5.57 -15.12
CA LYS B 219 -62.75 5.19 -14.56
C LYS B 219 -62.67 4.66 -13.13
N GLU B 220 -61.70 3.83 -12.80
CA GLU B 220 -61.62 3.24 -11.46
C GLU B 220 -60.16 3.22 -10.91
N PRO B 221 -59.67 4.33 -10.32
CA PRO B 221 -58.24 4.35 -9.96
C PRO B 221 -57.77 3.26 -8.98
N THR B 222 -56.53 2.79 -9.14
CA THR B 222 -55.87 1.98 -8.10
C THR B 222 -54.71 2.78 -7.51
N ASP B 223 -53.71 2.10 -6.96
N ASP B 223 -53.72 2.06 -6.94
CA ASP B 223 -52.60 2.82 -6.35
CA ASP B 223 -52.55 2.67 -6.30
C ASP B 223 -51.31 2.70 -7.20
C ASP B 223 -51.29 2.69 -7.20
N ASP B 224 -51.49 2.40 -8.49
CA ASP B 224 -50.39 2.22 -9.44
C ASP B 224 -49.99 3.52 -10.20
N LEU B 225 -49.00 3.42 -11.07
CA LEU B 225 -48.48 4.61 -11.76
C LEU B 225 -49.46 5.15 -12.78
N VAL B 226 -50.10 4.25 -13.52
CA VAL B 226 -51.02 4.71 -14.54
C VAL B 226 -52.09 5.61 -13.89
N SER B 227 -52.67 5.13 -12.79
CA SER B 227 -53.66 5.85 -11.99
C SER B 227 -53.16 7.22 -11.57
N ALA B 228 -51.99 7.25 -10.92
CA ALA B 228 -51.38 8.48 -10.44
C ALA B 228 -51.00 9.43 -11.59
N LEU B 229 -50.66 8.89 -12.74
CA LEU B 229 -50.41 9.77 -13.86
C LEU B 229 -51.73 10.39 -14.32
N VAL B 230 -52.81 9.59 -14.35
CA VAL B 230 -54.09 10.14 -14.79
C VAL B 230 -54.53 11.28 -13.88
N GLN B 231 -54.30 11.16 -12.58
CA GLN B 231 -54.73 12.21 -11.72
C GLN B 231 -53.66 13.24 -11.32
N ALA B 232 -52.49 13.19 -11.95
CA ALA B 232 -51.51 14.24 -11.67
C ALA B 232 -52.05 15.63 -12.10
N ARG B 233 -51.91 16.61 -11.22
CA ARG B 233 -52.32 17.99 -11.50
C ARG B 233 -51.14 18.93 -11.29
N ASP B 234 -50.90 19.84 -12.22
CA ASP B 234 -49.84 20.83 -12.01
C ASP B 234 -50.39 22.16 -12.41
N GLN B 235 -50.49 23.06 -11.43
CA GLN B 235 -51.15 24.35 -11.63
C GLN B 235 -52.35 24.25 -12.57
N GLN B 236 -53.40 23.53 -12.14
CA GLN B 236 -54.68 23.43 -12.91
C GLN B 236 -54.52 22.75 -14.31
N ASP B 237 -53.32 22.25 -14.59
CA ASP B 237 -53.05 21.48 -15.81
C ASP B 237 -52.98 19.95 -15.53
N SER B 238 -53.08 19.15 -16.59
CA SER B 238 -53.07 17.68 -16.49
C SER B 238 -52.64 17.11 -17.81
N LEU B 239 -52.24 15.85 -17.82
CA LEU B 239 -51.74 15.17 -19.01
C LEU B 239 -52.91 14.78 -19.87
N SER B 240 -52.83 15.02 -21.17
CA SER B 240 -53.89 14.59 -22.06
C SER B 240 -53.89 13.07 -22.27
N GLU B 241 -54.93 12.56 -22.96
CA GLU B 241 -55.04 11.14 -23.31
C GLU B 241 -53.84 10.65 -24.11
N GLN B 242 -53.52 11.36 -25.20
CA GLN B 242 -52.34 11.03 -26.01
C GLN B 242 -51.02 11.11 -25.18
N GLU B 243 -50.85 12.19 -24.41
CA GLU B 243 -49.70 12.29 -23.53
C GLU B 243 -49.57 11.09 -22.58
N LEU B 244 -50.68 10.70 -21.95
CA LEU B 244 -50.64 9.56 -21.03
C LEU B 244 -50.14 8.29 -21.75
N LEU B 245 -50.60 8.10 -22.98
CA LEU B 245 -50.21 6.93 -23.74
C LEU B 245 -48.72 6.92 -24.12
N ASP B 246 -48.26 8.05 -24.64
CA ASP B 246 -46.88 8.21 -25.10
C ASP B 246 -45.92 8.04 -23.94
N LEU B 247 -46.31 8.54 -22.78
CA LEU B 247 -45.49 8.50 -21.59
C LEU B 247 -45.38 7.12 -21.01
N ALA B 248 -46.50 6.42 -20.86
CA ALA B 248 -46.48 5.07 -20.32
C ALA B 248 -45.56 4.20 -21.17
N ILE B 249 -45.83 4.23 -22.47
CA ILE B 249 -44.98 3.55 -23.43
C ILE B 249 -43.54 4.07 -23.38
N GLY B 250 -43.33 5.38 -23.30
CA GLY B 250 -41.97 5.93 -23.27
C GLY B 250 -41.20 5.42 -22.07
N LEU B 251 -41.90 5.20 -20.96
CA LEU B 251 -41.30 4.75 -19.73
C LEU B 251 -40.72 3.34 -19.86
N LEU B 252 -41.49 2.54 -20.59
CA LEU B 252 -41.14 1.17 -20.88
C LEU B 252 -39.91 1.13 -21.75
N VAL B 253 -39.92 1.88 -22.85
CA VAL B 253 -38.74 1.83 -23.70
C VAL B 253 -37.52 2.41 -23.00
N ALA B 254 -37.66 3.58 -22.36
CA ALA B 254 -36.55 4.14 -21.59
C ALA B 254 -36.07 3.17 -20.54
N GLY B 255 -36.99 2.37 -20.01
CA GLY B 255 -36.78 1.66 -18.79
C GLY B 255 -36.41 0.19 -18.90
N TYR B 256 -36.43 -0.35 -20.11
CA TYR B 256 -36.22 -1.79 -20.29
C TYR B 256 -34.79 -2.08 -20.75
N GLU B 257 -34.48 -1.77 -22.01
CA GLU B 257 -33.20 -2.16 -22.54
C GLU B 257 -32.02 -1.69 -21.65
N SER B 258 -32.15 -0.46 -21.19
CA SER B 258 -31.12 0.18 -20.39
C SER B 258 -30.83 -0.71 -19.18
N THR B 259 -31.85 -0.97 -18.36
CA THR B 259 -31.67 -1.67 -17.10
C THR B 259 -31.23 -3.09 -17.35
N THR B 260 -31.77 -3.70 -18.42
CA THR B 260 -31.42 -5.09 -18.79
C THR B 260 -29.95 -5.23 -19.06
N THR B 261 -29.44 -4.37 -19.93
CA THR B 261 -28.09 -4.47 -20.42
C THR B 261 -27.15 -4.18 -19.27
N GLN B 262 -27.61 -3.32 -18.37
CA GLN B 262 -26.77 -2.92 -17.23
C GLN B 262 -26.75 -4.02 -16.15
N ILE B 263 -27.90 -4.69 -15.94
CA ILE B 263 -27.92 -5.91 -15.12
C ILE B 263 -26.91 -6.87 -15.66
N ALA B 264 -26.96 -7.13 -16.96
CA ALA B 264 -26.00 -8.05 -17.58
C ALA B 264 -24.55 -7.62 -17.39
N ASP B 265 -24.26 -6.33 -17.58
CA ASP B 265 -22.87 -5.86 -17.52
C ASP B 265 -22.30 -5.99 -16.09
N PHE B 266 -23.08 -5.54 -15.12
CA PHE B 266 -22.72 -5.62 -13.69
C PHE B 266 -22.41 -7.07 -13.27
N VAL B 267 -23.26 -8.00 -13.70
CA VAL B 267 -23.05 -9.41 -13.32
C VAL B 267 -21.84 -10.03 -14.08
N TYR B 268 -21.66 -9.62 -15.34
CA TYR B 268 -20.43 -9.89 -16.09
C TYR B 268 -19.23 -9.46 -15.26
N LEU B 269 -19.28 -8.26 -14.71
CA LEU B 269 -18.17 -7.75 -13.92
C LEU B 269 -17.97 -8.56 -12.63
N LEU B 270 -19.06 -8.89 -11.93
CA LEU B 270 -19.01 -9.74 -10.71
C LEU B 270 -18.31 -11.10 -10.83
N MET B 271 -18.56 -11.75 -11.95
CA MET B 271 -18.18 -13.11 -12.11
C MET B 271 -16.73 -13.11 -12.55
N THR B 272 -16.26 -11.98 -13.04
CA THR B 272 -14.91 -11.97 -13.54
C THR B 272 -13.95 -11.25 -12.65
N ARG B 273 -14.43 -10.76 -11.52
CA ARG B 273 -13.57 -9.99 -10.61
C ARG B 273 -13.83 -10.41 -9.19
N PRO B 274 -13.12 -11.47 -8.75
CA PRO B 274 -13.29 -12.13 -7.47
C PRO B 274 -13.29 -11.14 -6.32
N GLU B 275 -12.44 -10.12 -6.41
CA GLU B 275 -12.38 -9.11 -5.37
C GLU B 275 -13.72 -8.34 -5.23
N LEU B 276 -14.28 -7.92 -6.36
CA LEU B 276 -15.60 -7.29 -6.35
C LEU B 276 -16.67 -8.18 -5.74
N ARG B 277 -16.70 -9.44 -6.17
CA ARG B 277 -17.65 -10.44 -5.68
C ARG B 277 -17.51 -10.70 -4.16
N ARG B 278 -16.27 -10.88 -3.68
CA ARG B 278 -16.08 -11.08 -2.25
C ARG B 278 -16.56 -9.91 -1.44
N GLN B 279 -16.28 -8.67 -1.87
CA GLN B 279 -16.68 -7.48 -1.05
C GLN B 279 -18.18 -7.41 -0.88
N LEU B 280 -18.90 -7.80 -1.92
CA LEU B 280 -20.34 -7.80 -1.86
C LEU B 280 -20.91 -9.00 -1.07
N LEU B 281 -20.23 -10.14 -1.08
CA LEU B 281 -20.68 -11.28 -0.25
C LEU B 281 -20.39 -11.00 1.20
N ASP B 282 -19.17 -10.51 1.47
CA ASP B 282 -18.75 -10.21 2.87
C ASP B 282 -19.66 -9.13 3.46
N ARG B 283 -19.84 -8.01 2.73
CA ARG B 283 -20.67 -6.90 3.21
C ARG B 283 -21.77 -6.51 2.21
N PRO B 284 -22.94 -7.21 2.23
CA PRO B 284 -24.00 -6.86 1.24
C PRO B 284 -24.50 -5.43 1.34
N GLU B 285 -24.29 -4.80 2.48
CA GLU B 285 -24.67 -3.40 2.65
C GLU B 285 -23.92 -2.46 1.69
N LEU B 286 -22.88 -2.94 1.02
CA LEU B 286 -22.20 -2.11 0.02
C LEU B 286 -22.79 -2.15 -1.37
N ILE B 287 -23.93 -2.83 -1.51
CA ILE B 287 -24.53 -2.99 -2.83
C ILE B 287 -24.99 -1.64 -3.42
N PRO B 288 -25.77 -0.85 -2.65
CA PRO B 288 -26.19 0.47 -3.20
C PRO B 288 -24.98 1.29 -3.76
N SER B 289 -23.88 1.26 -3.01
CA SER B 289 -22.76 2.08 -3.37
C SER B 289 -21.94 1.43 -4.53
N ALA B 290 -21.90 0.10 -4.51
CA ALA B 290 -21.42 -0.71 -5.62
C ALA B 290 -22.13 -0.37 -6.91
N VAL B 291 -23.44 -0.15 -6.85
CA VAL B 291 -24.20 0.19 -8.07
C VAL B 291 -23.83 1.55 -8.64
N GLU B 292 -23.58 2.50 -7.75
CA GLU B 292 -23.22 3.83 -8.14
C GLU B 292 -21.86 3.76 -8.82
N GLU B 293 -20.94 3.01 -8.21
CA GLU B 293 -19.63 2.90 -8.72
C GLU B 293 -19.69 2.16 -10.06
N LEU B 294 -20.53 1.12 -10.19
CA LEU B 294 -20.48 0.45 -11.48
C LEU B 294 -21.22 1.26 -12.55
N THR B 295 -22.22 2.05 -12.17
CA THR B 295 -22.86 2.93 -13.16
C THR B 295 -21.83 3.96 -13.69
N ARG B 296 -20.93 4.39 -12.79
CA ARG B 296 -19.88 5.30 -13.15
C ARG B 296 -18.94 4.60 -14.15
N TRP B 297 -18.47 3.42 -13.77
CA TRP B 297 -17.35 2.80 -14.42
C TRP B 297 -17.69 2.22 -15.77
N VAL B 298 -18.88 1.65 -15.92
CA VAL B 298 -19.20 0.98 -17.17
C VAL B 298 -19.55 2.05 -18.22
N PRO B 299 -18.82 2.10 -19.34
CA PRO B 299 -19.21 3.02 -20.38
C PRO B 299 -20.21 2.26 -21.22
N LEU B 300 -21.43 2.26 -20.72
CA LEU B 300 -22.50 1.46 -21.24
C LEU B 300 -22.79 1.78 -22.70
N GLY B 301 -22.81 3.04 -23.06
CA GLY B 301 -23.21 3.42 -24.42
C GLY B 301 -22.14 3.05 -25.44
N VAL B 302 -22.55 2.54 -26.60
CA VAL B 302 -21.58 2.36 -27.68
C VAL B 302 -20.94 3.73 -27.99
N GLY B 303 -21.77 4.76 -28.09
CA GLY B 303 -21.32 6.11 -28.36
C GLY B 303 -21.72 6.99 -27.20
N THR B 304 -22.49 8.05 -27.48
CA THR B 304 -22.75 9.06 -26.44
C THR B 304 -24.23 9.27 -26.11
N ALA B 305 -24.48 10.13 -25.14
CA ALA B 305 -25.79 10.73 -24.98
C ALA B 305 -26.28 11.36 -26.29
N PHE B 306 -27.59 11.57 -26.37
CA PHE B 306 -28.24 12.11 -27.53
C PHE B 306 -27.71 13.48 -27.88
N PRO B 307 -27.52 13.73 -29.18
CA PRO B 307 -26.91 14.96 -29.63
C PRO B 307 -27.64 16.17 -29.06
N ARG B 308 -26.87 17.11 -28.54
CA ARG B 308 -27.40 18.41 -28.18
C ARG B 308 -27.12 19.35 -29.32
N TYR B 309 -28.00 20.29 -29.57
CA TYR B 309 -27.78 21.24 -30.66
C TYR B 309 -27.65 22.64 -30.11
N ALA B 310 -26.66 23.37 -30.58
CA ALA B 310 -26.42 24.71 -30.07
C ALA B 310 -27.51 25.64 -30.61
N VAL B 311 -28.18 26.41 -29.72
CA VAL B 311 -29.20 27.34 -30.23
C VAL B 311 -28.57 28.61 -30.79
N GLU B 312 -27.35 28.87 -30.35
CA GLU B 312 -26.60 30.05 -30.77
C GLU B 312 -25.15 29.65 -30.69
N ASP B 313 -24.27 30.48 -31.25
CA ASP B 313 -22.84 30.29 -31.11
C ASP B 313 -22.41 30.20 -29.66
N VAL B 314 -21.67 29.16 -29.35
CA VAL B 314 -21.13 28.87 -28.00
C VAL B 314 -19.63 28.55 -28.13
N THR B 315 -18.83 29.00 -27.17
CA THR B 315 -17.39 28.72 -27.18
C THR B 315 -17.11 27.79 -26.03
N LEU B 316 -16.20 26.83 -26.23
CA LEU B 316 -15.95 25.81 -25.22
C LEU B 316 -14.51 25.32 -25.36
N ARG B 317 -13.69 25.47 -24.31
CA ARG B 317 -12.23 25.24 -24.41
C ARG B 317 -11.74 25.95 -25.67
N GLY B 318 -12.16 27.20 -25.79
CA GLY B 318 -11.69 28.07 -26.83
C GLY B 318 -12.07 27.75 -28.26
N VAL B 319 -12.92 26.74 -28.49
CA VAL B 319 -13.39 26.50 -29.85
C VAL B 319 -14.83 26.89 -30.05
N THR B 320 -15.12 27.51 -31.19
CA THR B 320 -16.48 27.95 -31.41
C THR B 320 -17.41 26.92 -32.04
N ILE B 321 -18.46 26.54 -31.29
CA ILE B 321 -19.55 25.70 -31.77
C ILE B 321 -20.61 26.61 -32.37
N ARG B 322 -20.96 26.43 -33.64
CA ARG B 322 -21.89 27.34 -34.23
C ARG B 322 -23.36 26.92 -34.14
N ALA B 323 -24.21 27.92 -34.15
CA ALA B 323 -25.60 27.73 -33.98
C ALA B 323 -26.04 26.57 -34.85
N GLY B 324 -26.73 25.62 -34.23
CA GLY B 324 -27.40 24.62 -34.98
C GLY B 324 -26.53 23.39 -35.09
N GLU B 325 -25.28 23.48 -34.64
CA GLU B 325 -24.38 22.31 -34.75
C GLU B 325 -24.56 21.27 -33.64
N PRO B 326 -24.50 19.97 -34.01
CA PRO B 326 -24.73 18.89 -33.07
C PRO B 326 -23.52 18.64 -32.22
N VAL B 327 -23.76 18.56 -30.90
CA VAL B 327 -22.71 18.21 -29.97
C VAL B 327 -22.99 16.88 -29.28
N LEU B 328 -21.96 16.01 -29.25
CA LEU B 328 -21.98 14.68 -28.60
C LEU B 328 -21.19 14.68 -27.29
N ALA B 329 -21.88 14.48 -26.19
CA ALA B 329 -21.26 14.65 -24.88
C ALA B 329 -21.09 13.29 -24.23
N SER B 330 -19.88 12.74 -24.23
CA SER B 330 -19.68 11.37 -23.65
C SER B 330 -19.63 11.29 -22.08
N THR B 331 -20.74 10.86 -21.48
CA THR B 331 -20.83 10.48 -20.05
C THR B 331 -19.91 9.26 -19.70
N GLY B 332 -19.84 8.28 -20.61
CA GLY B 332 -18.86 7.20 -20.54
C GLY B 332 -17.46 7.78 -20.32
N ALA B 333 -17.02 8.68 -21.20
CA ALA B 333 -15.67 9.26 -21.05
C ALA B 333 -15.71 10.14 -19.83
N ALA B 334 -16.77 10.93 -19.69
CA ALA B 334 -16.87 11.84 -18.53
C ALA B 334 -16.64 11.08 -17.21
N ASN B 335 -17.20 9.88 -17.09
CA ASN B 335 -17.20 9.19 -15.82
C ASN B 335 -15.86 8.48 -15.63
N ARG B 336 -15.02 8.51 -16.65
CA ARG B 336 -13.67 7.98 -16.54
C ARG B 336 -12.57 9.09 -16.67
N ASP B 337 -12.93 10.34 -16.38
CA ASP B 337 -12.03 11.48 -16.49
C ASP B 337 -11.19 11.50 -15.22
N GLN B 338 -9.89 11.34 -15.37
CA GLN B 338 -8.98 11.29 -14.23
C GLN B 338 -8.93 12.60 -13.51
N ALA B 339 -9.46 13.66 -14.12
CA ALA B 339 -9.42 14.98 -13.46
C ALA B 339 -10.48 15.04 -12.38
N GLN B 340 -11.49 14.18 -12.51
CA GLN B 340 -12.65 14.24 -11.66
C GLN B 340 -12.72 13.09 -10.72
N PHE B 341 -12.23 11.93 -11.19
CA PHE B 341 -12.30 10.75 -10.35
C PHE B 341 -10.93 10.15 -10.04
N PRO B 342 -10.49 10.29 -8.77
CA PRO B 342 -9.14 9.77 -8.50
C PRO B 342 -8.98 8.28 -8.94
N ASP B 343 -8.00 8.00 -9.81
CA ASP B 343 -7.74 6.62 -10.26
C ASP B 343 -8.98 6.13 -10.92
N ALA B 344 -9.33 6.75 -12.04
CA ALA B 344 -10.69 6.63 -12.57
C ALA B 344 -10.98 5.25 -13.11
N ASP B 345 -9.91 4.53 -13.48
CA ASP B 345 -10.06 3.22 -14.10
C ASP B 345 -10.22 2.10 -13.06
N ARG B 346 -10.10 2.47 -11.81
CA ARG B 346 -10.30 1.50 -10.75
C ARG B 346 -11.79 1.39 -10.31
N ILE B 347 -12.31 0.17 -10.19
CA ILE B 347 -13.59 -0.01 -9.51
C ILE B 347 -13.43 -0.09 -7.99
N ASP B 348 -13.91 0.94 -7.30
CA ASP B 348 -13.82 0.99 -5.86
C ASP B 348 -15.24 1.16 -5.39
N VAL B 349 -15.79 0.09 -4.83
CA VAL B 349 -17.20 0.11 -4.45
C VAL B 349 -17.51 1.12 -3.35
N ASP B 350 -16.46 1.63 -2.68
CA ASP B 350 -16.57 2.62 -1.60
C ASP B 350 -16.25 4.02 -2.08
N ARG B 351 -16.17 4.21 -3.39
CA ARG B 351 -15.76 5.50 -3.92
C ARG B 351 -16.61 6.64 -3.32
N THR B 352 -15.96 7.63 -2.74
CA THR B 352 -16.61 8.84 -2.22
C THR B 352 -15.69 10.05 -2.38
N PRO B 353 -16.18 11.12 -3.01
CA PRO B 353 -17.51 11.33 -3.63
C PRO B 353 -17.64 10.60 -4.99
N ASN B 354 -18.86 10.51 -5.50
CA ASN B 354 -19.12 9.78 -6.72
C ASN B 354 -20.29 10.47 -7.43
N GLN B 355 -19.99 11.65 -7.98
CA GLN B 355 -20.98 12.44 -8.71
C GLN B 355 -20.95 12.15 -10.23
N HIS B 356 -21.24 10.89 -10.58
CA HIS B 356 -21.02 10.41 -11.95
C HIS B 356 -22.17 10.91 -12.81
N LEU B 357 -22.00 10.82 -14.13
CA LEU B 357 -23.03 11.19 -15.12
C LEU B 357 -23.71 9.97 -15.78
N GLY B 358 -23.65 8.81 -15.13
CA GLY B 358 -24.29 7.63 -15.68
C GLY B 358 -25.80 7.74 -15.92
N PHE B 359 -26.46 8.58 -15.13
CA PHE B 359 -27.86 8.80 -15.34
C PHE B 359 -28.09 10.15 -15.98
N GLY B 360 -27.09 10.65 -16.71
CA GLY B 360 -27.21 11.95 -17.36
C GLY B 360 -27.19 13.07 -16.36
N HIS B 361 -27.61 14.27 -16.80
CA HIS B 361 -27.40 15.50 -16.05
C HIS B 361 -28.23 16.60 -16.70
N GLY B 362 -28.73 17.53 -15.90
CA GLY B 362 -29.53 18.62 -16.44
C GLY B 362 -31.00 18.20 -16.49
N VAL B 363 -31.80 18.98 -17.23
CA VAL B 363 -33.24 18.74 -17.25
C VAL B 363 -33.65 17.35 -17.74
N HIS B 364 -32.83 16.68 -18.55
CA HIS B 364 -33.15 15.32 -18.96
C HIS B 364 -32.54 14.22 -18.10
N HIS B 365 -31.94 14.53 -16.95
CA HIS B 365 -31.34 13.42 -16.21
C HIS B 365 -32.43 12.36 -15.95
N CYS B 366 -31.99 11.10 -15.95
CA CYS B 366 -32.87 9.94 -16.02
C CYS B 366 -33.91 10.05 -14.95
N LEU B 367 -35.18 10.20 -15.33
CA LEU B 367 -36.24 10.28 -14.35
C LEU B 367 -36.58 8.91 -13.76
N GLY B 368 -36.11 7.86 -14.40
CA GLY B 368 -36.23 6.49 -13.86
C GLY B 368 -35.16 6.07 -12.87
N ALA B 369 -34.11 6.88 -12.75
CA ALA B 369 -32.96 6.59 -11.83
C ALA B 369 -33.34 5.91 -10.51
N PRO B 370 -34.30 6.47 -9.76
CA PRO B 370 -34.48 5.78 -8.47
C PRO B 370 -34.92 4.30 -8.64
N LEU B 371 -35.79 4.01 -9.61
CA LEU B 371 -36.25 2.65 -9.81
C LEU B 371 -35.16 1.77 -10.41
N ALA B 372 -34.37 2.38 -11.31
CA ALA B 372 -33.25 1.69 -11.89
C ALA B 372 -32.29 1.24 -10.77
N ARG B 373 -32.00 2.14 -9.85
CA ARG B 373 -31.14 1.79 -8.71
C ARG B 373 -31.74 0.65 -7.86
N VAL B 374 -33.05 0.71 -7.60
CA VAL B 374 -33.69 -0.32 -6.85
C VAL B 374 -33.51 -1.62 -7.64
N GLU B 375 -33.74 -1.58 -8.94
CA GLU B 375 -33.67 -2.84 -9.69
C GLU B 375 -32.26 -3.45 -9.67
N LEU B 376 -31.24 -2.60 -9.90
CA LEU B 376 -29.85 -3.06 -9.92
C LEU B 376 -29.40 -3.46 -8.52
N GLN B 377 -29.94 -2.83 -7.49
CA GLN B 377 -29.54 -3.24 -6.16
C GLN B 377 -30.06 -4.60 -5.94
N VAL B 378 -31.33 -4.83 -6.32
CA VAL B 378 -32.01 -6.12 -6.06
C VAL B 378 -31.38 -7.27 -6.86
N ALA B 379 -31.10 -7.01 -8.13
CA ALA B 379 -30.53 -8.04 -8.96
C ALA B 379 -29.25 -8.52 -8.29
N LEU B 380 -28.49 -7.59 -7.73
CA LEU B 380 -27.26 -7.97 -7.04
C LEU B 380 -27.58 -8.75 -5.75
N GLU B 381 -28.51 -8.22 -4.97
CA GLU B 381 -28.82 -8.80 -3.67
C GLU B 381 -29.22 -10.25 -3.84
N VAL B 382 -30.11 -10.48 -4.80
CA VAL B 382 -30.71 -11.80 -4.96
C VAL B 382 -29.71 -12.81 -5.54
N LEU B 383 -29.15 -12.47 -6.71
CA LEU B 383 -28.12 -13.27 -7.32
C LEU B 383 -27.02 -13.65 -6.37
N LEU B 384 -26.51 -12.72 -5.57
CA LEU B 384 -25.42 -13.08 -4.66
C LEU B 384 -25.91 -13.98 -3.51
N GLN B 385 -27.16 -13.72 -3.11
CA GLN B 385 -27.79 -14.50 -2.05
C GLN B 385 -28.06 -15.95 -2.49
N ARG B 386 -28.59 -16.09 -3.70
CA ARG B 386 -29.09 -17.39 -4.16
C ARG B 386 -28.00 -18.22 -4.83
N LEU B 387 -27.07 -17.53 -5.48
CA LEU B 387 -26.02 -18.15 -6.30
C LEU B 387 -24.64 -17.54 -6.00
N PRO B 388 -24.24 -17.48 -4.71
CA PRO B 388 -22.94 -16.95 -4.35
C PRO B 388 -21.79 -17.39 -5.24
N GLY B 389 -21.90 -18.56 -5.87
CA GLY B 389 -20.77 -19.08 -6.63
C GLY B 389 -20.93 -18.81 -8.11
N ILE B 390 -22.00 -18.11 -8.48
CA ILE B 390 -22.27 -17.82 -9.90
C ILE B 390 -21.00 -17.38 -10.65
N ARG B 391 -20.76 -17.98 -11.81
CA ARG B 391 -19.57 -17.65 -12.61
C ARG B 391 -19.82 -18.07 -14.04
N LEU B 392 -18.98 -17.64 -14.96
CA LEU B 392 -19.13 -18.03 -16.37
C LEU B 392 -18.96 -19.54 -16.58
N GLY B 393 -19.68 -20.08 -17.55
CA GLY B 393 -19.59 -21.49 -17.91
C GLY B 393 -18.92 -21.69 -19.26
N ILE B 394 -18.39 -20.62 -19.85
CA ILE B 394 -17.54 -20.73 -21.05
C ILE B 394 -16.39 -19.76 -20.85
N PRO B 395 -15.26 -19.95 -21.55
CA PRO B 395 -14.21 -18.98 -21.28
C PRO B 395 -14.70 -17.59 -21.65
N GLU B 396 -14.34 -16.61 -20.83
CA GLU B 396 -14.55 -15.20 -21.10
C GLU B 396 -14.26 -14.76 -22.55
N THR B 397 -13.24 -15.33 -23.18
CA THR B 397 -12.90 -14.99 -24.59
C THR B 397 -13.91 -15.55 -25.62
N GLN B 398 -14.81 -16.44 -25.20
CA GLN B 398 -15.78 -16.99 -26.13
C GLN B 398 -17.14 -16.33 -26.03
N LEU B 399 -17.27 -15.31 -25.18
CA LEU B 399 -18.52 -14.60 -25.00
C LEU B 399 -18.97 -13.90 -26.25
N ARG B 400 -20.26 -13.94 -26.51
CA ARG B 400 -20.79 -13.23 -27.66
C ARG B 400 -21.37 -11.89 -27.24
N TRP B 401 -20.88 -10.82 -27.86
CA TRP B 401 -21.29 -9.46 -27.52
C TRP B 401 -22.35 -8.96 -28.47
N SER B 402 -23.20 -8.08 -27.99
CA SER B 402 -24.26 -7.52 -28.80
C SER B 402 -23.71 -6.53 -29.77
N GLU B 403 -24.22 -6.58 -30.98
CA GLU B 403 -23.80 -5.69 -32.06
C GLU B 403 -25.01 -4.88 -32.48
N GLY B 404 -25.90 -4.63 -31.52
CA GLY B 404 -27.07 -3.76 -31.73
C GLY B 404 -26.65 -2.31 -31.97
N MET B 405 -25.44 -1.94 -31.49
CA MET B 405 -24.88 -0.60 -31.71
C MET B 405 -25.54 0.54 -30.89
N LEU B 406 -26.46 0.24 -29.96
CA LEU B 406 -26.81 1.26 -28.95
C LEU B 406 -26.07 1.06 -27.62
N LEU B 407 -26.20 -0.12 -27.03
CA LEU B 407 -25.64 -0.36 -25.69
C LEU B 407 -24.67 -1.51 -25.81
N ARG B 408 -23.80 -1.68 -24.86
CA ARG B 408 -22.82 -2.73 -24.97
C ARG B 408 -23.05 -3.75 -23.89
N GLY B 409 -23.24 -4.99 -24.28
CA GLY B 409 -23.40 -6.03 -23.25
C GLY B 409 -23.51 -7.33 -24.00
N PRO B 410 -23.38 -8.44 -23.26
CA PRO B 410 -23.37 -9.79 -23.79
C PRO B 410 -24.71 -10.15 -24.36
N LEU B 411 -24.70 -10.86 -25.50
CA LEU B 411 -25.95 -11.46 -26.03
C LEU B 411 -26.45 -12.59 -25.16
N GLU B 412 -25.52 -13.35 -24.58
CA GLU B 412 -25.82 -14.50 -23.72
C GLU B 412 -24.77 -14.56 -22.67
N LEU B 413 -25.18 -14.86 -21.46
CA LEU B 413 -24.27 -15.11 -20.38
C LEU B 413 -24.53 -16.49 -19.83
N PRO B 414 -23.80 -17.50 -20.30
CA PRO B 414 -24.11 -18.83 -19.79
C PRO B 414 -23.39 -18.98 -18.49
N VAL B 415 -24.13 -19.14 -17.40
CA VAL B 415 -23.52 -19.17 -16.07
C VAL B 415 -23.62 -20.54 -15.41
N VAL B 416 -22.65 -20.85 -14.54
CA VAL B 416 -22.78 -21.99 -13.65
C VAL B 416 -22.69 -21.49 -12.24
N TRP B 417 -23.06 -22.35 -11.31
CA TRP B 417 -23.00 -22.01 -9.91
C TRP B 417 -22.91 -23.29 -9.08
N GLU C 25 27.88 -12.11 -5.99
CA GLU C 25 27.80 -11.69 -4.54
C GLU C 25 26.96 -12.65 -3.66
N PRO C 26 25.83 -13.16 -4.19
CA PRO C 26 24.96 -13.89 -3.25
C PRO C 26 25.27 -15.38 -3.10
N ARG C 27 25.08 -15.89 -1.90
CA ARG C 27 25.36 -17.28 -1.62
C ARG C 27 24.06 -18.10 -1.74
N ALA C 28 24.23 -19.32 -2.26
CA ALA C 28 23.16 -20.28 -2.35
C ALA C 28 22.71 -20.58 -0.94
N TYR C 29 21.41 -20.46 -0.73
CA TYR C 29 20.88 -20.68 0.58
C TYR C 29 19.87 -21.79 0.38
N PRO C 30 19.60 -22.65 1.39
CA PRO C 30 20.02 -22.78 2.78
C PRO C 30 21.44 -23.29 2.95
N PHE C 31 21.99 -23.07 4.13
CA PHE C 31 23.32 -23.51 4.40
C PHE C 31 23.24 -24.86 5.05
N ASN C 32 22.16 -25.09 5.80
CA ASN C 32 22.08 -26.27 6.67
C ASN C 32 21.91 -27.51 5.82
N ASP C 33 22.59 -28.58 6.22
CA ASP C 33 22.35 -29.85 5.62
C ASP C 33 21.12 -30.42 6.31
N VAL C 34 20.11 -30.83 5.55
CA VAL C 34 18.93 -31.43 6.16
C VAL C 34 19.17 -32.78 6.85
N HIS C 35 20.27 -33.46 6.52
CA HIS C 35 20.51 -34.83 7.00
C HIS C 35 21.11 -34.84 8.42
N GLY C 36 20.46 -34.12 9.34
CA GLY C 36 20.99 -33.88 10.68
C GLY C 36 20.61 -32.52 11.24
N LEU C 37 21.05 -32.26 12.47
CA LEU C 37 20.75 -31.00 13.13
C LEU C 37 21.95 -30.06 13.30
N THR C 38 22.94 -30.19 12.43
CA THR C 38 24.14 -29.38 12.57
C THR C 38 23.85 -27.95 12.15
N LEU C 39 24.31 -26.98 12.93
CA LEU C 39 24.22 -25.61 12.49
C LEU C 39 25.29 -25.41 11.45
N ALA C 40 24.97 -24.98 10.22
CA ALA C 40 26.02 -24.83 9.22
C ALA C 40 27.09 -23.82 9.66
N GLY C 41 28.35 -24.14 9.37
CA GLY C 41 29.47 -23.27 9.72
C GLY C 41 29.41 -21.92 9.06
N ARG C 42 28.84 -21.85 7.86
CA ARG C 42 28.73 -20.60 7.15
C ARG C 42 28.14 -19.49 8.06
N TYR C 43 27.26 -19.89 8.97
CA TYR C 43 26.53 -18.96 9.76
C TYR C 43 27.41 -18.17 10.69
N GLY C 44 28.32 -18.88 11.38
CA GLY C 44 29.15 -18.27 12.40
C GLY C 44 30.12 -17.36 11.68
N GLU C 45 30.69 -17.89 10.60
CA GLU C 45 31.51 -17.12 9.71
C GLU C 45 30.85 -15.78 9.34
N LEU C 46 29.60 -15.78 8.88
CA LEU C 46 28.92 -14.52 8.55
C LEU C 46 28.59 -13.63 9.80
N GLN C 47 28.21 -14.22 10.93
CA GLN C 47 28.04 -13.42 12.13
C GLN C 47 29.30 -12.61 12.43
N GLU C 48 30.45 -13.17 12.11
CA GLU C 48 31.71 -12.52 12.31
C GLU C 48 32.06 -11.52 11.21
N THR C 49 31.97 -11.91 9.94
CA THR C 49 32.57 -11.09 8.85
C THR C 49 31.58 -10.39 7.89
N GLU C 50 30.32 -10.81 7.94
CA GLU C 50 29.26 -10.23 7.11
C GLU C 50 27.89 -10.52 7.73
N PRO C 51 27.55 -9.78 8.80
CA PRO C 51 26.34 -10.05 9.58
C PRO C 51 25.06 -9.85 8.81
N VAL C 52 25.08 -9.02 7.78
CA VAL C 52 23.94 -8.79 6.86
C VAL C 52 24.48 -9.12 5.45
N SER C 53 23.95 -10.16 4.83
CA SER C 53 24.54 -10.69 3.62
C SER C 53 23.49 -11.08 2.60
N ARG C 54 23.91 -11.37 1.38
CA ARG C 54 22.97 -11.71 0.32
C ARG C 54 22.88 -13.19 0.15
N VAL C 55 21.64 -13.67 0.06
CA VAL C 55 21.44 -15.04 -0.35
C VAL C 55 20.47 -15.23 -1.53
N ARG C 56 20.55 -16.40 -2.14
CA ARG C 56 19.70 -16.78 -3.26
C ARG C 56 19.15 -18.14 -2.87
N PRO C 57 17.85 -18.22 -2.52
CA PRO C 57 17.28 -19.48 -2.08
C PRO C 57 16.80 -20.29 -3.29
N PRO C 58 16.40 -21.56 -3.10
CA PRO C 58 15.91 -22.39 -4.21
C PRO C 58 14.68 -21.83 -4.93
N TYR C 59 13.82 -21.12 -4.20
CA TYR C 59 12.69 -20.44 -4.84
C TYR C 59 12.45 -19.11 -4.25
N GLY C 60 11.79 -18.26 -5.04
CA GLY C 60 11.51 -16.90 -4.63
C GLY C 60 12.73 -16.02 -4.81
N GLU C 61 12.65 -14.83 -4.22
CA GLU C 61 13.62 -13.80 -4.50
C GLU C 61 14.95 -13.94 -3.79
N GLU C 62 15.99 -13.31 -4.35
CA GLU C 62 17.21 -13.18 -3.56
C GLU C 62 16.85 -12.22 -2.42
N ALA C 63 17.57 -12.30 -1.31
CA ALA C 63 17.14 -11.70 -0.06
C ALA C 63 18.29 -11.41 0.86
N TRP C 64 18.08 -10.50 1.81
CA TRP C 64 19.07 -10.25 2.87
C TRP C 64 18.99 -11.33 3.94
N LEU C 65 20.11 -11.62 4.59
CA LEU C 65 20.18 -12.64 5.61
C LEU C 65 20.85 -12.00 6.78
N VAL C 66 20.19 -12.07 7.94
CA VAL C 66 20.64 -11.42 9.15
C VAL C 66 20.90 -12.55 10.14
N THR C 67 22.07 -12.58 10.75
CA THR C 67 22.47 -13.74 11.53
C THR C 67 22.85 -13.50 13.01
N ARG C 68 23.17 -12.25 13.39
CA ARG C 68 23.55 -12.02 14.78
C ARG C 68 22.31 -11.96 15.66
N TYR C 69 22.38 -12.57 16.84
CA TYR C 69 21.30 -12.51 17.80
C TYR C 69 20.68 -11.11 17.92
N GLU C 70 21.52 -10.08 17.95
CA GLU C 70 21.07 -8.74 18.18
C GLU C 70 20.24 -8.24 17.03
N ASP C 71 20.70 -8.58 15.84
CA ASP C 71 20.12 -8.09 14.60
C ASP C 71 18.85 -8.87 14.20
N VAL C 72 18.75 -10.14 14.58
CA VAL C 72 17.61 -10.95 14.28
C VAL C 72 16.48 -10.44 15.15
N ARG C 73 16.80 -10.28 16.41
CA ARG C 73 15.90 -9.74 17.38
C ARG C 73 15.41 -8.35 16.95
N ALA C 74 16.35 -7.51 16.50
CA ALA C 74 16.03 -6.16 16.05
C ALA C 74 15.08 -6.22 14.89
N VAL C 75 15.34 -7.08 13.93
CA VAL C 75 14.44 -7.20 12.77
C VAL C 75 13.03 -7.67 13.14
N LEU C 76 12.94 -8.57 14.11
CA LEU C 76 11.64 -9.12 14.38
C LEU C 76 10.88 -8.09 15.21
N GLY C 77 11.59 -7.25 15.96
CA GLY C 77 10.90 -6.35 16.90
C GLY C 77 10.60 -4.98 16.36
N ASP C 78 10.86 -4.72 15.09
CA ASP C 78 10.95 -3.35 14.54
C ASP C 78 9.75 -3.07 13.65
N GLY C 79 9.10 -1.97 13.93
CA GLY C 79 7.89 -1.61 13.21
C GLY C 79 8.08 -1.33 11.76
N ARG C 80 9.32 -1.44 11.26
CA ARG C 80 9.58 -1.17 9.88
C ARG C 80 9.70 -2.47 9.06
N PHE C 81 9.65 -3.62 9.70
CA PHE C 81 9.72 -4.87 8.94
C PHE C 81 8.43 -5.63 9.05
N VAL C 82 7.78 -5.87 7.91
CA VAL C 82 6.38 -6.28 7.88
C VAL C 82 6.21 -7.64 7.17
N ARG C 83 5.07 -8.30 7.42
CA ARG C 83 4.72 -9.52 6.73
C ARG C 83 3.64 -9.35 5.66
N GLY C 84 2.83 -8.28 5.78
CA GLY C 84 1.83 -7.90 4.75
C GLY C 84 2.19 -8.24 3.31
N PRO C 85 3.36 -7.75 2.82
CA PRO C 85 3.74 -8.07 1.45
C PRO C 85 3.81 -9.57 1.10
N SER C 86 3.82 -10.48 2.08
CA SER C 86 3.89 -11.90 1.74
C SER C 86 2.78 -12.34 0.78
N MET C 87 1.58 -11.77 0.98
CA MET C 87 0.43 -12.15 0.18
C MET C 87 0.57 -11.80 -1.27
N THR C 88 1.61 -11.02 -1.60
CA THR C 88 1.69 -10.48 -2.94
C THR C 88 3.09 -10.50 -3.46
N ARG C 89 3.95 -11.34 -2.88
CA ARG C 89 5.34 -11.41 -3.30
C ARG C 89 5.77 -12.87 -3.39
N ASP C 90 6.80 -13.11 -4.21
CA ASP C 90 7.45 -14.40 -4.34
C ASP C 90 8.49 -14.62 -3.19
N GLU C 91 8.01 -15.14 -2.06
CA GLU C 91 8.81 -15.22 -0.82
C GLU C 91 9.99 -16.15 -1.01
N PRO C 92 11.21 -15.67 -0.62
CA PRO C 92 12.36 -16.57 -0.51
C PRO C 92 11.99 -17.78 0.33
N ARG C 93 11.99 -18.95 -0.28
CA ARG C 93 11.63 -20.17 0.44
C ARG C 93 12.40 -21.39 -0.08
N THR C 94 12.28 -22.50 0.62
CA THR C 94 13.03 -23.72 0.29
C THR C 94 12.14 -24.76 -0.37
N ARG C 95 10.81 -24.55 -0.30
CA ARG C 95 9.84 -25.35 -1.06
C ARG C 95 9.28 -24.63 -2.27
N PRO C 96 8.73 -25.38 -3.24
CA PRO C 96 8.12 -24.65 -4.36
C PRO C 96 6.70 -24.11 -4.06
N GLU C 97 5.88 -24.88 -3.36
CA GLU C 97 4.52 -24.43 -3.07
C GLU C 97 4.36 -24.07 -1.59
N MET C 98 4.01 -22.79 -1.36
CA MET C 98 3.89 -22.19 -0.01
C MET C 98 2.42 -22.00 0.44
N VAL C 99 2.18 -22.22 1.73
CA VAL C 99 0.96 -21.77 2.43
C VAL C 99 1.08 -20.24 2.62
N LYS C 100 0.04 -19.49 2.24
CA LYS C 100 -0.03 -18.06 2.61
C LYS C 100 -1.21 -17.84 3.55
N GLY C 101 -1.18 -16.73 4.28
CA GLY C 101 -2.32 -16.29 5.06
C GLY C 101 -2.10 -16.57 6.52
N GLY C 102 -3.15 -16.46 7.30
CA GLY C 102 -3.00 -16.62 8.73
C GLY C 102 -2.36 -15.40 9.38
N LEU C 103 -2.24 -15.49 10.69
CA LEU C 103 -1.70 -14.42 11.48
C LEU C 103 -0.33 -13.94 11.02
N LEU C 104 0.52 -14.90 10.66
CA LEU C 104 1.91 -14.66 10.20
C LEU C 104 1.97 -13.92 8.87
N SER C 105 0.82 -13.75 8.23
CA SER C 105 0.78 -12.90 7.04
C SER C 105 0.32 -11.47 7.34
N MET C 106 0.00 -11.18 8.60
CA MET C 106 -0.67 -9.93 8.92
C MET C 106 0.21 -8.83 9.61
N ASP C 107 -0.14 -7.58 9.39
CA ASP C 107 0.54 -6.48 10.11
C ASP C 107 -0.42 -5.78 11.08
N PRO C 108 0.13 -5.10 12.10
CA PRO C 108 -0.83 -4.30 12.91
C PRO C 108 -1.32 -3.17 12.03
N PRO C 109 -2.54 -2.65 12.26
CA PRO C 109 -3.47 -2.97 13.35
C PRO C 109 -4.31 -4.25 13.19
N GLU C 110 -4.43 -4.80 11.99
CA GLU C 110 -5.30 -5.95 11.71
C GLU C 110 -4.80 -7.12 12.46
N HIS C 111 -3.50 -7.31 12.44
CA HIS C 111 -2.92 -8.41 13.19
C HIS C 111 -3.32 -8.31 14.64
N SER C 112 -3.18 -7.10 15.17
CA SER C 112 -3.24 -6.85 16.60
C SER C 112 -4.62 -7.16 17.10
N ARG C 113 -5.61 -6.77 16.33
CA ARG C 113 -7.00 -7.03 16.65
C ARG C 113 -7.27 -8.54 16.79
N LEU C 114 -6.79 -9.32 15.83
CA LEU C 114 -7.02 -10.76 15.78
C LEU C 114 -6.28 -11.45 16.90
N ARG C 115 -5.04 -11.02 17.12
CA ARG C 115 -4.16 -11.63 18.11
C ARG C 115 -4.65 -11.40 19.53
N ARG C 116 -5.16 -10.18 19.74
CA ARG C 116 -5.74 -9.76 21.00
C ARG C 116 -6.88 -10.73 21.43
N LEU C 117 -7.80 -11.00 20.49
CA LEU C 117 -8.93 -11.88 20.70
C LEU C 117 -8.50 -13.34 20.88
N VAL C 118 -7.55 -13.85 20.10
CA VAL C 118 -6.99 -15.20 20.33
C VAL C 118 -6.33 -15.41 21.72
N VAL C 119 -5.50 -14.49 22.16
CA VAL C 119 -4.80 -14.73 23.43
C VAL C 119 -5.69 -14.49 24.64
N LYS C 120 -6.84 -13.82 24.44
CA LYS C 120 -7.87 -13.76 25.49
C LYS C 120 -8.40 -15.16 25.86
N ALA C 121 -8.61 -16.03 24.88
CA ALA C 121 -9.14 -17.37 25.11
C ALA C 121 -8.03 -18.39 25.34
N PHE C 122 -6.99 -18.32 24.54
CA PHE C 122 -5.87 -19.26 24.58
C PHE C 122 -4.85 -18.75 25.59
N THR C 123 -5.04 -19.06 26.86
CA THR C 123 -4.30 -18.39 27.93
C THR C 123 -3.19 -19.31 28.45
N ALA C 124 -2.29 -18.78 29.26
CA ALA C 124 -1.23 -19.61 29.81
C ALA C 124 -1.84 -20.63 30.77
N ARG C 125 -2.87 -20.20 31.50
CA ARG C 125 -3.70 -21.11 32.32
C ARG C 125 -4.32 -22.23 31.48
N ARG C 126 -5.00 -21.89 30.38
CA ARG C 126 -5.59 -22.95 29.58
C ARG C 126 -4.53 -23.98 29.15
N ALA C 127 -3.38 -23.47 28.70
CA ALA C 127 -2.27 -24.32 28.22
C ALA C 127 -1.85 -25.28 29.33
N GLU C 128 -1.68 -24.72 30.51
CA GLU C 128 -1.24 -25.47 31.65
C GLU C 128 -2.29 -26.51 32.09
N SER C 129 -3.57 -26.23 31.85
CA SER C 129 -4.57 -27.13 32.39
C SER C 129 -4.72 -28.38 31.50
N LEU C 130 -4.03 -28.41 30.36
CA LEU C 130 -4.01 -29.54 29.47
C LEU C 130 -2.84 -30.50 29.80
N ARG C 131 -1.99 -30.14 30.74
CA ARG C 131 -0.94 -31.08 31.11
C ARG C 131 -1.48 -32.53 31.46
N PRO C 132 -2.44 -32.66 32.43
CA PRO C 132 -2.87 -34.02 32.79
C PRO C 132 -3.27 -34.86 31.59
N ARG C 133 -4.02 -34.26 30.67
CA ARG C 133 -4.53 -34.96 29.50
C ARG C 133 -3.41 -35.25 28.51
N ALA C 134 -2.44 -34.31 28.43
CA ALA C 134 -1.26 -34.50 27.60
C ALA C 134 -0.43 -35.68 28.10
N ARG C 135 -0.39 -35.84 29.42
CA ARG C 135 0.24 -37.02 30.06
C ARG C 135 -0.44 -38.34 29.72
N GLU C 136 -1.78 -38.34 29.78
CA GLU C 136 -2.53 -39.55 29.46
C GLU C 136 -2.30 -39.94 28.01
N ILE C 137 -2.40 -38.98 27.10
CA ILE C 137 -2.29 -39.31 25.71
C ILE C 137 -0.91 -39.87 25.44
N ALA C 138 0.12 -39.26 26.02
CA ALA C 138 1.51 -39.75 25.82
C ALA C 138 1.70 -41.22 26.29
N HIS C 139 1.38 -41.48 27.56
CA HIS C 139 1.32 -42.83 28.13
C HIS C 139 0.61 -43.85 27.23
N GLU C 140 -0.52 -43.46 26.61
CA GLU C 140 -1.31 -44.35 25.77
C GLU C 140 -0.53 -44.60 24.51
N LEU C 141 0.07 -43.54 23.97
CA LEU C 141 0.91 -43.71 22.80
C LEU C 141 2.09 -44.66 23.13
N VAL C 142 2.67 -44.53 24.32
CA VAL C 142 3.76 -45.46 24.66
C VAL C 142 3.27 -46.93 24.70
N ASP C 143 2.14 -47.15 25.39
CA ASP C 143 1.40 -48.41 25.38
C ASP C 143 1.28 -49.01 23.96
N GLN C 144 0.82 -48.22 22.99
CA GLN C 144 0.67 -48.69 21.61
C GLN C 144 2.00 -48.89 20.88
N MET C 145 3.03 -48.18 21.30
CA MET C 145 4.37 -48.37 20.73
C MET C 145 4.96 -49.69 21.29
N ALA C 146 4.91 -49.88 22.60
CA ALA C 146 5.41 -51.09 23.24
C ALA C 146 4.78 -52.39 22.65
N ALA C 147 3.48 -52.36 22.43
CA ALA C 147 2.75 -53.47 21.84
C ALA C 147 3.07 -53.89 20.38
N THR C 148 3.93 -53.17 19.64
CA THR C 148 4.29 -53.56 18.27
C THR C 148 5.59 -54.36 18.27
N GLY C 149 6.35 -54.23 19.36
CA GLY C 149 7.62 -54.93 19.53
C GLY C 149 8.80 -54.02 19.21
N GLN C 150 9.97 -54.30 19.82
CA GLN C 150 11.17 -53.55 19.53
C GLN C 150 11.88 -54.08 18.26
N PRO C 151 12.33 -53.18 17.36
CA PRO C 151 12.29 -51.70 17.42
C PRO C 151 10.95 -51.18 16.93
N ALA C 152 10.61 -49.96 17.36
CA ALA C 152 9.33 -49.31 17.05
C ALA C 152 9.59 -47.89 16.57
N ASP C 153 8.87 -47.43 15.57
CA ASP C 153 9.14 -46.11 15.05
C ASP C 153 8.50 -45.02 15.93
N LEU C 154 9.33 -44.36 16.74
CA LEU C 154 8.87 -43.32 17.68
C LEU C 154 8.37 -42.05 16.97
N VAL C 155 8.79 -41.83 15.73
CA VAL C 155 8.26 -40.74 14.93
C VAL C 155 6.75 -40.96 14.70
N ALA C 156 6.43 -41.99 13.87
CA ALA C 156 5.07 -42.35 13.51
C ALA C 156 4.17 -42.68 14.73
N MET C 157 4.74 -43.16 15.83
CA MET C 157 3.88 -43.71 16.88
C MET C 157 3.73 -42.81 18.07
N PHE C 158 4.54 -41.78 18.11
CA PHE C 158 4.55 -40.87 19.23
C PHE C 158 4.58 -39.41 18.79
N ALA C 159 5.63 -39.04 18.05
CA ALA C 159 5.84 -37.67 17.69
C ALA C 159 4.73 -37.13 16.78
N ARG C 160 4.38 -37.83 15.70
CA ARG C 160 3.31 -37.37 14.82
C ARG C 160 1.92 -37.56 15.42
N GLN C 161 1.85 -38.08 16.65
CA GLN C 161 0.57 -38.38 17.28
C GLN C 161 0.27 -37.42 18.42
N LEU C 162 1.19 -37.32 19.36
CA LEU C 162 0.93 -36.48 20.54
C LEU C 162 0.42 -35.04 20.21
N PRO C 163 1.16 -34.25 19.40
CA PRO C 163 0.70 -32.84 19.24
C PRO C 163 -0.69 -32.67 18.62
N VAL C 164 -0.99 -33.38 17.54
CA VAL C 164 -2.29 -33.26 16.89
C VAL C 164 -3.43 -33.62 17.83
N ARG C 165 -3.22 -34.63 18.66
CA ARG C 165 -4.20 -35.00 19.67
C ARG C 165 -4.36 -34.00 20.81
N VAL C 166 -3.28 -33.32 21.16
CA VAL C 166 -3.39 -32.24 22.16
C VAL C 166 -4.21 -31.07 21.57
N ILE C 167 -4.02 -30.80 20.27
CA ILE C 167 -4.76 -29.76 19.57
C ILE C 167 -6.25 -30.05 19.55
N CYS C 168 -6.57 -31.34 19.44
CA CYS C 168 -7.94 -31.82 19.54
C CYS C 168 -8.49 -31.57 20.93
N GLU C 169 -7.73 -31.87 21.97
CA GLU C 169 -8.18 -31.56 23.33
C GLU C 169 -8.39 -30.07 23.49
N LEU C 170 -7.33 -29.29 23.28
CA LEU C 170 -7.39 -27.82 23.32
C LEU C 170 -8.63 -27.27 22.62
N LEU C 171 -8.85 -27.67 21.37
CA LEU C 171 -9.95 -27.09 20.59
C LEU C 171 -11.30 -27.53 21.12
N GLY C 172 -11.40 -28.79 21.55
CA GLY C 172 -12.68 -29.36 21.97
C GLY C 172 -13.30 -30.39 21.03
N VAL C 173 -12.50 -30.92 20.11
CA VAL C 173 -12.92 -32.02 19.29
C VAL C 173 -13.29 -33.17 20.23
N PRO C 174 -14.51 -33.70 20.07
CA PRO C 174 -14.86 -34.87 20.85
C PRO C 174 -13.89 -36.00 20.58
N SER C 175 -13.55 -36.67 21.66
CA SER C 175 -12.76 -37.87 21.69
C SER C 175 -13.02 -38.86 20.56
N ALA C 176 -14.29 -39.09 20.22
CA ALA C 176 -14.62 -40.09 19.24
C ALA C 176 -14.13 -39.69 17.86
N ASP C 177 -13.72 -38.44 17.69
CA ASP C 177 -13.40 -37.92 16.36
C ASP C 177 -11.87 -37.69 16.19
N HIS C 178 -11.11 -37.97 17.25
CA HIS C 178 -9.66 -37.72 17.24
C HIS C 178 -8.93 -38.50 16.16
N ASP C 179 -9.26 -39.78 15.99
CA ASP C 179 -8.65 -40.59 14.92
C ASP C 179 -8.85 -40.03 13.51
N ARG C 180 -10.10 -39.86 13.06
CA ARG C 180 -10.31 -39.23 11.73
C ARG C 180 -9.62 -37.86 11.61
N PHE C 181 -9.80 -37.02 12.61
CA PHE C 181 -9.21 -35.71 12.57
C PHE C 181 -7.69 -35.71 12.48
N THR C 182 -7.04 -36.53 13.31
CA THR C 182 -5.60 -36.80 13.23
C THR C 182 -5.25 -37.21 11.82
N ARG C 183 -5.98 -38.21 11.30
CA ARG C 183 -5.76 -38.73 9.95
C ARG C 183 -5.89 -37.63 8.87
N TRP C 184 -6.79 -36.67 9.03
CA TRP C 184 -6.86 -35.55 8.08
C TRP C 184 -5.64 -34.65 8.23
N SER C 185 -5.27 -34.39 9.48
CA SER C 185 -4.20 -33.44 9.79
C SER C 185 -2.88 -33.90 9.19
N GLY C 186 -2.66 -35.23 9.18
CA GLY C 186 -1.44 -35.83 8.66
C GLY C 186 -1.16 -35.50 7.20
N ALA C 187 -2.15 -34.94 6.51
CA ALA C 187 -1.94 -34.60 5.11
C ALA C 187 -1.42 -33.18 5.01
N PHE C 188 -1.42 -32.46 6.12
CA PHE C 188 -0.90 -31.12 6.09
C PHE C 188 0.61 -31.09 6.44
N LEU C 189 1.13 -32.22 6.96
CA LEU C 189 2.55 -32.39 7.26
C LEU C 189 3.38 -32.31 5.99
N SER C 190 4.50 -31.59 6.06
CA SER C 190 5.42 -31.44 4.91
C SER C 190 6.03 -32.76 4.43
N THR C 191 5.90 -33.79 5.22
CA THR C 191 6.56 -35.03 4.92
C THR C 191 5.56 -36.02 4.38
N ALA C 192 4.33 -35.58 4.17
CA ALA C 192 3.22 -36.46 3.81
C ALA C 192 3.33 -36.96 2.38
N GLU C 193 2.98 -38.23 2.23
CA GLU C 193 2.92 -38.97 0.98
C GLU C 193 1.55 -38.76 0.38
N VAL C 194 1.29 -37.62 -0.26
CA VAL C 194 -0.08 -37.34 -0.73
C VAL C 194 -0.20 -36.59 -2.07
N THR C 195 -1.31 -36.90 -2.75
CA THR C 195 -1.63 -36.33 -4.07
C THR C 195 -2.41 -35.02 -3.93
N ALA C 196 -2.39 -34.21 -4.98
CA ALA C 196 -3.08 -32.91 -4.96
C ALA C 196 -4.54 -33.12 -4.54
N GLU C 197 -5.18 -34.10 -5.17
CA GLU C 197 -6.58 -34.39 -4.90
C GLU C 197 -6.77 -34.87 -3.45
N GLU C 198 -5.94 -35.82 -3.01
CA GLU C 198 -6.00 -36.31 -1.64
C GLU C 198 -5.89 -35.18 -0.59
N MET C 199 -5.02 -34.20 -0.84
CA MET C 199 -4.82 -33.10 0.12
C MET C 199 -6.03 -32.19 0.28
N GLN C 200 -6.59 -31.74 -0.85
CA GLN C 200 -7.88 -31.04 -0.92
C GLN C 200 -9.02 -31.73 -0.15
N GLU C 201 -9.23 -33.02 -0.43
CA GLU C 201 -10.32 -33.76 0.24
C GLU C 201 -10.19 -33.70 1.77
N ALA C 202 -8.96 -33.84 2.28
CA ALA C 202 -8.63 -33.66 3.69
C ALA C 202 -8.84 -32.24 4.23
N ALA C 203 -8.45 -31.23 3.43
CA ALA C 203 -8.69 -29.83 3.77
C ALA C 203 -10.21 -29.55 3.82
N GLU C 204 -10.90 -29.83 2.71
CA GLU C 204 -12.36 -29.67 2.65
C GLU C 204 -13.02 -30.39 3.82
N GLN C 205 -12.53 -31.57 4.15
CA GLN C 205 -13.07 -32.34 5.27
C GLN C 205 -12.86 -31.68 6.62
N ALA C 206 -11.65 -31.17 6.85
CA ALA C 206 -11.31 -30.60 8.16
C ALA C 206 -12.01 -29.27 8.32
N TYR C 207 -12.16 -28.54 7.23
CA TYR C 207 -12.88 -27.28 7.28
C TYR C 207 -14.35 -27.51 7.62
N ALA C 208 -15.00 -28.39 6.87
CA ALA C 208 -16.37 -28.77 7.13
C ALA C 208 -16.57 -29.10 8.59
N TYR C 209 -15.81 -30.08 9.06
CA TYR C 209 -15.88 -30.50 10.45
C TYR C 209 -15.68 -29.35 11.43
N MET C 210 -14.68 -28.50 11.18
CA MET C 210 -14.34 -27.45 12.14
C MET C 210 -15.45 -26.36 12.23
N GLY C 211 -15.97 -25.95 11.07
CA GLY C 211 -17.13 -25.05 10.99
C GLY C 211 -18.29 -25.49 11.85
N ASP C 212 -18.68 -26.75 11.69
CA ASP C 212 -19.81 -27.32 12.41
C ASP C 212 -19.53 -27.24 13.89
N LEU C 213 -18.31 -27.59 14.26
CA LEU C 213 -17.95 -27.61 15.66
C LEU C 213 -18.07 -26.20 16.24
N ILE C 214 -17.64 -25.21 15.46
CA ILE C 214 -17.82 -23.80 15.83
C ILE C 214 -19.30 -23.41 16.07
N ASP C 215 -20.18 -23.67 15.09
CA ASP C 215 -21.64 -23.50 15.27
C ASP C 215 -22.16 -24.16 16.57
N ARG C 216 -21.83 -25.44 16.75
CA ARG C 216 -22.31 -26.24 17.90
C ARG C 216 -21.91 -25.59 19.25
N ARG C 217 -20.72 -24.99 19.30
CA ARG C 217 -20.21 -24.41 20.54
C ARG C 217 -20.70 -22.99 20.75
N ARG C 218 -21.13 -22.34 19.67
CA ARG C 218 -21.76 -21.02 19.79
C ARG C 218 -23.19 -21.17 20.35
N LYS C 219 -23.89 -22.19 19.87
CA LYS C 219 -25.25 -22.49 20.26
C LYS C 219 -25.25 -23.15 21.62
N GLU C 220 -24.20 -23.90 21.94
CA GLU C 220 -24.10 -24.52 23.26
C GLU C 220 -22.64 -24.54 23.73
N PRO C 221 -22.20 -23.49 24.46
CA PRO C 221 -20.80 -23.27 24.88
C PRO C 221 -20.33 -24.32 25.87
N THR C 222 -19.07 -24.78 25.74
CA THR C 222 -18.43 -25.64 26.75
C THR C 222 -17.21 -24.89 27.27
N ASP C 223 -16.21 -25.63 27.77
CA ASP C 223 -15.03 -25.01 28.35
C ASP C 223 -13.78 -25.08 27.46
N ASP C 224 -13.96 -25.53 26.21
CA ASP C 224 -12.86 -25.79 25.30
C ASP C 224 -12.39 -24.49 24.61
N LEU C 225 -11.29 -24.52 23.89
CA LEU C 225 -10.84 -23.30 23.22
C LEU C 225 -11.86 -22.69 22.24
N VAL C 226 -12.45 -23.51 21.39
CA VAL C 226 -13.38 -23.02 20.37
C VAL C 226 -14.48 -22.19 21.00
N SER C 227 -15.06 -22.69 22.09
CA SER C 227 -16.10 -21.97 22.83
C SER C 227 -15.60 -20.63 23.30
N ALA C 228 -14.43 -20.60 23.92
CA ALA C 228 -13.88 -19.37 24.42
C ALA C 228 -13.46 -18.40 23.30
N LEU C 229 -13.19 -18.92 22.10
CA LEU C 229 -12.96 -18.09 20.95
C LEU C 229 -14.29 -17.46 20.47
N VAL C 230 -15.35 -18.29 20.38
CA VAL C 230 -16.66 -17.77 20.03
C VAL C 230 -17.10 -16.64 20.99
N GLN C 231 -16.81 -16.80 22.28
CA GLN C 231 -17.27 -15.81 23.24
C GLN C 231 -16.28 -14.65 23.62
N ALA C 232 -15.07 -14.67 23.08
CA ALA C 232 -14.12 -13.60 23.37
C ALA C 232 -14.52 -12.22 22.79
N ARG C 233 -14.35 -11.19 23.61
CA ARG C 233 -14.74 -9.80 23.27
C ARG C 233 -13.57 -8.85 23.57
N ASP C 234 -13.46 -7.77 22.80
CA ASP C 234 -12.45 -6.74 23.02
C ASP C 234 -13.00 -5.52 22.37
N GLN C 235 -13.29 -4.49 23.17
CA GLN C 235 -13.94 -3.28 22.67
C GLN C 235 -15.22 -3.60 21.86
N GLN C 236 -16.09 -4.48 22.38
CA GLN C 236 -17.34 -4.87 21.68
C GLN C 236 -17.09 -5.39 20.23
N ASP C 237 -15.82 -5.67 19.93
CA ASP C 237 -15.37 -6.39 18.73
C ASP C 237 -15.26 -7.88 19.10
N SER C 238 -15.34 -8.73 18.08
CA SER C 238 -15.36 -10.19 18.23
C SER C 238 -14.94 -10.88 16.95
N LEU C 239 -14.61 -12.16 17.05
CA LEU C 239 -14.21 -12.89 15.87
C LEU C 239 -15.42 -13.20 15.01
N SER C 240 -15.30 -12.99 13.71
CA SER C 240 -16.30 -13.42 12.77
C SER C 240 -16.25 -14.95 12.61
N GLU C 241 -17.30 -15.50 12.04
CA GLU C 241 -17.37 -16.89 11.64
C GLU C 241 -16.17 -17.26 10.75
N GLN C 242 -15.90 -16.47 9.71
CA GLN C 242 -14.72 -16.75 8.91
C GLN C 242 -13.40 -16.73 9.75
N GLU C 243 -13.17 -15.67 10.50
CA GLU C 243 -11.99 -15.58 11.34
C GLU C 243 -11.90 -16.76 12.33
N LEU C 244 -13.01 -17.07 13.00
CA LEU C 244 -13.06 -18.20 13.95
C LEU C 244 -12.65 -19.50 13.26
N LEU C 245 -13.05 -19.68 12.02
CA LEU C 245 -12.71 -20.90 11.31
C LEU C 245 -11.20 -20.93 10.94
N ASP C 246 -10.76 -19.97 10.14
CA ASP C 246 -9.35 -19.76 9.84
C ASP C 246 -8.40 -19.88 11.04
N LEU C 247 -8.87 -19.48 12.23
CA LEU C 247 -8.02 -19.47 13.40
C LEU C 247 -7.86 -20.83 14.01
N ALA C 248 -8.96 -21.58 14.16
CA ALA C 248 -8.86 -22.95 14.65
C ALA C 248 -8.01 -23.77 13.73
N ILE C 249 -8.21 -23.64 12.42
CA ILE C 249 -7.39 -24.40 11.49
C ILE C 249 -5.91 -23.95 11.57
N GLY C 250 -5.70 -22.63 11.64
CA GLY C 250 -4.37 -22.10 11.69
C GLY C 250 -3.62 -22.57 12.91
N LEU C 251 -4.34 -22.73 14.05
CA LEU C 251 -3.70 -23.19 15.28
C LEU C 251 -3.20 -24.64 15.10
N LEU C 252 -3.98 -25.47 14.42
CA LEU C 252 -3.59 -26.80 14.08
C LEU C 252 -2.34 -26.79 13.16
N VAL C 253 -2.33 -25.98 12.12
CA VAL C 253 -1.15 -26.08 11.29
C VAL C 253 0.07 -25.45 11.99
N ALA C 254 -0.14 -24.40 12.78
CA ALA C 254 0.97 -23.83 13.54
C ALA C 254 1.50 -24.79 14.61
N GLY C 255 0.64 -25.66 15.14
CA GLY C 255 0.93 -26.41 16.38
C GLY C 255 1.36 -27.85 16.20
N TYR C 256 1.19 -28.37 14.99
CA TYR C 256 1.39 -29.80 14.73
C TYR C 256 2.81 -30.06 14.27
N GLU C 257 3.12 -29.75 13.02
CA GLU C 257 4.39 -30.12 12.49
C GLU C 257 5.55 -29.66 13.40
N SER C 258 5.46 -28.41 13.83
CA SER C 258 6.48 -27.76 14.62
C SER C 258 6.78 -28.57 15.86
N THR C 259 5.75 -28.87 16.64
CA THR C 259 5.89 -29.58 17.91
C THR C 259 6.26 -31.06 17.69
N THR C 260 5.84 -31.63 16.54
CA THR C 260 6.10 -33.06 16.26
C THR C 260 7.57 -33.24 15.97
N THR C 261 8.07 -32.41 15.04
CA THR C 261 9.44 -32.42 14.64
C THR C 261 10.33 -32.13 15.84
N GLN C 262 9.89 -31.22 16.69
CA GLN C 262 10.73 -30.87 17.82
C GLN C 262 10.81 -32.02 18.83
N ILE C 263 9.71 -32.74 19.04
CA ILE C 263 9.75 -33.93 19.87
C ILE C 263 10.75 -34.94 19.30
N ALA C 264 10.61 -35.24 18.03
CA ALA C 264 11.55 -36.10 17.37
C ALA C 264 13.04 -35.75 17.67
N ASP C 265 13.47 -34.59 17.18
CA ASP C 265 14.76 -33.98 17.52
C ASP C 265 15.18 -34.05 18.99
N PHE C 266 14.31 -33.65 19.93
CA PHE C 266 14.69 -33.65 21.35
C PHE C 266 15.03 -35.10 21.81
N VAL C 267 14.26 -36.09 21.36
CA VAL C 267 14.55 -37.46 21.80
C VAL C 267 15.74 -38.04 21.04
N TYR C 268 15.87 -37.68 19.77
CA TYR C 268 17.12 -37.93 19.07
C TYR C 268 18.30 -37.53 19.95
N LEU C 269 18.27 -36.28 20.42
CA LEU C 269 19.35 -35.70 21.20
C LEU C 269 19.55 -36.43 22.50
N LEU C 270 18.45 -36.67 23.20
CA LEU C 270 18.42 -37.42 24.47
C LEU C 270 19.04 -38.85 24.34
N MET C 271 18.89 -39.46 23.17
CA MET C 271 19.23 -40.86 23.01
C MET C 271 20.65 -41.01 22.55
N THR C 272 21.26 -39.94 22.07
CA THR C 272 22.62 -39.95 21.57
C THR C 272 23.57 -39.19 22.47
N ARG C 273 23.05 -38.64 23.58
CA ARG C 273 23.87 -37.83 24.48
C ARG C 273 23.67 -38.18 25.95
N PRO C 274 24.51 -39.13 26.43
CA PRO C 274 24.33 -39.78 27.72
C PRO C 274 24.17 -38.83 28.90
N GLU C 275 24.93 -37.73 28.93
CA GLU C 275 24.86 -36.77 30.06
C GLU C 275 23.52 -36.12 30.09
N LEU C 276 23.01 -35.83 28.89
CA LEU C 276 21.71 -35.23 28.77
C LEU C 276 20.66 -36.17 29.37
N ARG C 277 20.68 -37.43 28.95
CA ARG C 277 19.79 -38.42 29.51
C ARG C 277 19.93 -38.52 31.03
N ARG C 278 21.17 -38.67 31.50
CA ARG C 278 21.41 -38.96 32.90
C ARG C 278 20.93 -37.81 33.74
N GLN C 279 21.26 -36.57 33.37
CA GLN C 279 20.79 -35.39 34.09
C GLN C 279 19.25 -35.30 34.23
N LEU C 280 18.51 -35.76 33.22
CA LEU C 280 17.06 -35.66 33.24
C LEU C 280 16.42 -36.82 34.00
N LEU C 281 17.05 -38.00 33.97
CA LEU C 281 16.64 -39.08 34.85
C LEU C 281 16.88 -38.75 36.32
N ASP C 282 18.02 -38.13 36.63
CA ASP C 282 18.36 -37.86 38.04
C ASP C 282 17.56 -36.69 38.56
N ARG C 283 17.25 -35.72 37.70
CA ARG C 283 16.50 -34.53 38.13
C ARG C 283 15.43 -34.12 37.14
N PRO C 284 14.26 -34.83 37.17
CA PRO C 284 13.15 -34.55 36.25
C PRO C 284 12.72 -33.10 36.34
N GLU C 285 13.07 -32.44 37.44
CA GLU C 285 12.72 -31.03 37.57
C GLU C 285 13.57 -30.14 36.66
N LEU C 286 14.64 -30.68 36.05
CA LEU C 286 15.42 -29.92 35.04
C LEU C 286 14.76 -29.92 33.67
N ILE C 287 13.77 -30.79 33.48
CA ILE C 287 13.08 -30.92 32.20
C ILE C 287 12.58 -29.56 31.61
N PRO C 288 11.80 -28.78 32.39
CA PRO C 288 11.39 -27.49 31.83
C PRO C 288 12.57 -26.68 31.30
N SER C 289 13.63 -26.62 32.09
CA SER C 289 14.83 -25.83 31.77
C SER C 289 15.58 -26.41 30.55
N ALA C 290 15.61 -27.72 30.48
CA ALA C 290 16.17 -28.43 29.34
C ALA C 290 15.40 -28.15 28.05
N VAL C 291 14.08 -28.11 28.13
CA VAL C 291 13.23 -27.77 27.00
C VAL C 291 13.61 -26.40 26.41
N GLU C 292 13.82 -25.43 27.30
CA GLU C 292 14.30 -24.11 26.90
C GLU C 292 15.65 -24.23 26.17
N GLU C 293 16.60 -24.89 26.82
CA GLU C 293 17.93 -25.00 26.30
C GLU C 293 17.98 -25.72 24.97
N LEU C 294 17.11 -26.70 24.77
CA LEU C 294 17.19 -27.45 23.53
C LEU C 294 16.48 -26.66 22.45
N THR C 295 15.41 -25.96 22.85
CA THR C 295 14.72 -25.01 21.94
C THR C 295 15.72 -23.96 21.42
N ARG C 296 16.52 -23.41 22.33
CA ARG C 296 17.60 -22.55 21.88
C ARG C 296 18.54 -23.25 20.89
N TRP C 297 19.00 -24.45 21.24
CA TRP C 297 20.16 -25.03 20.60
C TRP C 297 19.82 -25.64 19.29
N VAL C 298 18.66 -26.30 19.19
CA VAL C 298 18.30 -26.99 17.93
C VAL C 298 17.96 -25.98 16.81
N PRO C 299 18.77 -25.94 15.73
CA PRO C 299 18.35 -25.05 14.65
C PRO C 299 17.33 -25.78 13.80
N LEU C 300 16.06 -25.53 14.15
CA LEU C 300 14.95 -26.34 13.69
C LEU C 300 14.65 -26.10 12.21
N GLY C 301 14.70 -24.85 11.82
CA GLY C 301 14.44 -24.49 10.43
C GLY C 301 15.51 -25.00 9.50
N VAL C 302 15.15 -25.44 8.29
CA VAL C 302 16.14 -25.77 7.23
C VAL C 302 16.74 -24.43 6.87
N GLY C 303 15.85 -23.46 6.67
CA GLY C 303 16.25 -22.10 6.38
C GLY C 303 15.88 -21.20 7.53
N THR C 304 15.66 -19.94 7.23
CA THR C 304 14.97 -19.13 8.20
C THR C 304 13.67 -18.97 7.51
N ALA C 305 12.62 -18.98 8.33
CA ALA C 305 11.31 -18.83 7.75
C ALA C 305 10.83 -17.33 7.77
N PHE C 306 9.82 -17.05 6.95
CA PHE C 306 8.98 -15.85 7.14
C PHE C 306 9.75 -14.56 7.00
N PRO C 307 10.17 -14.30 5.77
CA PRO C 307 10.85 -13.10 5.41
C PRO C 307 10.01 -11.91 5.81
N ARG C 308 10.72 -10.89 6.23
CA ARG C 308 10.16 -9.60 6.59
C ARG C 308 10.55 -8.64 5.49
N TYR C 309 9.69 -7.68 5.24
CA TYR C 309 9.88 -6.74 4.17
C TYR C 309 10.07 -5.37 4.77
N ALA C 310 11.11 -4.65 4.37
CA ALA C 310 11.29 -3.27 4.82
C ALA C 310 10.23 -2.32 4.24
N VAL C 311 9.59 -1.51 5.10
CA VAL C 311 8.54 -0.63 4.57
C VAL C 311 9.18 0.67 4.09
N GLU C 312 10.40 0.93 4.53
CA GLU C 312 11.17 2.10 4.10
C GLU C 312 12.61 1.65 4.19
N ASP C 313 13.54 2.47 3.73
CA ASP C 313 14.95 2.16 3.93
C ASP C 313 15.35 1.96 5.40
N VAL C 314 16.15 0.93 5.61
CA VAL C 314 16.76 0.69 6.90
C VAL C 314 18.25 0.40 6.74
N THR C 315 19.06 0.96 7.63
CA THR C 315 20.50 0.68 7.68
C THR C 315 20.79 -0.20 8.87
N LEU C 316 21.50 -1.29 8.64
CA LEU C 316 21.75 -2.27 9.66
C LEU C 316 23.19 -2.66 9.48
N ARG C 317 24.01 -2.59 10.54
CA ARG C 317 25.48 -2.82 10.45
C ARG C 317 26.02 -2.12 9.23
N GLY C 318 25.59 -0.88 9.01
CA GLY C 318 26.15 -0.10 7.92
C GLY C 318 25.79 -0.49 6.50
N VAL C 319 25.02 -1.56 6.31
CA VAL C 319 24.47 -1.89 4.98
C VAL C 319 23.00 -1.44 4.83
N THR C 320 22.67 -0.70 3.77
CA THR C 320 21.30 -0.23 3.63
C THR C 320 20.37 -1.26 3.00
N ILE C 321 19.31 -1.65 3.73
CA ILE C 321 18.22 -2.44 3.20
C ILE C 321 17.16 -1.50 2.58
N ARG C 322 16.91 -1.69 1.29
CA ARG C 322 16.03 -0.79 0.60
C ARG C 322 14.55 -1.19 0.79
N ALA C 323 13.68 -0.17 0.72
CA ALA C 323 12.24 -0.35 0.83
C ALA C 323 11.73 -1.43 -0.11
N GLY C 324 10.96 -2.39 0.40
CA GLY C 324 10.51 -3.50 -0.43
C GLY C 324 11.32 -4.82 -0.46
N GLU C 325 12.55 -4.82 0.02
CA GLU C 325 13.38 -6.04 -0.01
C GLU C 325 13.04 -6.97 1.14
N PRO C 326 13.14 -8.29 0.90
CA PRO C 326 12.85 -9.19 1.97
C PRO C 326 14.09 -9.39 2.78
N VAL C 327 13.88 -9.64 4.06
CA VAL C 327 14.97 -9.95 4.95
C VAL C 327 14.70 -11.28 5.63
N LEU C 328 15.73 -12.13 5.72
CA LEU C 328 15.61 -13.40 6.42
C LEU C 328 16.36 -13.39 7.74
N ALA C 329 15.63 -13.46 8.82
CA ALA C 329 16.25 -13.26 10.07
C ALA C 329 16.41 -14.63 10.70
N SER C 330 17.65 -15.13 10.78
CA SER C 330 17.86 -16.51 11.27
C SER C 330 17.86 -16.68 12.79
N THR C 331 16.75 -17.18 13.32
CA THR C 331 16.65 -17.47 14.75
C THR C 331 17.58 -18.60 15.15
N GLY C 332 17.69 -19.63 14.29
CA GLY C 332 18.63 -20.69 14.51
C GLY C 332 20.03 -20.10 14.64
N ALA C 333 20.45 -19.25 13.71
CA ALA C 333 21.81 -18.70 13.87
C ALA C 333 21.87 -17.77 15.09
N ALA C 334 20.83 -16.96 15.29
CA ALA C 334 20.77 -16.10 16.46
C ALA C 334 21.01 -16.88 17.75
N ASN C 335 20.36 -18.07 17.86
CA ASN C 335 20.36 -18.81 19.13
C ASN C 335 21.70 -19.50 19.41
N ARG C 336 22.56 -19.47 18.41
CA ARG C 336 23.89 -20.00 18.55
C ARG C 336 24.98 -18.92 18.43
N ASP C 337 24.59 -17.67 18.73
CA ASP C 337 25.51 -16.53 18.62
C ASP C 337 26.42 -16.51 19.82
N GLN C 338 27.71 -16.68 19.58
CA GLN C 338 28.67 -16.65 20.67
C GLN C 338 28.60 -15.34 21.48
N ALA C 339 28.15 -14.25 20.87
CA ALA C 339 28.07 -12.93 21.58
C ALA C 339 26.93 -12.84 22.60
N GLN C 340 25.93 -13.70 22.46
CA GLN C 340 24.77 -13.68 23.33
C GLN C 340 24.84 -14.81 24.32
N PHE C 341 25.24 -16.00 23.84
CA PHE C 341 25.26 -17.19 24.67
C PHE C 341 26.65 -17.71 24.92
N PRO C 342 27.11 -17.59 26.19
CA PRO C 342 28.46 -18.10 26.51
C PRO C 342 28.57 -19.57 26.11
N ASP C 343 29.61 -19.90 25.34
CA ASP C 343 29.83 -21.29 24.86
C ASP C 343 28.57 -21.72 24.12
N ALA C 344 28.24 -21.02 23.03
CA ALA C 344 26.91 -21.09 22.44
C ALA C 344 26.57 -22.50 21.94
N ASP C 345 27.59 -23.29 21.59
CA ASP C 345 27.43 -24.60 20.94
C ASP C 345 27.28 -25.69 22.00
N ARG C 346 27.38 -25.31 23.26
CA ARG C 346 27.21 -26.26 24.34
C ARG C 346 25.73 -26.38 24.83
N ILE C 347 25.23 -27.61 24.91
CA ILE C 347 23.92 -27.87 25.55
C ILE C 347 24.06 -27.89 27.06
N ASP C 348 23.59 -26.85 27.72
CA ASP C 348 23.68 -26.76 29.17
C ASP C 348 22.28 -26.63 29.76
N VAL C 349 21.75 -27.71 30.33
CA VAL C 349 20.41 -27.64 30.90
C VAL C 349 20.28 -26.57 31.97
N ASP C 350 21.38 -26.20 32.60
CA ASP C 350 21.29 -25.15 33.61
C ASP C 350 21.46 -23.73 33.05
N ARG C 351 21.43 -23.56 31.72
CA ARG C 351 21.78 -22.26 31.14
C ARG C 351 20.92 -21.13 31.69
N THR C 352 21.58 -20.11 32.25
CA THR C 352 20.93 -18.86 32.66
C THR C 352 21.92 -17.74 32.45
N PRO C 353 21.48 -16.61 31.89
CA PRO C 353 20.16 -16.34 31.29
C PRO C 353 19.93 -17.17 30.01
N ASN C 354 18.70 -17.30 29.57
CA ASN C 354 18.48 -18.04 28.36
C ASN C 354 17.36 -17.43 27.54
N GLN C 355 17.66 -16.28 26.95
CA GLN C 355 16.72 -15.47 26.21
C GLN C 355 16.64 -15.85 24.75
N HIS C 356 16.35 -17.11 24.42
CA HIS C 356 16.52 -17.58 23.04
C HIS C 356 15.38 -17.02 22.18
N LEU C 357 15.47 -17.22 20.87
CA LEU C 357 14.49 -16.70 19.93
C LEU C 357 13.81 -17.91 19.26
N GLY C 358 13.86 -19.07 19.93
CA GLY C 358 13.27 -20.32 19.45
C GLY C 358 11.77 -20.25 19.22
N PHE C 359 11.10 -19.40 19.98
CA PHE C 359 9.70 -19.09 19.74
C PHE C 359 9.46 -17.69 19.14
N GLY C 360 10.36 -17.23 18.27
CA GLY C 360 10.23 -15.91 17.66
C GLY C 360 10.44 -14.77 18.64
N HIS C 361 9.95 -13.59 18.27
CA HIS C 361 10.17 -12.36 18.99
C HIS C 361 9.30 -11.29 18.32
N GLY C 362 9.00 -10.21 19.04
CA GLY C 362 8.13 -9.17 18.52
C GLY C 362 6.66 -9.60 18.49
N VAL C 363 5.84 -8.91 17.70
CA VAL C 363 4.38 -9.10 17.79
C VAL C 363 3.91 -10.49 17.36
N HIS C 364 4.69 -11.19 16.53
CA HIS C 364 4.34 -12.53 16.13
C HIS C 364 4.97 -13.64 17.01
N HIS C 365 5.55 -13.30 18.16
CA HIS C 365 6.11 -14.37 19.04
C HIS C 365 5.11 -15.47 19.14
N CYS C 366 5.62 -16.71 19.09
CA CYS C 366 4.74 -17.89 19.09
C CYS C 366 3.67 -17.81 20.12
N LEU C 367 2.41 -17.69 19.70
CA LEU C 367 1.35 -17.68 20.72
C LEU C 367 1.02 -19.06 21.29
N GLY C 368 1.52 -20.12 20.65
CA GLY C 368 1.37 -21.50 21.15
C GLY C 368 2.38 -21.89 22.23
N ALA C 369 3.34 -21.00 22.50
CA ALA C 369 4.52 -21.39 23.28
C ALA C 369 4.16 -22.05 24.60
N PRO C 370 3.29 -21.42 25.41
CA PRO C 370 3.02 -22.04 26.70
C PRO C 370 2.54 -23.49 26.52
N LEU C 371 1.74 -23.78 25.51
CA LEU C 371 1.31 -25.17 25.25
C LEU C 371 2.44 -26.06 24.66
N ALA C 372 3.28 -25.47 23.79
CA ALA C 372 4.37 -26.22 23.23
C ALA C 372 5.32 -26.68 24.37
N ARG C 373 5.80 -25.76 25.18
CA ARG C 373 6.47 -26.05 26.43
C ARG C 373 5.83 -27.24 27.16
N VAL C 374 4.51 -27.16 27.41
CA VAL C 374 3.82 -28.21 28.11
C VAL C 374 3.96 -29.50 27.29
N GLU C 375 3.67 -29.49 26.00
CA GLU C 375 3.79 -30.74 25.29
C GLU C 375 5.24 -31.31 25.31
N LEU C 376 6.25 -30.45 25.13
CA LEU C 376 7.64 -30.90 25.08
C LEU C 376 8.10 -31.41 26.42
N GLN C 377 7.69 -30.75 27.50
CA GLN C 377 8.00 -31.21 28.85
C GLN C 377 7.40 -32.58 29.09
N VAL C 378 6.16 -32.77 28.70
CA VAL C 378 5.48 -34.05 28.87
C VAL C 378 6.10 -35.14 27.98
N ALA C 379 6.54 -34.79 26.77
CA ALA C 379 7.11 -35.83 25.93
C ALA C 379 8.35 -36.40 26.61
N LEU C 380 9.11 -35.54 27.28
CA LEU C 380 10.36 -35.99 27.89
C LEU C 380 10.09 -36.69 29.24
N GLU C 381 9.16 -36.13 29.99
CA GLU C 381 8.81 -36.67 31.28
C GLU C 381 8.29 -38.11 31.09
N VAL C 382 7.35 -38.25 30.16
CA VAL C 382 6.68 -39.53 29.95
C VAL C 382 7.58 -40.58 29.31
N LEU C 383 8.22 -40.24 28.20
CA LEU C 383 9.20 -41.13 27.58
C LEU C 383 10.28 -41.59 28.56
N LEU C 384 10.72 -40.73 29.46
CA LEU C 384 11.78 -41.11 30.37
C LEU C 384 11.31 -42.03 31.52
N GLN C 385 10.13 -41.78 32.06
CA GLN C 385 9.56 -42.64 33.13
C GLN C 385 9.31 -44.07 32.59
N ARG C 386 8.72 -44.16 31.40
CA ARG C 386 8.32 -45.44 30.83
C ARG C 386 9.48 -46.16 30.12
N LEU C 387 10.37 -45.40 29.46
CA LEU C 387 11.43 -46.00 28.68
C LEU C 387 12.81 -45.43 29.07
N PRO C 388 13.14 -45.46 30.38
CA PRO C 388 14.35 -44.77 30.82
C PRO C 388 15.62 -45.23 30.10
N GLY C 389 15.53 -46.37 29.43
CA GLY C 389 16.64 -46.93 28.68
C GLY C 389 16.51 -46.79 27.17
N ILE C 390 15.49 -46.05 26.71
CA ILE C 390 15.20 -45.89 25.27
C ILE C 390 16.46 -45.45 24.51
N ARG C 391 16.70 -46.01 23.33
CA ARG C 391 17.91 -45.67 22.55
C ARG C 391 17.75 -46.05 21.09
N LEU C 392 18.61 -45.56 20.23
CA LEU C 392 18.45 -45.91 18.83
C LEU C 392 18.51 -47.42 18.62
N GLY C 393 17.60 -47.91 17.80
CA GLY C 393 17.63 -49.30 17.42
C GLY C 393 18.35 -49.55 16.11
N ILE C 394 19.01 -48.53 15.55
CA ILE C 394 20.01 -48.67 14.46
C ILE C 394 21.18 -47.70 14.66
N PRO C 395 22.33 -47.96 14.02
CA PRO C 395 23.36 -46.91 13.99
C PRO C 395 22.86 -45.47 13.60
N GLU C 396 23.34 -44.46 14.32
CA GLU C 396 23.08 -43.05 14.01
C GLU C 396 23.26 -42.76 12.52
N THR C 397 24.32 -43.28 11.91
CA THR C 397 24.60 -43.02 10.48
C THR C 397 23.54 -43.51 9.48
N GLN C 398 22.64 -44.38 9.93
CA GLN C 398 21.69 -45.04 9.03
C GLN C 398 20.33 -44.38 9.07
N LEU C 399 20.14 -43.48 10.04
CA LEU C 399 18.91 -42.70 10.19
C LEU C 399 18.54 -42.00 8.87
N ARG C 400 17.28 -42.11 8.48
CA ARG C 400 16.83 -41.44 7.29
C ARG C 400 16.28 -40.09 7.73
N TRP C 401 16.77 -39.01 7.13
CA TRP C 401 16.28 -37.67 7.51
C TRP C 401 15.16 -37.16 6.59
N SER C 402 14.27 -36.33 7.16
CA SER C 402 13.23 -35.65 6.40
C SER C 402 13.81 -34.75 5.33
N GLU C 403 13.20 -34.75 4.17
CA GLU C 403 13.61 -33.92 3.06
C GLU C 403 12.42 -33.08 2.65
N GLY C 404 11.53 -32.86 3.60
CA GLY C 404 10.38 -32.00 3.39
C GLY C 404 10.80 -30.58 3.07
N MET C 405 11.93 -30.16 3.65
CA MET C 405 12.57 -28.90 3.36
C MET C 405 12.05 -27.73 4.20
N LEU C 406 11.12 -27.96 5.14
CA LEU C 406 10.74 -26.89 6.06
C LEU C 406 11.47 -27.02 7.37
N LEU C 407 11.52 -28.22 7.90
CA LEU C 407 12.03 -28.39 9.23
C LEU C 407 13.01 -29.53 9.19
N ARG C 408 13.85 -29.64 10.19
CA ARG C 408 14.80 -30.71 10.19
C ARG C 408 14.48 -31.78 11.25
N GLY C 409 14.35 -33.02 10.80
CA GLY C 409 14.09 -34.11 11.73
C GLY C 409 14.15 -35.49 11.08
N PRO C 410 14.28 -36.52 11.92
CA PRO C 410 14.26 -37.90 11.41
C PRO C 410 12.93 -38.20 10.76
N LEU C 411 12.96 -38.87 9.60
CA LEU C 411 11.74 -39.45 9.03
C LEU C 411 11.19 -40.59 9.87
N GLU C 412 12.07 -41.32 10.58
CA GLU C 412 11.77 -42.52 11.36
C GLU C 412 12.82 -42.58 12.46
N LEU C 413 12.43 -42.95 13.68
CA LEU C 413 13.36 -43.15 14.76
C LEU C 413 13.15 -44.55 15.37
N PRO C 414 13.79 -45.58 14.81
CA PRO C 414 13.53 -46.91 15.41
C PRO C 414 14.19 -46.98 16.75
N VAL C 415 13.45 -47.39 17.78
CA VAL C 415 13.97 -47.36 19.14
C VAL C 415 13.74 -48.68 19.86
N VAL C 416 14.67 -49.01 20.76
CA VAL C 416 14.61 -50.20 21.63
C VAL C 416 14.72 -49.64 23.02
N TRP C 417 14.69 -50.50 24.05
CA TRP C 417 14.67 -50.03 25.46
C TRP C 417 14.64 -51.13 26.51
N GLU D 25 9.90 -15.75 40.92
CA GLU D 25 8.64 -15.13 40.42
C GLU D 25 8.85 -13.69 39.87
N PRO D 26 9.65 -12.85 40.56
CA PRO D 26 9.91 -11.55 39.97
C PRO D 26 10.96 -11.55 38.86
N ARG D 27 10.68 -10.83 37.79
CA ARG D 27 11.64 -10.59 36.74
C ARG D 27 12.62 -9.50 37.15
N ALA D 28 13.90 -9.71 36.84
CA ALA D 28 14.94 -8.68 36.98
C ALA D 28 14.56 -7.52 36.09
N TYR D 29 14.66 -6.31 36.64
CA TYR D 29 14.20 -5.09 35.99
C TYR D 29 15.19 -3.95 36.22
N PRO D 30 15.32 -3.00 35.26
CA PRO D 30 14.62 -2.70 33.99
C PRO D 30 14.83 -3.74 32.90
N PHE D 31 14.12 -3.61 31.80
CA PHE D 31 14.20 -4.58 30.69
C PHE D 31 14.88 -3.90 29.54
N ASN D 32 14.59 -2.62 29.39
CA ASN D 32 15.27 -1.77 28.42
C ASN D 32 16.78 -1.81 28.49
N ASP D 33 17.40 -1.91 27.34
CA ASP D 33 18.85 -1.83 27.26
C ASP D 33 19.17 -0.35 27.10
N VAL D 34 19.99 0.21 27.98
CA VAL D 34 20.37 1.61 27.88
C VAL D 34 21.20 1.97 26.64
N HIS D 35 21.67 0.99 25.87
CA HIS D 35 22.53 1.32 24.72
C HIS D 35 21.73 1.57 23.47
N GLY D 36 20.80 2.51 23.56
CA GLY D 36 19.92 2.78 22.44
C GLY D 36 18.50 3.01 22.94
N LEU D 37 17.54 3.19 22.02
CA LEU D 37 16.14 3.50 22.39
C LEU D 37 15.16 2.38 22.08
N THR D 38 15.62 1.14 21.97
CA THR D 38 14.71 0.03 21.75
C THR D 38 13.79 -0.13 22.95
N LEU D 39 12.51 -0.31 22.69
CA LEU D 39 11.63 -0.89 23.71
C LEU D 39 11.87 -2.39 23.82
N ALA D 40 12.16 -2.85 25.04
CA ALA D 40 12.45 -4.28 25.33
C ALA D 40 11.27 -5.17 24.95
N GLY D 41 11.53 -6.37 24.43
CA GLY D 41 10.42 -7.19 23.91
C GLY D 41 9.57 -7.76 25.03
N ARG D 42 10.15 -7.83 26.21
CA ARG D 42 9.46 -8.31 27.40
C ARG D 42 8.16 -7.52 27.72
N TYR D 43 8.16 -6.23 27.40
CA TYR D 43 7.01 -5.35 27.66
C TYR D 43 5.76 -5.74 26.88
N GLY D 44 5.93 -6.03 25.60
CA GLY D 44 4.80 -6.46 24.78
C GLY D 44 4.31 -7.80 25.29
N GLU D 45 5.26 -8.71 25.47
CA GLU D 45 4.97 -9.99 26.06
C GLU D 45 4.08 -9.86 27.28
N LEU D 46 4.44 -8.98 28.23
CA LEU D 46 3.70 -8.92 29.49
C LEU D 46 2.33 -8.28 29.34
N GLN D 47 2.24 -7.29 28.45
CA GLN D 47 0.96 -6.71 28.01
C GLN D 47 -0.09 -7.76 27.60
N GLU D 48 0.36 -8.79 26.89
CA GLU D 48 -0.48 -9.89 26.50
C GLU D 48 -0.71 -10.84 27.66
N THR D 49 0.37 -11.33 28.27
CA THR D 49 0.26 -12.47 29.22
C THR D 49 0.13 -12.11 30.66
N GLU D 50 0.72 -11.01 31.07
CA GLU D 50 0.82 -10.75 32.49
C GLU D 50 0.87 -9.23 32.73
N PRO D 51 -0.27 -8.54 32.52
CA PRO D 51 -0.29 -7.07 32.52
C PRO D 51 -0.02 -6.42 33.87
N VAL D 52 -0.03 -7.21 34.92
CA VAL D 52 0.32 -6.72 36.22
C VAL D 52 1.23 -7.81 36.79
N SER D 53 2.52 -7.50 36.95
CA SER D 53 3.52 -8.51 37.19
C SER D 53 4.58 -8.02 38.16
N ARG D 54 5.43 -8.94 38.63
CA ARG D 54 6.36 -8.58 39.68
C ARG D 54 7.73 -8.30 39.10
N VAL D 55 8.38 -7.26 39.61
CA VAL D 55 9.75 -7.00 39.23
C VAL D 55 10.68 -6.73 40.39
N ARG D 56 11.96 -7.01 40.18
CA ARG D 56 13.02 -6.69 41.12
C ARG D 56 13.87 -5.60 40.44
N PRO D 57 13.86 -4.39 40.99
CA PRO D 57 14.74 -3.35 40.49
C PRO D 57 16.14 -3.52 41.10
N PRO D 58 17.18 -2.87 40.53
CA PRO D 58 18.51 -3.03 41.11
C PRO D 58 18.64 -2.41 42.49
N TYR D 59 17.78 -1.43 42.79
CA TYR D 59 17.78 -0.91 44.16
C TYR D 59 16.36 -0.75 44.64
N GLY D 60 16.19 -0.83 45.96
CA GLY D 60 14.89 -0.62 46.56
C GLY D 60 14.04 -1.87 46.46
N GLU D 61 12.76 -1.67 46.74
CA GLU D 61 11.77 -2.72 46.90
C GLU D 61 11.38 -3.48 45.63
N GLU D 62 10.97 -4.73 45.81
CA GLU D 62 10.27 -5.41 44.75
C GLU D 62 8.96 -4.68 44.48
N ALA D 63 8.46 -4.73 43.25
CA ALA D 63 7.27 -3.96 42.89
C ALA D 63 6.37 -4.64 41.83
N TRP D 64 5.16 -4.08 41.68
CA TRP D 64 4.30 -4.38 40.54
C TRP D 64 4.68 -3.50 39.34
N LEU D 65 4.55 -4.05 38.15
CA LEU D 65 4.89 -3.37 36.92
C LEU D 65 3.63 -3.44 36.11
N VAL D 66 3.22 -2.31 35.57
CA VAL D 66 1.94 -2.17 34.89
C VAL D 66 2.32 -1.65 33.49
N THR D 67 1.82 -2.32 32.45
CA THR D 67 2.36 -2.12 31.10
C THR D 67 1.36 -1.75 30.03
N ARG D 68 0.07 -2.01 30.25
CA ARG D 68 -0.92 -1.65 29.25
C ARG D 68 -1.25 -0.17 29.30
N TYR D 69 -1.47 0.44 28.14
CA TYR D 69 -1.89 1.80 28.08
C TYR D 69 -3.04 2.08 29.00
N GLU D 70 -3.99 1.20 29.01
CA GLU D 70 -5.21 1.41 29.75
C GLU D 70 -4.98 1.37 31.25
N ASP D 71 -4.06 0.51 31.70
CA ASP D 71 -3.80 0.38 33.13
C ASP D 71 -2.80 1.39 33.69
N VAL D 72 -1.74 1.67 32.94
CA VAL D 72 -0.77 2.72 33.29
C VAL D 72 -1.57 4.03 33.48
N ARG D 73 -2.49 4.26 32.59
CA ARG D 73 -3.26 5.47 32.67
C ARG D 73 -4.18 5.45 33.87
N ALA D 74 -4.83 4.32 34.09
CA ALA D 74 -5.64 4.17 35.27
C ALA D 74 -4.82 4.38 36.55
N VAL D 75 -3.66 3.73 36.71
CA VAL D 75 -2.86 3.96 37.91
C VAL D 75 -2.45 5.44 38.15
N LEU D 76 -2.07 6.15 37.08
CA LEU D 76 -1.62 7.51 37.25
C LEU D 76 -2.79 8.47 37.51
N GLY D 77 -4.01 8.01 37.31
CA GLY D 77 -5.12 8.91 37.52
C GLY D 77 -6.01 8.57 38.69
N ASP D 78 -5.64 7.57 39.47
CA ASP D 78 -6.53 7.03 40.45
C ASP D 78 -6.16 7.60 41.80
N GLY D 79 -7.16 8.06 42.53
CA GLY D 79 -6.90 8.72 43.81
C GLY D 79 -6.31 7.74 44.83
N ARG D 80 -6.37 6.45 44.51
CA ARG D 80 -5.96 5.46 45.44
C ARG D 80 -4.43 5.21 45.40
N PHE D 81 -3.76 5.81 44.42
CA PHE D 81 -2.34 5.68 44.26
C PHE D 81 -1.65 7.04 44.52
N VAL D 82 -0.78 7.08 45.54
CA VAL D 82 -0.17 8.31 46.02
C VAL D 82 1.35 8.27 45.90
N ARG D 83 2.00 9.43 46.14
CA ARG D 83 3.44 9.57 45.99
C ARG D 83 4.12 9.86 47.31
N GLY D 84 3.36 10.38 48.26
CA GLY D 84 3.86 10.74 49.57
C GLY D 84 4.85 9.81 50.27
N PRO D 85 4.65 8.47 50.20
CA PRO D 85 5.58 7.56 50.86
C PRO D 85 6.98 7.58 50.29
N SER D 86 7.17 8.03 49.07
CA SER D 86 8.52 8.12 48.51
C SER D 86 9.52 8.83 49.46
N MET D 87 9.00 9.60 50.43
CA MET D 87 9.86 10.33 51.33
C MET D 87 10.46 9.42 52.43
N THR D 88 9.86 8.27 52.68
CA THR D 88 10.35 7.39 53.71
C THR D 88 10.62 5.97 53.16
N ARG D 89 10.14 5.66 51.97
CA ARG D 89 10.33 4.30 51.46
C ARG D 89 11.62 4.13 50.71
N ASP D 90 12.04 2.87 50.68
CA ASP D 90 13.17 2.42 49.91
C ASP D 90 12.70 2.25 48.47
N GLU D 91 12.52 3.33 47.72
CA GLU D 91 11.80 3.26 46.43
C GLU D 91 12.48 2.35 45.44
N PRO D 92 11.69 1.57 44.65
CA PRO D 92 12.21 0.87 43.47
C PRO D 92 12.83 1.88 42.54
N ARG D 93 14.05 1.63 42.10
CA ARG D 93 14.84 2.62 41.37
C ARG D 93 16.07 1.98 40.75
N THR D 94 16.70 2.69 39.83
CA THR D 94 17.81 2.12 39.06
C THR D 94 19.21 2.67 39.44
N ARG D 95 19.26 3.62 40.39
CA ARG D 95 20.52 4.20 40.91
C ARG D 95 20.55 3.94 42.40
N PRO D 96 21.77 3.91 43.01
CA PRO D 96 21.89 3.69 44.47
C PRO D 96 21.29 4.79 45.35
N GLU D 97 21.29 6.03 44.87
CA GLU D 97 20.86 7.12 45.73
C GLU D 97 19.56 7.72 45.23
N MET D 98 18.69 8.08 46.17
CA MET D 98 17.41 8.70 45.85
C MET D 98 17.52 10.22 45.89
N VAL D 99 17.10 10.91 44.82
CA VAL D 99 16.72 12.33 44.97
C VAL D 99 15.22 12.44 45.37
N LYS D 100 14.94 12.68 46.65
CA LYS D 100 13.57 12.79 47.16
C LYS D 100 13.08 14.25 47.12
N GLY D 101 11.80 14.49 47.41
CA GLY D 101 11.28 15.87 47.47
C GLY D 101 10.64 16.34 46.17
N GLY D 102 10.31 17.62 46.07
CA GLY D 102 9.65 18.13 44.87
C GLY D 102 8.13 17.90 44.85
N LEU D 103 7.48 18.54 43.90
CA LEU D 103 6.08 18.32 43.67
C LEU D 103 5.73 16.84 43.46
N LEU D 104 6.66 16.09 42.89
CA LEU D 104 6.42 14.73 42.49
C LEU D 104 6.42 13.85 43.72
N SER D 105 6.76 14.43 44.87
CA SER D 105 6.70 13.71 46.14
C SER D 105 5.43 13.99 46.95
N MET D 106 4.58 14.91 46.47
CA MET D 106 3.40 15.36 47.24
C MET D 106 2.03 14.83 46.74
N ASP D 107 1.03 14.87 47.60
CA ASP D 107 -0.30 14.43 47.22
C ASP D 107 -1.36 15.50 47.43
N PRO D 108 -2.52 15.30 46.83
CA PRO D 108 -3.59 16.23 47.26
C PRO D 108 -3.85 16.02 48.77
N PRO D 109 -4.12 17.11 49.51
CA PRO D 109 -4.31 18.51 49.08
C PRO D 109 -3.06 19.42 48.99
N GLU D 110 -2.01 19.11 49.75
CA GLU D 110 -0.73 19.88 49.72
C GLU D 110 -0.27 20.06 48.28
N HIS D 111 -0.27 18.98 47.49
CA HIS D 111 0.14 19.04 46.10
C HIS D 111 -0.62 20.10 45.33
N SER D 112 -1.93 20.06 45.50
CA SER D 112 -2.91 20.78 44.71
C SER D 112 -2.62 22.25 44.85
N ARG D 113 -2.35 22.64 46.10
CA ARG D 113 -2.22 24.04 46.46
C ARG D 113 -0.99 24.59 45.74
N LEU D 114 0.14 23.88 45.87
CA LEU D 114 1.37 24.33 45.23
C LEU D 114 1.17 24.35 43.75
N ARG D 115 0.57 23.30 43.21
CA ARG D 115 0.46 23.13 41.77
C ARG D 115 -0.36 24.23 41.15
N ARG D 116 -1.47 24.54 41.81
CA ARG D 116 -2.38 25.61 41.42
C ARG D 116 -1.61 26.95 41.32
N LEU D 117 -0.77 27.23 42.32
CA LEU D 117 -0.06 28.51 42.38
C LEU D 117 0.99 28.60 41.27
N VAL D 118 1.71 27.50 41.06
CA VAL D 118 2.70 27.48 39.99
C VAL D 118 2.03 27.71 38.62
N VAL D 119 0.89 27.06 38.35
CA VAL D 119 0.40 27.11 36.98
C VAL D 119 -0.36 28.40 36.66
N LYS D 120 -0.64 29.19 37.69
CA LYS D 120 -1.25 30.52 37.53
C LYS D 120 -0.21 31.41 36.88
N ALA D 121 1.04 31.22 37.28
CA ALA D 121 2.19 31.96 36.72
C ALA D 121 2.80 31.29 35.47
N PHE D 122 3.03 30.00 35.53
CA PHE D 122 3.69 29.28 34.45
C PHE D 122 2.62 28.85 33.41
N THR D 123 2.14 29.78 32.60
CA THR D 123 0.95 29.52 31.78
C THR D 123 1.36 29.06 30.42
N ALA D 124 0.39 28.50 29.69
CA ALA D 124 0.50 28.25 28.24
C ALA D 124 1.10 29.42 27.47
N ARG D 125 0.61 30.62 27.78
CA ARG D 125 0.94 31.84 27.05
C ARG D 125 2.41 32.22 27.33
N ARG D 126 2.78 32.31 28.60
CA ARG D 126 4.20 32.39 28.96
C ARG D 126 5.07 31.40 28.14
N ALA D 127 4.77 30.12 28.21
CA ALA D 127 5.54 29.16 27.39
C ALA D 127 5.63 29.62 25.94
N GLU D 128 4.50 29.97 25.33
CA GLU D 128 4.51 30.39 23.91
C GLU D 128 5.38 31.63 23.66
N SER D 129 5.37 32.56 24.61
CA SER D 129 6.02 33.82 24.34
C SER D 129 7.54 33.68 24.32
N LEU D 130 8.03 32.54 24.82
CA LEU D 130 9.44 32.20 24.81
C LEU D 130 9.92 31.66 23.46
N ARG D 131 9.00 31.23 22.60
CA ARG D 131 9.45 30.73 21.31
C ARG D 131 10.52 31.63 20.64
N PRO D 132 10.24 32.97 20.52
CA PRO D 132 11.25 33.72 19.75
C PRO D 132 12.65 33.70 20.40
N ARG D 133 12.74 33.90 21.71
CA ARG D 133 14.03 33.86 22.38
C ARG D 133 14.66 32.48 22.25
N ALA D 134 13.84 31.42 22.40
CA ALA D 134 14.29 30.05 22.18
C ALA D 134 14.86 29.82 20.78
N ARG D 135 14.27 30.44 19.74
CA ARG D 135 14.87 30.39 18.41
C ARG D 135 16.26 31.03 18.41
N GLU D 136 16.37 32.24 18.97
CA GLU D 136 17.62 33.00 18.95
C GLU D 136 18.72 32.23 19.61
N ILE D 137 18.39 31.64 20.75
CA ILE D 137 19.36 30.82 21.48
C ILE D 137 19.82 29.61 20.65
N ALA D 138 18.90 28.91 19.99
CA ALA D 138 19.26 27.77 19.18
C ALA D 138 20.23 28.21 18.05
N HIS D 139 19.84 29.27 17.34
CA HIS D 139 20.65 29.84 16.26
C HIS D 139 22.08 30.18 16.72
N GLU D 140 22.17 30.82 17.89
CA GLU D 140 23.41 31.08 18.57
C GLU D 140 24.20 29.80 18.78
N LEU D 141 23.61 28.81 19.43
CA LEU D 141 24.27 27.51 19.61
C LEU D 141 24.77 26.92 18.28
N VAL D 142 24.01 27.10 17.22
CA VAL D 142 24.40 26.53 15.93
C VAL D 142 25.55 27.31 15.29
N ASP D 143 25.49 28.64 15.39
CA ASP D 143 26.63 29.48 15.01
C ASP D 143 27.87 28.97 15.69
N GLN D 144 27.76 28.72 17.00
CA GLN D 144 28.87 28.32 17.83
C GLN D 144 29.38 26.95 17.41
N MET D 145 28.50 25.95 17.27
CA MET D 145 28.86 24.63 16.70
C MET D 145 29.54 24.72 15.33
N ALA D 146 28.90 25.41 14.40
CA ALA D 146 29.47 25.56 13.05
C ALA D 146 30.93 26.07 13.11
N ALA D 147 31.25 26.93 14.09
CA ALA D 147 32.60 27.50 14.27
C ALA D 147 33.70 26.54 14.79
N THR D 148 33.29 25.37 15.31
CA THR D 148 34.24 24.36 15.79
C THR D 148 34.62 23.38 14.66
N GLY D 149 33.94 23.52 13.53
CA GLY D 149 34.18 22.65 12.37
C GLY D 149 33.60 21.26 12.59
N GLN D 150 33.65 20.47 11.54
CA GLN D 150 33.02 19.17 11.49
C GLN D 150 34.02 18.07 11.75
N PRO D 151 33.65 17.03 12.51
CA PRO D 151 32.36 16.78 13.19
C PRO D 151 32.28 17.55 14.48
N ALA D 152 31.07 17.91 14.90
CA ALA D 152 30.89 18.65 16.15
C ALA D 152 29.95 17.83 17.00
N ASP D 153 30.06 17.95 18.31
CA ASP D 153 29.26 17.15 19.22
C ASP D 153 27.93 17.83 19.57
N LEU D 154 26.86 17.42 18.88
CA LEU D 154 25.55 18.02 19.05
C LEU D 154 25.05 17.96 20.51
N VAL D 155 25.54 17.00 21.30
CA VAL D 155 25.10 16.86 22.70
C VAL D 155 25.64 18.00 23.56
N ALA D 156 26.97 18.06 23.70
CA ALA D 156 27.66 19.08 24.50
C ALA D 156 27.33 20.51 24.03
N MET D 157 27.17 20.70 22.72
CA MET D 157 27.11 22.06 22.13
C MET D 157 25.72 22.60 21.85
N PHE D 158 24.74 21.72 21.82
CA PHE D 158 23.41 22.15 21.53
C PHE D 158 22.49 21.63 22.63
N ALA D 159 22.41 20.32 22.74
CA ALA D 159 21.34 19.69 23.48
C ALA D 159 21.43 20.00 24.96
N ARG D 160 22.64 20.02 25.49
CA ARG D 160 22.87 20.31 26.90
C ARG D 160 22.92 21.81 27.16
N GLN D 161 22.67 22.63 26.14
CA GLN D 161 22.77 24.07 26.28
C GLN D 161 21.42 24.75 26.17
N LEU D 162 20.68 24.44 25.10
CA LEU D 162 19.36 25.02 24.92
C LEU D 162 18.45 24.93 26.19
N PRO D 163 18.15 23.69 26.68
CA PRO D 163 17.07 23.63 27.69
C PRO D 163 17.32 24.43 28.95
N VAL D 164 18.58 24.49 29.36
CA VAL D 164 18.96 25.16 30.60
C VAL D 164 19.01 26.68 30.39
N ARG D 165 19.37 27.12 29.20
CA ARG D 165 19.31 28.53 28.83
C ARG D 165 17.88 29.03 28.64
N VAL D 166 17.03 28.25 27.99
CA VAL D 166 15.59 28.53 27.98
C VAL D 166 14.98 28.68 29.40
N ILE D 167 15.37 27.81 30.33
CA ILE D 167 14.89 27.93 31.71
C ILE D 167 15.44 29.20 32.40
N CYS D 168 16.61 29.67 31.95
CA CYS D 168 17.13 30.94 32.43
C CYS D 168 16.25 32.08 31.98
N GLU D 169 15.90 32.11 30.69
CA GLU D 169 14.96 33.11 30.22
C GLU D 169 13.66 33.03 30.98
N LEU D 170 13.15 31.80 31.17
CA LEU D 170 11.85 31.60 31.78
C LEU D 170 11.80 32.30 33.13
N LEU D 171 12.76 31.94 33.97
CA LEU D 171 12.81 32.36 35.36
C LEU D 171 13.12 33.88 35.44
N GLY D 172 13.89 34.40 34.49
CA GLY D 172 14.42 35.76 34.56
C GLY D 172 15.86 35.95 35.01
N VAL D 173 16.70 34.93 34.84
CA VAL D 173 18.12 35.08 35.15
C VAL D 173 18.71 35.98 34.05
N PRO D 174 19.35 37.11 34.44
CA PRO D 174 19.89 38.04 33.44
C PRO D 174 20.90 37.32 32.58
N SER D 175 20.90 37.66 31.30
CA SER D 175 21.87 37.17 30.32
C SER D 175 23.26 36.90 30.87
N ALA D 176 23.83 37.94 31.50
CA ALA D 176 25.20 37.92 31.99
C ALA D 176 25.48 36.74 32.90
N ASP D 177 24.42 36.14 33.43
CA ASP D 177 24.62 35.12 34.42
C ASP D 177 24.35 33.72 33.83
N HIS D 178 24.06 33.67 32.53
CA HIS D 178 23.67 32.39 31.95
C HIS D 178 24.82 31.41 32.00
N ASP D 179 26.01 31.84 31.57
CA ASP D 179 27.16 30.93 31.46
C ASP D 179 27.42 30.22 32.77
N ARG D 180 27.41 30.95 33.88
CA ARG D 180 27.71 30.36 35.18
C ARG D 180 26.51 29.61 35.77
N PHE D 181 25.30 30.11 35.55
CA PHE D 181 24.14 29.31 35.95
C PHE D 181 24.05 27.95 35.18
N THR D 182 24.34 27.96 33.90
CA THR D 182 24.47 26.75 33.14
C THR D 182 25.55 25.86 33.82
N ARG D 183 26.77 26.38 33.98
CA ARG D 183 27.83 25.65 34.69
C ARG D 183 27.39 24.96 36.02
N TRP D 184 26.63 25.63 36.88
CA TRP D 184 26.12 24.96 38.11
C TRP D 184 25.09 23.85 37.81
N SER D 185 24.18 24.15 36.88
CA SER D 185 23.15 23.22 36.48
C SER D 185 23.71 21.92 35.90
N GLY D 186 24.81 21.99 35.16
CA GLY D 186 25.37 20.82 34.52
C GLY D 186 25.71 19.77 35.55
N ALA D 187 26.05 20.19 36.74
CA ALA D 187 26.36 19.26 37.81
C ALA D 187 25.13 18.50 38.25
N PHE D 188 23.94 18.89 37.76
CA PHE D 188 22.72 18.21 38.23
C PHE D 188 22.35 17.07 37.30
N LEU D 189 23.01 17.01 36.16
CA LEU D 189 22.76 15.98 35.17
C LEU D 189 23.19 14.64 35.70
N SER D 190 22.32 13.63 35.52
CA SER D 190 22.66 12.28 35.96
C SER D 190 23.95 11.82 35.28
N THR D 191 24.27 12.33 34.12
CA THR D 191 25.49 11.96 33.46
C THR D 191 26.73 12.74 33.95
N ALA D 192 26.59 13.66 34.90
CA ALA D 192 27.71 14.54 35.26
C ALA D 192 28.83 13.71 35.83
N GLU D 193 30.07 14.09 35.53
CA GLU D 193 31.27 13.46 36.11
C GLU D 193 31.81 14.31 37.29
N VAL D 194 31.18 14.22 38.46
CA VAL D 194 31.54 15.15 39.53
C VAL D 194 31.44 14.49 40.90
N THR D 195 32.23 14.96 41.87
CA THR D 195 32.18 14.44 43.26
C THR D 195 30.94 14.91 44.08
N ALA D 196 30.67 14.21 45.17
CA ALA D 196 29.54 14.56 46.02
C ALA D 196 29.67 15.99 46.53
N GLU D 197 30.92 16.47 46.59
CA GLU D 197 31.25 17.79 47.11
C GLU D 197 31.13 18.88 46.01
N GLU D 198 31.57 18.58 44.79
CA GLU D 198 31.51 19.57 43.71
C GLU D 198 30.03 19.83 43.40
N MET D 199 29.19 18.82 43.65
CA MET D 199 27.73 18.91 43.48
C MET D 199 27.07 19.74 44.55
N GLN D 200 27.60 19.63 45.79
CA GLN D 200 27.26 20.53 46.90
C GLN D 200 27.61 22.00 46.64
N GLU D 201 28.84 22.26 46.21
CA GLU D 201 29.24 23.62 45.87
C GLU D 201 28.22 24.24 44.87
N ALA D 202 27.98 23.50 43.79
CA ALA D 202 27.04 23.90 42.73
C ALA D 202 25.57 24.08 43.20
N ALA D 203 25.08 23.19 44.07
CA ALA D 203 23.72 23.29 44.61
C ALA D 203 23.54 24.52 45.48
N GLU D 204 24.51 24.76 46.34
CA GLU D 204 24.45 25.89 47.25
C GLU D 204 24.59 27.21 46.48
N GLN D 205 25.45 27.22 45.46
CA GLN D 205 25.61 28.39 44.59
C GLN D 205 24.30 28.77 43.88
N ALA D 206 23.60 27.74 43.40
CA ALA D 206 22.38 27.94 42.63
C ALA D 206 21.23 28.36 43.53
N TYR D 207 21.15 27.76 44.72
CA TYR D 207 20.11 28.12 45.67
C TYR D 207 20.31 29.55 46.19
N ALA D 208 21.57 29.91 46.38
CA ALA D 208 21.95 31.22 46.88
C ALA D 208 21.59 32.27 45.87
N TYR D 209 22.05 32.05 44.64
CA TYR D 209 21.75 32.95 43.56
C TYR D 209 20.22 33.12 43.39
N MET D 210 19.50 32.02 43.47
CA MET D 210 18.11 32.01 43.08
C MET D 210 17.24 32.76 44.13
N GLY D 211 17.55 32.50 45.39
CA GLY D 211 16.91 33.17 46.54
C GLY D 211 17.16 34.66 46.51
N ASP D 212 18.38 35.04 46.12
N ASP D 212 18.37 35.05 46.10
CA ASP D 212 18.73 36.44 45.93
CA ASP D 212 18.71 36.44 45.96
C ASP D 212 17.85 37.02 44.84
C ASP D 212 17.89 37.03 44.82
N LEU D 213 17.72 36.29 43.73
CA LEU D 213 16.93 36.74 42.59
C LEU D 213 15.47 36.90 42.95
N ILE D 214 14.97 35.99 43.79
CA ILE D 214 13.60 36.02 44.21
C ILE D 214 13.39 37.25 45.07
N ASP D 215 14.27 37.40 46.06
CA ASP D 215 14.27 38.60 46.93
C ASP D 215 14.26 39.89 46.10
N ARG D 216 15.05 39.93 45.03
CA ARG D 216 15.12 41.10 44.17
C ARG D 216 13.85 41.33 43.30
N ARG D 217 13.23 40.25 42.82
CA ARG D 217 12.01 40.40 42.02
C ARG D 217 10.83 40.76 42.93
N ARG D 218 10.82 40.23 44.14
CA ARG D 218 9.79 40.57 45.10
C ARG D 218 9.78 42.10 45.32
N LYS D 219 10.95 42.68 45.58
CA LYS D 219 11.06 44.13 45.79
C LYS D 219 10.89 44.98 44.51
N GLU D 220 11.17 44.42 43.34
CA GLU D 220 11.06 45.14 42.06
C GLU D 220 10.70 44.15 40.91
N PRO D 221 9.41 43.83 40.75
CA PRO D 221 9.02 42.82 39.74
C PRO D 221 9.31 43.18 38.28
N THR D 222 9.52 42.15 37.44
CA THR D 222 9.50 42.30 35.99
C THR D 222 8.41 41.40 35.44
N ASP D 223 8.65 40.88 34.25
CA ASP D 223 7.67 40.08 33.54
C ASP D 223 8.03 38.60 33.52
N ASP D 224 9.11 38.25 34.22
CA ASP D 224 9.58 36.89 34.26
C ASP D 224 8.74 35.97 35.20
N LEU D 225 9.01 34.68 35.12
CA LEU D 225 8.32 33.68 35.93
C LEU D 225 8.57 33.84 37.40
N VAL D 226 9.78 34.22 37.78
CA VAL D 226 10.07 34.43 39.20
C VAL D 226 9.10 35.49 39.80
N SER D 227 8.95 36.58 39.09
CA SER D 227 8.10 37.68 39.50
C SER D 227 6.68 37.21 39.60
N ALA D 228 6.24 36.40 38.63
CA ALA D 228 4.86 35.95 38.59
C ALA D 228 4.61 34.96 39.72
N LEU D 229 5.59 34.10 40.00
CA LEU D 229 5.45 33.19 41.14
C LEU D 229 5.29 33.96 42.45
N VAL D 230 6.10 35.02 42.64
CA VAL D 230 6.01 35.80 43.87
C VAL D 230 4.65 36.45 44.01
N GLN D 231 4.09 36.94 42.91
CA GLN D 231 2.81 37.57 43.05
C GLN D 231 1.59 36.68 42.81
N ALA D 232 1.78 35.37 42.60
CA ALA D 232 0.60 34.54 42.36
C ALA D 232 -0.30 34.45 43.61
N ARG D 233 -1.60 34.58 43.43
CA ARG D 233 -2.50 34.47 44.55
C ARG D 233 -3.59 33.46 44.27
N ASP D 234 -3.91 32.62 45.25
CA ASP D 234 -5.06 31.72 45.17
C ASP D 234 -5.97 32.01 46.33
N GLN D 235 -6.59 33.21 46.29
CA GLN D 235 -7.46 33.76 47.34
C GLN D 235 -6.82 33.63 48.72
N GLN D 236 -6.49 34.77 49.31
CA GLN D 236 -5.88 34.79 50.65
C GLN D 236 -4.48 34.11 50.71
N ASP D 237 -4.19 33.22 49.74
CA ASP D 237 -3.00 32.33 49.79
C ASP D 237 -1.90 32.64 48.74
N SER D 238 -0.66 32.26 49.08
CA SER D 238 0.54 32.53 48.26
C SER D 238 1.72 31.62 48.66
N LEU D 239 2.73 31.53 47.80
CA LEU D 239 3.89 30.71 48.05
C LEU D 239 4.79 31.36 49.09
N SER D 240 5.25 30.59 50.08
CA SER D 240 6.26 31.13 51.00
C SER D 240 7.63 31.35 50.34
N GLU D 241 8.56 31.94 51.07
CA GLU D 241 9.92 32.14 50.58
C GLU D 241 10.59 30.81 50.24
N GLN D 242 10.48 29.84 51.15
CA GLN D 242 11.02 28.49 50.93
C GLN D 242 10.31 27.81 49.73
N GLU D 243 8.99 27.78 49.71
CA GLU D 243 8.29 27.25 48.52
C GLU D 243 8.78 27.88 47.20
N LEU D 244 8.93 29.21 47.15
CA LEU D 244 9.43 29.89 45.92
C LEU D 244 10.81 29.40 45.47
N LEU D 245 11.72 29.22 46.43
CA LEU D 245 13.05 28.72 46.15
C LEU D 245 13.09 27.25 45.70
N ASP D 246 12.36 26.40 46.41
CA ASP D 246 12.24 24.96 46.09
C ASP D 246 11.62 24.75 44.73
N LEU D 247 10.64 25.58 44.37
CA LEU D 247 9.91 25.44 43.09
C LEU D 247 10.72 25.98 41.94
N ALA D 248 11.40 27.11 42.14
CA ALA D 248 12.30 27.64 41.08
C ALA D 248 13.36 26.61 40.72
N ILE D 249 14.05 26.09 41.73
CA ILE D 249 15.06 25.06 41.49
C ILE D 249 14.44 23.80 40.91
N GLY D 250 13.31 23.37 41.47
CA GLY D 250 12.63 22.20 41.00
C GLY D 250 12.26 22.25 39.53
N LEU D 251 11.93 23.45 39.04
CA LEU D 251 11.62 23.59 37.61
C LEU D 251 12.87 23.38 36.76
N LEU D 252 13.97 23.92 37.24
CA LEU D 252 15.24 23.70 36.60
C LEU D 252 15.56 22.20 36.51
N VAL D 253 15.39 21.43 37.58
CA VAL D 253 15.83 20.06 37.43
C VAL D 253 14.83 19.23 36.58
N ALA D 254 13.53 19.49 36.78
CA ALA D 254 12.51 18.82 35.97
C ALA D 254 12.63 19.18 34.49
N GLY D 255 13.30 20.29 34.19
CA GLY D 255 13.15 20.90 32.91
C GLY D 255 14.37 20.73 32.06
N TYR D 256 15.46 20.32 32.68
CA TYR D 256 16.74 20.32 32.02
C TYR D 256 17.10 18.96 31.42
N GLU D 257 17.35 17.96 32.27
CA GLU D 257 17.84 16.71 31.71
C GLU D 257 16.86 16.09 30.69
N SER D 258 15.57 16.20 31.02
CA SER D 258 14.50 15.56 30.26
C SER D 258 14.50 16.14 28.87
N THR D 259 14.47 17.47 28.79
CA THR D 259 14.42 18.15 27.48
C THR D 259 15.74 17.91 26.79
N THR D 260 16.81 17.85 27.55
CA THR D 260 18.16 17.73 26.90
C THR D 260 18.23 16.39 26.24
N THR D 261 17.86 15.35 26.98
CA THR D 261 18.00 14.01 26.46
C THR D 261 17.03 13.81 25.32
N GLN D 262 15.88 14.49 25.41
CA GLN D 262 14.84 14.33 24.36
C GLN D 262 15.23 15.05 23.05
N ILE D 263 15.86 16.24 23.15
CA ILE D 263 16.47 16.85 21.96
C ILE D 263 17.47 15.88 21.31
N ALA D 264 18.39 15.35 22.10
CA ALA D 264 19.40 14.44 21.53
C ALA D 264 18.75 13.20 20.92
N ASP D 265 17.73 12.67 21.57
CA ASP D 265 17.03 11.51 21.04
C ASP D 265 16.31 11.81 19.73
N PHE D 266 15.53 12.87 19.73
CA PHE D 266 14.79 13.25 18.49
C PHE D 266 15.73 13.45 17.27
N VAL D 267 16.78 14.24 17.45
CA VAL D 267 17.76 14.45 16.36
C VAL D 267 18.49 13.13 15.95
N TYR D 268 18.74 12.25 16.93
CA TYR D 268 19.30 10.95 16.63
C TYR D 268 18.41 10.19 15.64
N LEU D 269 17.14 10.09 15.95
CA LEU D 269 16.16 9.46 15.06
C LEU D 269 16.12 10.18 13.74
N LEU D 270 16.24 11.48 13.78
CA LEU D 270 16.14 12.28 12.58
C LEU D 270 17.23 12.02 11.52
N MET D 271 18.44 11.80 12.02
CA MET D 271 19.62 11.63 11.22
C MET D 271 19.69 10.18 10.74
N THR D 272 18.92 9.29 11.34
CA THR D 272 19.03 7.90 10.96
C THR D 272 17.77 7.39 10.27
N ARG D 273 16.84 8.27 9.97
CA ARG D 273 15.63 7.84 9.31
C ARG D 273 15.29 8.84 8.25
N PRO D 274 15.89 8.64 7.07
CA PRO D 274 15.92 9.64 6.01
C PRO D 274 14.49 10.09 5.69
N GLU D 275 13.54 9.19 5.81
CA GLU D 275 12.13 9.48 5.58
C GLU D 275 11.54 10.49 6.57
N LEU D 276 11.89 10.36 7.84
CA LEU D 276 11.43 11.30 8.83
C LEU D 276 11.97 12.69 8.47
N ARG D 277 13.26 12.71 8.11
CA ARG D 277 13.95 13.91 7.73
C ARG D 277 13.31 14.59 6.55
N ARG D 278 13.01 13.85 5.49
CA ARG D 278 12.44 14.47 4.31
C ARG D 278 11.09 15.04 4.59
N GLN D 279 10.28 14.39 5.43
CA GLN D 279 8.92 14.91 5.65
C GLN D 279 8.94 16.23 6.38
N LEU D 280 9.80 16.33 7.39
CA LEU D 280 9.94 17.57 8.12
C LEU D 280 10.66 18.68 7.35
N LEU D 281 11.40 18.34 6.30
CA LEU D 281 12.01 19.35 5.41
C LEU D 281 11.02 19.82 4.34
N ASP D 282 10.38 18.88 3.65
CA ASP D 282 9.31 19.24 2.70
C ASP D 282 8.19 20.06 3.38
N ARG D 283 7.72 19.61 4.56
CA ARG D 283 6.59 20.28 5.23
C ARG D 283 6.90 20.66 6.69
N PRO D 284 7.64 21.78 6.91
CA PRO D 284 8.05 22.21 8.27
C PRO D 284 6.88 22.33 9.23
N GLU D 285 5.69 22.57 8.69
CA GLU D 285 4.55 22.70 9.55
C GLU D 285 4.17 21.38 10.25
N LEU D 286 4.77 20.27 9.85
CA LEU D 286 4.51 19.03 10.61
C LEU D 286 5.34 18.85 11.87
N ILE D 287 6.25 19.77 12.14
CA ILE D 287 7.10 19.63 13.32
C ILE D 287 6.27 19.42 14.61
N PRO D 288 5.29 20.31 14.90
CA PRO D 288 4.61 20.13 16.19
C PRO D 288 4.03 18.72 16.34
N SER D 289 3.33 18.28 15.31
CA SER D 289 2.80 16.94 15.29
C SER D 289 3.90 15.84 15.41
N ALA D 290 5.01 16.04 14.70
CA ALA D 290 6.18 15.19 14.82
C ALA D 290 6.66 15.06 16.27
N VAL D 291 6.75 16.20 16.97
CA VAL D 291 7.19 16.22 18.37
C VAL D 291 6.29 15.32 19.21
N GLU D 292 5.00 15.38 18.92
CA GLU D 292 4.04 14.65 19.70
C GLU D 292 4.25 13.18 19.41
N GLU D 293 4.52 12.87 18.15
CA GLU D 293 4.62 11.48 17.75
C GLU D 293 5.90 10.89 18.34
N LEU D 294 6.96 11.69 18.37
CA LEU D 294 8.24 11.17 18.84
C LEU D 294 8.23 11.10 20.36
N THR D 295 7.52 12.01 21.00
CA THR D 295 7.29 11.91 22.45
C THR D 295 6.57 10.64 22.79
N ARG D 296 5.63 10.22 21.93
CA ARG D 296 4.97 8.95 22.10
C ARG D 296 5.96 7.77 21.93
N TRP D 297 6.69 7.80 20.84
CA TRP D 297 7.43 6.64 20.39
C TRP D 297 8.68 6.39 21.18
N VAL D 298 9.42 7.43 21.59
CA VAL D 298 10.68 7.19 22.31
C VAL D 298 10.43 6.73 23.75
N PRO D 299 10.96 5.56 24.13
CA PRO D 299 10.74 5.18 25.50
C PRO D 299 11.88 5.76 26.29
N LEU D 300 11.74 7.05 26.53
CA LEU D 300 12.78 7.84 27.13
C LEU D 300 13.40 7.22 28.40
N GLY D 301 12.56 6.81 29.33
CA GLY D 301 13.04 6.37 30.62
C GLY D 301 13.72 5.02 30.53
N VAL D 302 14.73 4.78 31.37
CA VAL D 302 15.37 3.47 31.46
C VAL D 302 14.30 2.49 31.97
N GLY D 303 13.63 2.89 33.05
CA GLY D 303 12.53 2.16 33.67
C GLY D 303 11.25 2.95 33.51
N THR D 304 10.61 3.27 34.63
CA THR D 304 9.25 3.85 34.54
C THR D 304 9.07 5.25 35.21
N ALA D 305 7.83 5.75 35.19
CA ALA D 305 7.43 6.85 36.04
C ALA D 305 7.66 6.47 37.51
N PHE D 306 7.90 7.50 38.34
CA PHE D 306 8.07 7.37 39.77
C PHE D 306 6.98 6.48 40.38
N PRO D 307 7.37 5.56 41.29
CA PRO D 307 6.45 4.60 41.89
C PRO D 307 5.23 5.27 42.48
N ARG D 308 4.10 4.64 42.30
CA ARG D 308 2.88 5.03 43.00
C ARG D 308 2.66 4.02 44.11
N TYR D 309 2.21 4.47 45.26
CA TYR D 309 1.90 3.54 46.34
C TYR D 309 0.40 3.39 46.56
N ALA D 310 -0.07 2.15 46.65
CA ALA D 310 -1.49 1.94 46.97
C ALA D 310 -1.85 2.43 48.39
N VAL D 311 -2.87 3.27 48.54
CA VAL D 311 -3.30 3.70 49.89
C VAL D 311 -4.17 2.63 50.55
N GLU D 312 -4.71 1.72 49.74
CA GLU D 312 -5.56 0.66 50.22
C GLU D 312 -5.47 -0.36 49.15
N ASP D 313 -6.04 -1.52 49.43
CA ASP D 313 -6.10 -2.63 48.52
C ASP D 313 -6.87 -2.26 47.27
N VAL D 314 -6.23 -2.46 46.14
CA VAL D 314 -6.81 -2.11 44.85
C VAL D 314 -6.68 -3.39 44.03
N THR D 315 -7.66 -3.65 43.15
CA THR D 315 -7.59 -4.84 42.32
C THR D 315 -7.46 -4.34 40.92
N LEU D 316 -6.50 -4.88 40.19
CA LEU D 316 -6.28 -4.44 38.82
C LEU D 316 -5.99 -5.66 37.93
N ARG D 317 -6.75 -5.80 36.83
CA ARG D 317 -6.74 -7.02 35.97
C ARG D 317 -6.77 -8.24 36.86
N GLY D 318 -7.75 -8.26 37.73
CA GLY D 318 -7.93 -9.37 38.63
C GLY D 318 -6.83 -9.62 39.63
N VAL D 319 -5.68 -8.91 39.58
CA VAL D 319 -4.68 -9.09 40.64
C VAL D 319 -4.79 -8.10 41.78
N THR D 320 -4.65 -8.57 43.01
CA THR D 320 -4.82 -7.70 44.16
C THR D 320 -3.54 -6.98 44.60
N ILE D 321 -3.58 -5.65 44.59
CA ILE D 321 -2.43 -4.88 44.95
C ILE D 321 -2.74 -4.39 46.32
N ARG D 322 -1.85 -4.69 47.27
CA ARG D 322 -2.17 -4.44 48.64
C ARG D 322 -1.73 -3.07 49.15
N ALA D 323 -2.46 -2.59 50.12
CA ALA D 323 -2.18 -1.30 50.71
C ALA D 323 -0.68 -1.12 50.95
N GLY D 324 -0.09 -0.04 50.44
CA GLY D 324 1.30 0.29 50.73
C GLY D 324 2.29 -0.19 49.69
N GLU D 325 1.85 -1.09 48.81
CA GLU D 325 2.77 -1.63 47.78
C GLU D 325 3.05 -0.67 46.60
N PRO D 326 4.32 -0.64 46.18
CA PRO D 326 4.81 0.15 45.06
C PRO D 326 4.33 -0.40 43.74
N VAL D 327 3.82 0.50 42.91
CA VAL D 327 3.42 0.16 41.56
C VAL D 327 4.18 1.04 40.58
N LEU D 328 4.81 0.40 39.58
CA LEU D 328 5.56 1.03 38.50
C LEU D 328 4.72 1.04 37.19
N ALA D 329 4.48 2.22 36.65
CA ALA D 329 3.60 2.32 35.52
C ALA D 329 4.40 2.78 34.34
N SER D 330 4.67 1.88 33.41
CA SER D 330 5.46 2.25 32.25
C SER D 330 4.65 3.01 31.16
N THR D 331 4.84 4.34 31.15
CA THR D 331 4.45 5.19 30.01
C THR D 331 5.21 4.81 28.73
N GLY D 332 6.42 4.24 28.86
CA GLY D 332 7.16 3.74 27.69
C GLY D 332 6.35 2.64 27.02
N ALA D 333 5.95 1.64 27.80
CA ALA D 333 5.23 0.51 27.22
C ALA D 333 3.83 0.97 26.83
N ALA D 334 3.23 1.81 27.68
CA ALA D 334 1.86 2.31 27.45
C ALA D 334 1.82 2.90 26.04
N ASN D 335 2.79 3.78 25.76
CA ASN D 335 2.82 4.55 24.52
C ASN D 335 3.10 3.67 23.29
N ARG D 336 3.51 2.43 23.52
CA ARG D 336 3.71 1.45 22.46
C ARG D 336 2.77 0.23 22.58
N ASP D 337 1.63 0.41 23.26
CA ASP D 337 0.57 -0.60 23.36
C ASP D 337 -0.23 -0.64 22.07
N GLN D 338 -0.17 -1.76 21.36
CA GLN D 338 -0.84 -1.91 20.06
C GLN D 338 -2.31 -1.82 20.22
N ALA D 339 -2.82 -2.00 21.45
CA ALA D 339 -4.27 -2.01 21.63
C ALA D 339 -4.74 -0.59 21.58
N GLN D 340 -3.84 0.37 21.83
CA GLN D 340 -4.17 1.79 21.86
C GLN D 340 -3.75 2.57 20.64
N PHE D 341 -2.58 2.25 20.12
CA PHE D 341 -2.05 2.99 19.00
C PHE D 341 -1.85 2.13 17.77
N PRO D 342 -2.62 2.36 16.71
CA PRO D 342 -2.50 1.44 15.58
C PRO D 342 -1.06 1.34 15.01
N ASP D 343 -0.56 0.10 14.85
CA ASP D 343 0.85 -0.10 14.42
C ASP D 343 1.74 0.75 15.32
N ALA D 344 1.66 0.48 16.61
CA ALA D 344 2.34 1.28 17.62
C ALA D 344 3.86 1.47 17.40
N ASP D 345 4.50 0.59 16.63
CA ASP D 345 5.95 0.62 16.51
C ASP D 345 6.39 1.49 15.31
N ARG D 346 5.42 1.93 14.52
CA ARG D 346 5.70 2.79 13.39
C ARG D 346 5.75 4.24 13.86
N ILE D 347 6.72 5.03 13.37
CA ILE D 347 6.69 6.47 13.59
C ILE D 347 5.91 7.15 12.47
N ASP D 348 4.74 7.69 12.78
CA ASP D 348 3.89 8.36 11.79
C ASP D 348 3.75 9.81 12.26
N VAL D 349 4.42 10.75 11.58
CA VAL D 349 4.36 12.13 12.03
C VAL D 349 2.96 12.77 12.05
N ASP D 350 2.03 12.32 11.19
CA ASP D 350 0.65 12.84 11.31
C ASP D 350 -0.34 11.83 11.92
N ARG D 351 0.19 11.02 12.84
CA ARG D 351 -0.64 10.10 13.62
C ARG D 351 -1.78 10.85 14.30
N THR D 352 -3.00 10.34 14.15
CA THR D 352 -4.21 10.95 14.74
C THR D 352 -5.22 9.88 15.13
N PRO D 353 -5.73 9.90 16.36
CA PRO D 353 -5.38 10.68 17.58
C PRO D 353 -4.00 10.27 18.14
N ASN D 354 -3.48 11.05 19.10
CA ASN D 354 -2.25 10.70 19.74
C ASN D 354 -2.31 11.07 21.23
N GLN D 355 -3.14 10.34 21.99
CA GLN D 355 -3.29 10.63 23.42
C GLN D 355 -2.22 9.94 24.27
N HIS D 356 -0.97 10.25 23.98
CA HIS D 356 0.13 9.50 24.57
C HIS D 356 0.37 9.95 26.00
N LEU D 357 1.17 9.15 26.72
CA LEU D 357 1.44 9.41 28.13
C LEU D 357 2.89 9.86 28.33
N GLY D 358 3.51 10.28 27.23
CA GLY D 358 4.88 10.79 27.25
C GLY D 358 5.11 11.87 28.30
N PHE D 359 4.08 12.66 28.57
CA PHE D 359 4.16 13.69 29.62
C PHE D 359 3.41 13.30 30.89
N GLY D 360 3.29 12.00 31.15
CA GLY D 360 2.55 11.61 32.33
C GLY D 360 1.06 11.82 32.12
N HIS D 361 0.32 11.81 33.23
CA HIS D 361 -1.11 11.71 33.21
C HIS D 361 -1.57 11.81 34.65
N GLY D 362 -2.75 12.39 34.91
CA GLY D 362 -3.20 12.57 36.28
C GLY D 362 -2.68 13.87 36.87
N VAL D 363 -2.85 14.07 38.18
CA VAL D 363 -2.48 15.37 38.78
C VAL D 363 -1.02 15.79 38.65
N HIS D 364 -0.12 14.81 38.47
CA HIS D 364 1.29 15.06 38.28
C HIS D 364 1.73 15.27 36.85
N HIS D 365 0.78 15.25 35.90
N HIS D 365 0.78 15.26 35.92
CA HIS D 365 1.06 15.59 34.49
CA HIS D 365 1.13 15.49 34.52
C HIS D 365 2.05 16.74 34.38
C HIS D 365 2.02 16.73 34.34
N CYS D 366 3.07 16.56 33.53
CA CYS D 366 4.17 17.52 33.37
C CYS D 366 3.62 18.93 33.31
N LEU D 367 3.84 19.73 34.35
CA LEU D 367 3.40 21.12 34.25
C LEU D 367 4.23 21.98 33.26
N GLY D 368 5.43 21.48 32.88
CA GLY D 368 6.30 22.13 31.89
C GLY D 368 6.07 21.71 30.45
N ALA D 369 5.17 20.74 30.23
CA ALA D 369 4.80 20.29 28.86
C ALA D 369 4.68 21.38 27.80
N PRO D 370 3.98 22.50 28.11
CA PRO D 370 3.92 23.44 26.97
C PRO D 370 5.27 24.02 26.57
N LEU D 371 6.16 24.23 27.54
CA LEU D 371 7.47 24.80 27.17
C LEU D 371 8.33 23.71 26.53
N ALA D 372 8.22 22.49 27.03
CA ALA D 372 8.97 21.39 26.46
C ALA D 372 8.58 21.25 24.97
N ARG D 373 7.31 21.27 24.67
CA ARG D 373 6.96 21.21 23.25
C ARG D 373 7.55 22.38 22.45
N VAL D 374 7.58 23.59 23.06
CA VAL D 374 8.08 24.76 22.38
C VAL D 374 9.53 24.48 22.09
N GLU D 375 10.28 24.05 23.12
CA GLU D 375 11.73 23.90 22.95
C GLU D 375 12.05 22.86 21.91
N LEU D 376 11.30 21.75 21.94
CA LEU D 376 11.50 20.59 21.01
C LEU D 376 11.15 20.94 19.59
N GLN D 377 10.14 21.81 19.45
CA GLN D 377 9.66 22.21 18.15
C GLN D 377 10.73 23.03 17.54
N VAL D 378 11.20 24.02 18.33
CA VAL D 378 12.31 24.91 17.93
C VAL D 378 13.65 24.17 17.58
N ALA D 379 14.08 23.27 18.46
CA ALA D 379 15.27 22.50 18.19
C ALA D 379 15.16 21.87 16.78
N LEU D 380 13.99 21.35 16.44
CA LEU D 380 13.85 20.75 15.12
C LEU D 380 13.85 21.80 14.01
N GLU D 381 13.24 22.94 14.29
CA GLU D 381 12.99 23.93 13.28
C GLU D 381 14.33 24.51 12.89
N VAL D 382 15.08 24.96 13.89
CA VAL D 382 16.38 25.60 13.65
C VAL D 382 17.38 24.63 13.03
N LEU D 383 17.54 23.46 13.67
CA LEU D 383 18.41 22.45 13.15
C LEU D 383 18.12 22.11 11.69
N LEU D 384 16.86 21.83 11.35
CA LEU D 384 16.58 21.53 9.93
C LEU D 384 16.79 22.71 8.98
N GLN D 385 16.41 23.89 9.43
CA GLN D 385 16.57 25.05 8.55
C GLN D 385 18.06 25.45 8.32
N ARG D 386 18.88 25.30 9.37
CA ARG D 386 20.31 25.65 9.27
C ARG D 386 21.22 24.51 8.75
N LEU D 387 20.89 23.28 9.14
CA LEU D 387 21.77 22.15 8.85
C LEU D 387 20.99 21.02 8.17
N PRO D 388 20.27 21.35 7.08
CA PRO D 388 19.42 20.36 6.45
C PRO D 388 20.07 18.98 6.17
N GLY D 389 21.38 18.91 6.08
CA GLY D 389 22.02 17.67 5.72
C GLY D 389 22.64 17.06 6.95
N ILE D 390 22.33 17.57 8.14
CA ILE D 390 22.85 17.02 9.40
C ILE D 390 22.75 15.49 9.48
N ARG D 391 23.86 14.84 9.85
CA ARG D 391 23.88 13.38 9.95
C ARG D 391 25.08 12.96 10.79
N LEU D 392 25.13 11.69 11.18
CA LEU D 392 26.22 11.22 12.03
C LEU D 392 27.57 11.26 11.30
N GLY D 393 28.64 11.43 12.06
CA GLY D 393 29.99 11.44 11.52
C GLY D 393 30.77 10.23 11.99
N ILE D 394 30.11 9.34 12.72
CA ILE D 394 30.67 8.03 13.09
C ILE D 394 29.58 7.02 12.82
N PRO D 395 29.94 5.76 12.50
CA PRO D 395 28.86 4.81 12.25
C PRO D 395 27.93 4.73 13.47
N GLU D 396 26.63 4.57 13.22
CA GLU D 396 25.63 4.35 14.27
C GLU D 396 26.10 3.40 15.41
N THR D 397 26.83 2.34 15.04
CA THR D 397 27.14 1.25 15.98
C THR D 397 28.30 1.66 16.91
N GLN D 398 28.95 2.77 16.60
CA GLN D 398 30.04 3.26 17.41
C GLN D 398 29.60 4.33 18.40
N LEU D 399 28.35 4.79 18.31
CA LEU D 399 27.76 5.76 19.28
C LEU D 399 27.90 5.33 20.73
N ARG D 400 28.20 6.25 21.62
CA ARG D 400 28.28 5.90 23.04
C ARG D 400 26.99 6.30 23.79
N TRP D 401 26.38 5.37 24.53
CA TRP D 401 25.12 5.69 25.21
C TRP D 401 25.34 5.93 26.69
N SER D 402 24.50 6.79 27.26
CA SER D 402 24.59 7.13 28.66
C SER D 402 24.24 5.96 29.53
N GLU D 403 25.06 5.70 30.53
CA GLU D 403 24.76 4.68 31.52
C GLU D 403 24.40 5.38 32.81
N GLY D 404 23.87 6.60 32.70
CA GLY D 404 23.33 7.33 33.83
C GLY D 404 22.24 6.57 34.55
N MET D 405 21.52 5.74 33.81
CA MET D 405 20.44 4.93 34.35
C MET D 405 19.10 5.62 34.69
N LEU D 406 18.91 6.89 34.36
CA LEU D 406 17.52 7.42 34.45
C LEU D 406 16.88 7.45 33.08
N LEU D 407 17.62 8.00 32.12
CA LEU D 407 17.07 8.32 30.80
C LEU D 407 17.95 7.72 29.75
N ARG D 408 17.43 7.51 28.57
CA ARG D 408 18.26 6.86 27.62
C ARG D 408 18.56 7.83 26.50
N GLY D 409 19.84 8.05 26.19
CA GLY D 409 20.22 8.86 25.02
C GLY D 409 21.72 8.87 24.87
N PRO D 410 22.23 9.34 23.72
CA PRO D 410 23.68 9.35 23.41
C PRO D 410 24.47 10.24 24.37
N LEU D 411 25.68 9.84 24.75
CA LEU D 411 26.60 10.72 25.46
C LEU D 411 27.18 11.82 24.59
N GLU D 412 27.38 11.54 23.30
CA GLU D 412 28.05 12.40 22.33
C GLU D 412 27.31 12.11 21.06
N LEU D 413 27.07 13.14 20.27
CA LEU D 413 26.53 12.96 18.95
C LEU D 413 27.40 13.71 17.97
N PRO D 414 28.49 13.11 17.51
CA PRO D 414 29.32 13.81 16.54
C PRO D 414 28.49 13.97 15.28
N VAL D 415 28.29 15.20 14.80
CA VAL D 415 27.52 15.34 13.57
C VAL D 415 28.35 15.99 12.46
N VAL D 416 28.09 15.60 11.22
CA VAL D 416 28.49 16.41 10.11
C VAL D 416 27.29 16.98 9.39
N TRP D 417 27.53 17.92 8.51
CA TRP D 417 26.49 18.47 7.69
C TRP D 417 27.13 19.08 6.45
#